data_7EBF
#
_entry.id   7EBF
#
_cell.length_a   1.00
_cell.length_b   1.00
_cell.length_c   1.00
_cell.angle_alpha   90.00
_cell.angle_beta   90.00
_cell.angle_gamma   90.00
#
_symmetry.space_group_name_H-M   'P 1'
#
_entity_poly.entity_id   1
_entity_poly.type   'polypeptide(L)'
_entity_poly.pdbx_seq_one_letter_code
;HHHHHHMPYTPIDIQKEEADFQKEVAEIKKWWSEPRWRKTKRIYSAEDIAKKRGTLKINHPSSQQADKLFKLLEKHDADK
TVSFTFGALDPIHVAQMAKYLDSIYVSGWQCSSTASTSNEPSPDLADYPMDTVPNKVEHLWFAQLFHDRKQREERLTLSK
EERAKTPYIDFLRPIIADADTGHGGITAIIKLTKMFIERGAAGIHIEDQAPGTKKCGHMAGKVLVPVQEHINRLVAIRAS
ADIFGSNLLAVARTDSEAATLITSTIDHRDHYFIIGATNPEAGDLAALMAEAESKGIYGNELAAIESEWTKKAGLKLFHE
AVIDEIKNGNYSNKDALIKKFTDKVNPLSHTSHKEAKKLAKELTGKDIYFNWDVARAREGYYRYQGGTQCAVMRGRAFAP
YADLIWMESALPDYAQAKEFADGVKAAVPDQWLAYNLSPSFNWNKAMPADEQETYIKRLGKLGYVWQFITLAGLHTTALA
VDDFSNQYSQIGMKAYGQTVQQPEIEKGVEVVKHQKWSGATYIDGLLKMVSGGVTSTAAMGQGVTEDQFKESKAKA
;
_entity_poly.pdbx_strand_id   A,B,C,D
#
# COMPACT_ATOMS: atom_id res chain seq x y z
N ILE A 14 0.92 -12.99 38.64
CA ILE A 14 1.97 -12.18 39.23
C ILE A 14 3.28 -12.98 39.30
N GLN A 15 3.23 -14.09 40.03
CA GLN A 15 4.42 -14.92 40.17
C GLN A 15 4.89 -15.49 38.84
N LYS A 16 3.94 -15.95 38.02
CA LYS A 16 4.32 -16.45 36.69
C LYS A 16 4.87 -15.34 35.82
N GLU A 17 4.34 -14.13 35.96
CA GLU A 17 4.84 -13.00 35.18
C GLU A 17 6.30 -12.70 35.50
N GLU A 18 6.63 -12.63 36.80
CA GLU A 18 8.01 -12.41 37.19
C GLU A 18 8.89 -13.58 36.78
N ALA A 19 8.37 -14.80 36.88
CA ALA A 19 9.14 -15.97 36.48
C ALA A 19 9.51 -15.92 34.99
N ASP A 20 8.53 -15.62 34.13
CA ASP A 20 8.82 -15.55 32.71
C ASP A 20 9.69 -14.36 32.36
N PHE A 21 9.53 -13.24 33.08
CA PHE A 21 10.42 -12.09 32.86
C PHE A 21 11.87 -12.45 33.20
N GLN A 22 12.08 -13.13 34.33
CA GLN A 22 13.43 -13.53 34.69
C GLN A 22 13.99 -14.55 33.71
N LYS A 23 13.16 -15.48 33.24
CA LYS A 23 13.61 -16.43 32.24
C LYS A 23 13.98 -15.73 30.94
N GLU A 24 13.22 -14.71 30.55
CA GLU A 24 13.55 -13.94 29.35
C GLU A 24 14.86 -13.19 29.52
N VAL A 25 15.09 -12.61 30.71
CA VAL A 25 16.36 -11.93 30.97
C VAL A 25 17.51 -12.92 30.87
N ALA A 26 17.33 -14.12 31.44
CA ALA A 26 18.38 -15.13 31.40
C ALA A 26 18.65 -15.57 29.97
N GLU A 27 17.60 -15.76 29.17
CA GLU A 27 17.80 -16.20 27.79
C GLU A 27 18.43 -15.09 26.94
N ILE A 28 18.14 -13.82 27.25
CA ILE A 28 18.80 -12.73 26.56
C ILE A 28 20.28 -12.68 26.92
N LYS A 29 20.60 -12.86 28.22
CA LYS A 29 22.00 -12.87 28.63
C LYS A 29 22.76 -14.02 28.00
N LYS A 30 22.14 -15.20 27.92
CA LYS A 30 22.77 -16.32 27.23
C LYS A 30 22.91 -16.02 25.74
N TRP A 31 21.92 -15.38 25.14
CA TRP A 31 21.98 -15.02 23.73
C TRP A 31 23.15 -14.08 23.44
N TRP A 32 23.57 -13.30 24.42
CA TRP A 32 24.67 -12.36 24.25
C TRP A 32 26.03 -12.98 24.56
N SER A 33 26.07 -14.30 24.79
CA SER A 33 27.32 -14.97 25.14
C SER A 33 27.94 -15.74 23.98
N GLU A 34 27.18 -16.03 22.93
CA GLU A 34 27.72 -16.77 21.80
C GLU A 34 28.69 -15.90 21.01
N PRO A 35 29.57 -16.53 20.20
CA PRO A 35 30.58 -15.75 19.45
C PRO A 35 29.99 -14.73 18.47
N ARG A 36 28.66 -14.72 18.31
CA ARG A 36 28.03 -13.72 17.47
C ARG A 36 28.29 -12.32 18.00
N TRP A 37 28.19 -12.13 19.32
CA TRP A 37 28.39 -10.83 19.95
C TRP A 37 29.75 -10.74 20.63
N ARG A 38 30.78 -11.32 20.03
CA ARG A 38 32.11 -11.31 20.64
C ARG A 38 32.68 -9.90 20.71
N LYS A 39 32.30 -9.02 19.78
CA LYS A 39 32.84 -7.67 19.73
C LYS A 39 31.73 -6.63 19.63
N THR A 40 30.56 -6.93 20.19
CA THR A 40 29.42 -6.03 20.16
C THR A 40 29.33 -5.29 21.49
N LYS A 41 29.31 -3.96 21.42
CA LYS A 41 29.20 -3.12 22.61
C LYS A 41 27.76 -2.66 22.77
N ARG A 42 27.15 -3.00 23.90
CA ARG A 42 25.77 -2.65 24.20
C ARG A 42 25.74 -1.70 25.39
N ILE A 43 25.03 -0.58 25.25
CA ILE A 43 24.85 0.35 26.35
C ILE A 43 23.61 0.03 27.18
N TYR A 44 22.72 -0.82 26.68
CA TYR A 44 21.51 -1.20 27.39
C TYR A 44 21.71 -2.53 28.11
N SER A 45 21.05 -2.68 29.24
CA SER A 45 21.09 -3.92 30.00
C SER A 45 20.09 -4.92 29.42
N ALA A 46 20.29 -6.19 29.78
CA ALA A 46 19.35 -7.23 29.36
C ALA A 46 17.96 -6.99 29.95
N GLU A 47 17.91 -6.37 31.13
CA GLU A 47 16.62 -6.06 31.74
C GLU A 47 15.82 -5.08 30.88
N ASP A 48 16.49 -4.06 30.33
CA ASP A 48 15.80 -3.10 29.47
C ASP A 48 15.28 -3.78 28.21
N ILE A 49 16.09 -4.64 27.60
CA ILE A 49 15.66 -5.34 26.39
C ILE A 49 14.49 -6.25 26.70
N ALA A 50 14.53 -6.96 27.82
CA ALA A 50 13.43 -7.83 28.20
C ALA A 50 12.15 -7.04 28.48
N LYS A 51 12.26 -5.90 29.14
CA LYS A 51 11.10 -5.05 29.38
C LYS A 51 10.53 -4.46 28.10
N LYS A 52 11.37 -4.18 27.11
CA LYS A 52 10.89 -3.68 25.83
C LYS A 52 10.14 -4.74 25.03
N ARG A 53 10.35 -6.01 25.31
CA ARG A 53 9.68 -7.08 24.58
C ARG A 53 8.25 -7.26 25.09
N GLY A 54 7.43 -7.90 24.26
CA GLY A 54 6.05 -8.18 24.60
C GLY A 54 5.87 -9.55 25.23
N THR A 55 4.61 -9.90 25.46
CA THR A 55 4.27 -11.19 26.05
C THR A 55 4.23 -12.32 25.03
N LEU A 56 4.31 -12.02 23.74
CA LEU A 56 4.30 -13.02 22.68
C LEU A 56 5.66 -13.00 22.00
N LYS A 57 6.42 -14.07 22.19
CA LYS A 57 7.73 -14.18 21.55
C LYS A 57 7.55 -14.47 20.06
N ILE A 58 8.05 -13.56 19.22
CA ILE A 58 7.93 -13.68 17.78
C ILE A 58 9.32 -13.90 17.19
N ASN A 59 9.46 -14.95 16.40
CA ASN A 59 10.70 -15.28 15.73
C ASN A 59 10.62 -14.89 14.26
N HIS A 60 11.72 -14.35 13.73
CA HIS A 60 11.74 -13.92 12.35
C HIS A 60 12.76 -14.74 11.55
N PRO A 61 12.39 -15.17 10.33
CA PRO A 61 13.39 -15.82 9.48
C PRO A 61 14.55 -14.92 9.10
N SER A 62 14.36 -13.60 9.20
CA SER A 62 15.47 -12.67 8.98
C SER A 62 16.60 -12.91 9.98
N SER A 63 16.28 -13.38 11.18
CA SER A 63 17.32 -13.74 12.14
C SER A 63 18.16 -14.90 11.62
N GLN A 64 17.51 -15.91 11.04
CA GLN A 64 18.26 -17.01 10.44
C GLN A 64 19.10 -16.55 9.25
N GLN A 65 18.55 -15.64 8.44
CA GLN A 65 19.32 -15.08 7.34
C GLN A 65 20.52 -14.30 7.84
N ALA A 66 20.35 -13.56 8.94
CA ALA A 66 21.47 -12.83 9.53
C ALA A 66 22.53 -13.78 10.07
N ASP A 67 22.10 -14.90 10.67
CA ASP A 67 23.06 -15.91 11.11
C ASP A 67 23.83 -16.47 9.93
N LYS A 68 23.13 -16.75 8.82
CA LYS A 68 23.79 -17.26 7.62
C LYS A 68 24.80 -16.25 7.10
N LEU A 69 24.42 -14.97 7.06
CA LEU A 69 25.33 -13.93 6.59
C LEU A 69 26.54 -13.79 7.49
N PHE A 70 26.32 -13.87 8.82
CA PHE A 70 27.44 -13.78 9.75
C PHE A 70 28.40 -14.94 9.59
N LYS A 71 27.87 -16.15 9.42
CA LYS A 71 28.73 -17.32 9.19
C LYS A 71 29.50 -17.17 7.88
N LEU A 72 28.83 -16.69 6.83
CA LEU A 72 29.50 -16.48 5.55
C LEU A 72 30.63 -15.47 5.68
N LEU A 73 30.39 -14.36 6.38
CA LEU A 73 31.42 -13.35 6.58
C LEU A 73 32.57 -13.89 7.43
N GLU A 74 32.25 -14.70 8.44
CA GLU A 74 33.30 -15.35 9.22
C GLU A 74 34.18 -16.22 8.35
N LYS A 75 33.56 -17.03 7.48
CA LYS A 75 34.32 -17.90 6.60
C LYS A 75 35.19 -17.10 5.64
N HIS A 76 34.65 -16.02 5.08
CA HIS A 76 35.41 -15.20 4.15
C HIS A 76 36.57 -14.49 4.86
N ASP A 77 36.33 -14.02 6.09
CA ASP A 77 37.40 -13.37 6.84
C ASP A 77 38.50 -14.36 7.21
N ALA A 78 38.13 -15.58 7.58
CA ALA A 78 39.13 -16.60 7.86
C ALA A 78 39.91 -16.96 6.61
N ASP A 79 39.24 -17.04 5.47
CA ASP A 79 39.87 -17.40 4.20
C ASP A 79 40.44 -16.19 3.46
N LYS A 80 40.28 -14.98 4.00
CA LYS A 80 40.76 -13.76 3.36
C LYS A 80 40.21 -13.62 1.94
N THR A 81 38.93 -13.93 1.76
CA THR A 81 38.27 -13.90 0.47
C THR A 81 37.14 -12.89 0.49
N VAL A 82 36.84 -12.35 -0.68
CA VAL A 82 35.82 -11.32 -0.83
C VAL A 82 34.46 -11.97 -1.05
N SER A 83 33.43 -11.37 -0.46
CA SER A 83 32.04 -11.77 -0.69
C SER A 83 31.46 -10.82 -1.73
N PHE A 84 31.30 -11.30 -2.95
CA PHE A 84 30.79 -10.45 -4.02
C PHE A 84 29.31 -10.14 -3.81
N THR A 85 28.93 -8.93 -4.18
CA THR A 85 27.57 -8.44 -3.98
C THR A 85 27.18 -7.59 -5.18
N PHE A 86 25.91 -7.22 -5.25
CA PHE A 86 25.43 -6.33 -6.29
C PHE A 86 24.16 -5.65 -5.81
N GLY A 87 23.88 -4.48 -6.37
CA GLY A 87 22.71 -3.71 -6.00
C GLY A 87 21.40 -4.37 -6.37
N HIS A 93 15.33 -10.05 -10.86
CA HIS A 93 15.98 -11.28 -11.30
C HIS A 93 16.64 -12.01 -10.14
N VAL A 94 15.91 -12.95 -9.53
CA VAL A 94 16.47 -13.74 -8.45
C VAL A 94 17.17 -15.00 -8.95
N ALA A 95 16.89 -15.43 -10.18
CA ALA A 95 17.48 -16.64 -10.74
C ALA A 95 18.99 -16.56 -10.80
N GLN A 96 19.52 -15.46 -11.35
CA GLN A 96 20.96 -15.27 -11.47
C GLN A 96 21.54 -14.46 -10.32
N MET A 97 20.72 -14.06 -9.36
CA MET A 97 21.19 -13.35 -8.18
C MET A 97 21.68 -14.31 -7.10
N ALA A 98 21.54 -15.62 -7.32
CA ALA A 98 22.06 -16.62 -6.39
C ALA A 98 23.13 -17.51 -6.99
N LYS A 99 23.31 -17.51 -8.32
CA LYS A 99 24.37 -18.29 -8.95
C LYS A 99 25.72 -17.60 -8.77
N TYR A 100 25.74 -16.28 -8.78
CA TYR A 100 26.98 -15.50 -8.80
C TYR A 100 27.19 -14.63 -7.58
N LEU A 101 26.24 -14.57 -6.65
CA LEU A 101 26.31 -13.67 -5.51
C LEU A 101 26.13 -14.45 -4.22
N ASP A 102 26.67 -13.87 -3.14
CA ASP A 102 26.44 -14.39 -1.79
C ASP A 102 25.44 -13.55 -1.00
N SER A 103 25.21 -12.32 -1.40
CA SER A 103 24.28 -11.43 -0.71
C SER A 103 23.78 -10.40 -1.72
N ILE A 104 22.71 -9.71 -1.35
CA ILE A 104 22.13 -8.65 -2.17
C ILE A 104 21.99 -7.40 -1.30
N TYR A 105 22.49 -6.28 -1.80
CA TYR A 105 22.35 -4.99 -1.14
C TYR A 105 21.23 -4.22 -1.83
N VAL A 106 20.29 -3.71 -1.03
CA VAL A 106 19.11 -3.02 -1.53
C VAL A 106 19.16 -1.57 -1.08
N SER A 107 19.07 -0.66 -2.05
CA SER A 107 19.10 0.77 -1.76
C SER A 107 18.29 1.51 -2.82
N GLY A 108 17.90 2.73 -2.49
CA GLY A 108 17.14 3.56 -3.40
C GLY A 108 18.01 4.52 -4.19
N THR A 132 9.54 2.41 0.79
CA THR A 132 10.26 2.27 -0.47
C THR A 132 11.28 1.14 -0.39
N VAL A 133 12.40 1.41 0.27
CA VAL A 133 13.41 0.37 0.49
C VAL A 133 12.86 -0.80 1.30
N PRO A 134 12.08 -0.59 2.38
CA PRO A 134 11.44 -1.75 3.03
C PRO A 134 10.53 -2.51 2.09
N ASN A 135 9.82 -1.82 1.19
CA ASN A 135 8.98 -2.50 0.22
C ASN A 135 9.82 -3.34 -0.73
N LYS A 136 10.95 -2.81 -1.19
CA LYS A 136 11.84 -3.57 -2.05
C LYS A 136 12.37 -4.81 -1.33
N VAL A 137 12.75 -4.65 -0.06
CA VAL A 137 13.26 -5.78 0.71
C VAL A 137 12.19 -6.85 0.87
N GLU A 138 10.96 -6.44 1.18
CA GLU A 138 9.88 -7.41 1.36
C GLU A 138 9.56 -8.12 0.05
N HIS A 139 9.53 -7.37 -1.06
CA HIS A 139 9.26 -7.99 -2.35
C HIS A 139 10.35 -8.99 -2.73
N LEU A 140 11.61 -8.62 -2.52
CA LEU A 140 12.71 -9.53 -2.83
C LEU A 140 12.68 -10.75 -1.92
N TRP A 141 12.35 -10.57 -0.64
CA TRP A 141 12.25 -11.68 0.29
C TRP A 141 11.14 -12.65 -0.13
N PHE A 142 9.99 -12.10 -0.52
CA PHE A 142 8.90 -12.95 -0.99
C PHE A 142 9.27 -13.68 -2.27
N ALA A 143 9.97 -13.00 -3.19
CA ALA A 143 10.41 -13.66 -4.41
C ALA A 143 11.39 -14.80 -4.12
N GLN A 144 12.33 -14.57 -3.20
CA GLN A 144 13.28 -15.61 -2.82
C GLN A 144 12.57 -16.79 -2.18
N LEU A 145 11.61 -16.53 -1.29
CA LEU A 145 10.87 -17.62 -0.66
C LEU A 145 10.07 -18.39 -1.71
N PHE A 146 9.44 -17.69 -2.63
CA PHE A 146 8.65 -18.36 -3.68
C PHE A 146 9.54 -19.23 -4.56
N HIS A 147 10.70 -18.72 -4.97
CA HIS A 147 11.58 -19.51 -5.81
C HIS A 147 12.17 -20.71 -5.06
N ASP A 148 12.49 -20.54 -3.78
CA ASP A 148 12.95 -21.66 -2.99
C ASP A 148 11.86 -22.72 -2.85
N ARG A 149 10.62 -22.28 -2.62
CA ARG A 149 9.50 -23.21 -2.52
C ARG A 149 9.31 -23.98 -3.83
N LYS A 150 9.36 -23.27 -4.96
CA LYS A 150 9.20 -23.91 -6.25
C LYS A 150 10.32 -24.90 -6.53
N GLN A 151 11.56 -24.53 -6.20
CA GLN A 151 12.68 -25.44 -6.41
C GLN A 151 12.54 -26.70 -5.56
N ARG A 152 12.13 -26.55 -4.30
CA ARG A 152 11.98 -27.71 -3.45
C ARG A 152 10.83 -28.59 -3.92
N GLU A 153 9.74 -27.98 -4.40
CA GLU A 153 8.65 -28.77 -4.96
C GLU A 153 9.11 -29.56 -6.17
N GLU A 154 9.89 -28.93 -7.06
CA GLU A 154 10.37 -29.64 -8.24
C GLU A 154 11.33 -30.76 -7.87
N ARG A 155 12.20 -30.52 -6.88
CA ARG A 155 13.20 -31.53 -6.54
C ARG A 155 12.59 -32.70 -5.78
N LEU A 156 11.68 -32.43 -4.84
CA LEU A 156 11.14 -33.51 -4.01
C LEU A 156 10.25 -34.45 -4.80
N THR A 157 9.56 -33.94 -5.84
CA THR A 157 8.78 -34.81 -6.70
C THR A 157 9.64 -35.73 -7.56
N LEU A 158 10.94 -35.49 -7.62
CA LEU A 158 11.87 -36.31 -8.40
C LEU A 158 12.66 -37.18 -7.45
N SER A 159 12.67 -38.49 -7.71
CA SER A 159 13.39 -39.43 -6.86
C SER A 159 14.42 -40.22 -7.64
N GLU A 161 17.79 -40.13 -8.09
CA GLU A 161 18.81 -40.28 -9.12
C GLU A 161 18.88 -39.05 -10.00
N GLU A 162 17.73 -38.63 -10.53
CA GLU A 162 17.69 -37.47 -11.41
C GLU A 162 17.91 -36.16 -10.65
N ARG A 163 17.83 -36.19 -9.31
CA ARG A 163 18.13 -34.99 -8.53
C ARG A 163 19.60 -34.62 -8.60
N ALA A 164 20.49 -35.61 -8.68
CA ALA A 164 21.92 -35.33 -8.74
C ALA A 164 22.26 -34.54 -10.00
N LYS A 165 21.65 -34.90 -11.14
CA LYS A 165 21.89 -34.14 -12.36
C LYS A 165 21.31 -32.74 -12.29
N THR A 166 20.18 -32.57 -11.61
CA THR A 166 19.53 -31.27 -11.51
C THR A 166 20.32 -30.36 -10.58
N PRO A 167 20.73 -29.17 -11.04
CA PRO A 167 21.48 -28.26 -10.16
C PRO A 167 20.60 -27.68 -9.07
N TYR A 168 21.25 -27.30 -7.97
CA TYR A 168 20.60 -26.69 -6.82
C TYR A 168 20.96 -25.23 -6.74
N ILE A 169 19.96 -24.37 -6.57
CA ILE A 169 20.15 -22.93 -6.48
C ILE A 169 19.65 -22.48 -5.11
N ASP A 170 20.53 -21.84 -4.34
CA ASP A 170 20.18 -21.33 -3.01
C ASP A 170 19.66 -19.91 -3.17
N PHE A 171 18.35 -19.79 -3.38
CA PHE A 171 17.73 -18.49 -3.54
C PHE A 171 17.75 -17.65 -2.27
N LEU A 172 17.92 -18.30 -1.11
CA LEU A 172 17.88 -17.60 0.18
C LEU A 172 19.21 -16.88 0.41
N ARG A 173 19.41 -15.82 -0.36
CA ARG A 173 20.59 -14.98 -0.21
C ARG A 173 20.33 -13.88 0.82
N PRO A 174 21.21 -13.70 1.80
CA PRO A 174 21.00 -12.64 2.80
C PRO A 174 20.92 -11.27 2.14
N ILE A 175 20.06 -10.42 2.68
CA ILE A 175 19.74 -9.13 2.09
C ILE A 175 20.25 -8.03 3.01
N ILE A 176 21.00 -7.09 2.44
CA ILE A 176 21.46 -5.89 3.15
C ILE A 176 20.53 -4.74 2.77
N ALA A 177 19.91 -4.13 3.78
CA ALA A 177 18.95 -3.07 3.57
C ALA A 177 19.56 -1.72 3.92
N ASP A 178 19.36 -0.74 3.03
CA ASP A 178 19.86 0.62 3.26
C ASP A 178 18.81 1.40 4.03
N ALA A 179 19.13 1.77 5.27
CA ALA A 179 18.20 2.49 6.13
C ALA A 179 18.44 3.99 6.01
N ASP A 180 18.04 4.54 4.86
CA ASP A 180 18.17 5.96 4.59
C ASP A 180 16.82 6.65 4.43
N THR A 181 15.74 6.01 4.86
CA THR A 181 14.40 6.58 4.76
C THR A 181 13.89 7.13 6.09
N GLY A 182 14.71 7.14 7.13
CA GLY A 182 14.30 7.70 8.40
C GLY A 182 14.31 9.22 8.40
N HIS A 183 15.50 9.79 8.25
CA HIS A 183 15.77 11.22 8.09
C HIS A 183 15.50 12.04 9.35
N GLY A 184 14.97 11.45 10.42
CA GLY A 184 14.72 12.21 11.62
C GLY A 184 14.84 11.42 12.91
N GLY A 185 15.70 11.89 13.81
CA GLY A 185 15.77 11.39 15.17
C GLY A 185 16.15 9.93 15.30
N ILE A 186 15.77 9.36 16.43
CA ILE A 186 16.09 7.98 16.77
C ILE A 186 14.89 7.05 16.64
N THR A 187 13.67 7.54 16.91
CA THR A 187 12.50 6.69 16.77
C THR A 187 12.33 6.19 15.34
N ALA A 188 12.66 7.03 14.36
CA ALA A 188 12.52 6.63 12.97
C ALA A 188 13.44 5.46 12.63
N ILE A 189 14.69 5.50 13.10
CA ILE A 189 15.60 4.39 12.80
C ILE A 189 15.19 3.14 13.56
N ILE A 190 14.60 3.30 14.75
CA ILE A 190 14.09 2.15 15.49
C ILE A 190 12.97 1.46 14.70
N LYS A 191 11.99 2.25 14.24
CA LYS A 191 10.90 1.68 13.47
C LYS A 191 11.38 1.11 12.14
N LEU A 192 12.37 1.75 11.52
CA LEU A 192 12.92 1.24 10.27
C LEU A 192 13.61 -0.10 10.49
N THR A 193 14.35 -0.23 11.59
CA THR A 193 14.97 -1.51 11.92
C THR A 193 13.92 -2.58 12.18
N LYS A 194 12.85 -2.23 12.88
CA LYS A 194 11.76 -3.19 13.10
C LYS A 194 11.18 -3.65 11.77
N MET A 195 10.91 -2.70 10.86
CA MET A 195 10.35 -3.03 9.56
C MET A 195 11.29 -3.91 8.75
N PHE A 196 12.58 -3.59 8.75
CA PHE A 196 13.55 -4.38 8.00
C PHE A 196 13.64 -5.80 8.55
N ILE A 197 13.64 -5.95 9.88
CA ILE A 197 13.69 -7.28 10.47
C ILE A 197 12.43 -8.06 10.11
N GLU A 198 11.26 -7.42 10.17
CA GLU A 198 10.02 -8.12 9.84
C GLU A 198 9.95 -8.51 8.38
N ARG A 199 10.63 -7.78 7.49
CA ARG A 199 10.53 -8.01 6.06
C ARG A 199 11.71 -8.81 5.49
N GLY A 200 12.48 -9.47 6.36
CA GLY A 200 13.48 -10.42 5.91
C GLY A 200 14.87 -9.89 5.69
N ALA A 201 15.17 -8.67 6.13
CA ALA A 201 16.51 -8.14 5.96
C ALA A 201 17.48 -8.80 6.92
N ALA A 202 18.60 -9.27 6.40
CA ALA A 202 19.65 -9.86 7.22
C ALA A 202 20.68 -8.85 7.70
N GLY A 203 20.70 -7.66 7.13
CA GLY A 203 21.63 -6.63 7.55
C GLY A 203 21.09 -5.26 7.21
N ILE A 204 21.47 -4.27 8.01
CA ILE A 204 21.02 -2.89 7.85
C ILE A 204 22.24 -2.01 7.68
N HIS A 205 22.21 -1.15 6.66
CA HIS A 205 23.29 -0.22 6.38
C HIS A 205 22.82 1.21 6.61
N ILE A 206 23.63 1.99 7.33
CA ILE A 206 23.38 3.42 7.52
C ILE A 206 24.67 4.18 7.26
N GLU A 207 24.51 5.46 6.94
CA GLU A 207 25.63 6.34 6.65
C GLU A 207 25.69 7.45 7.68
N ASP A 208 26.87 8.04 7.84
CA ASP A 208 27.04 9.23 8.67
C ASP A 208 26.78 10.52 7.91
N GLN A 209 26.34 10.41 6.65
CA GLN A 209 25.94 11.59 5.90
C GLN A 209 24.69 12.23 6.51
N ALA A 210 24.61 13.54 6.42
CA ALA A 210 23.49 14.26 7.02
C ALA A 210 22.18 13.89 6.33
N PRO A 211 21.12 13.60 7.09
CA PRO A 211 19.85 13.25 6.45
C PRO A 211 19.27 14.43 5.67
N GLY A 212 18.66 14.11 4.54
CA GLY A 212 18.05 15.14 3.70
C GLY A 212 19.05 16.13 3.15
N THR A 213 20.23 15.67 2.73
CA THR A 213 21.24 16.54 2.17
C THR A 213 21.87 16.01 0.89
N LYS A 214 21.44 14.84 0.41
CA LYS A 214 22.00 14.30 -0.83
C LYS A 214 21.63 15.18 -2.02
N LYS A 215 22.61 15.42 -2.89
CA LYS A 215 22.42 16.30 -4.03
C LYS A 215 22.84 15.57 -5.31
N CYS A 216 22.20 15.97 -6.41
CA CYS A 216 22.51 15.38 -7.72
C CYS A 216 23.79 15.98 -8.29
N MET A 219 27.59 17.28 -7.50
CA MET A 219 27.36 17.38 -6.07
C MET A 219 28.49 18.13 -5.39
N ALA A 220 28.14 19.19 -4.64
CA ALA A 220 29.13 20.05 -4.00
C ALA A 220 29.51 19.52 -2.61
N GLY A 221 29.94 18.26 -2.59
CA GLY A 221 30.39 17.65 -1.37
C GLY A 221 29.28 17.17 -0.45
N LYS A 222 29.57 16.14 0.34
CA LYS A 222 28.60 15.58 1.27
C LYS A 222 28.66 16.29 2.61
N VAL A 223 27.56 16.23 3.35
CA VAL A 223 27.44 16.82 4.67
C VAL A 223 27.39 15.70 5.69
N LEU A 224 28.27 15.75 6.69
CA LEU A 224 28.35 14.73 7.71
C LEU A 224 27.59 15.12 8.96
N VAL A 225 27.29 14.12 9.77
CA VAL A 225 26.77 14.32 11.12
C VAL A 225 27.94 14.10 12.08
N PRO A 226 27.87 14.59 13.32
CA PRO A 226 28.93 14.26 14.28
C PRO A 226 29.03 12.76 14.49
N VAL A 227 30.23 12.33 14.90
CA VAL A 227 30.49 10.90 15.10
C VAL A 227 29.51 10.31 16.09
N GLN A 228 29.21 11.05 17.17
CA GLN A 228 28.30 10.54 18.19
C GLN A 228 26.89 10.33 17.65
N GLU A 229 26.46 11.14 16.69
CA GLU A 229 25.13 10.96 16.11
C GLU A 229 25.03 9.61 15.38
N HIS A 230 26.05 9.29 14.57
CA HIS A 230 26.05 8.00 13.88
C HIS A 230 26.19 6.85 14.87
N ILE A 231 27.00 7.04 15.92
CA ILE A 231 27.11 6.02 16.95
C ILE A 231 25.76 5.78 17.63
N ASN A 232 25.01 6.85 17.89
CA ASN A 232 23.69 6.71 18.48
C ASN A 232 22.74 5.98 17.54
N ARG A 233 22.82 6.27 16.24
CA ARG A 233 21.99 5.54 15.28
C ARG A 233 22.34 4.05 15.27
N LEU A 234 23.63 3.73 15.31
CA LEU A 234 24.04 2.32 15.36
C LEU A 234 23.55 1.64 16.64
N VAL A 235 23.64 2.34 17.77
CA VAL A 235 23.17 1.80 19.04
C VAL A 235 21.66 1.58 19.00
N ALA A 236 20.94 2.51 18.38
CA ALA A 236 19.49 2.33 18.23
C ALA A 236 19.18 1.11 17.37
N ILE A 237 19.93 0.91 16.29
CA ILE A 237 19.72 -0.27 15.45
C ILE A 237 19.96 -1.55 16.25
N ARG A 238 21.06 -1.58 17.01
CA ARG A 238 21.35 -2.78 17.81
C ARG A 238 20.30 -3.02 18.87
N ALA A 239 19.82 -1.95 19.51
CA ALA A 239 18.78 -2.08 20.53
C ALA A 239 17.49 -2.59 19.93
N SER A 240 17.12 -2.09 18.75
CA SER A 240 15.92 -2.57 18.07
C SER A 240 16.06 -4.04 17.71
N ALA A 241 17.24 -4.44 17.21
CA ALA A 241 17.46 -5.85 16.90
C ALA A 241 17.36 -6.73 18.15
N ASP A 242 17.90 -6.25 19.27
CA ASP A 242 17.80 -7.00 20.52
C ASP A 242 16.34 -7.11 20.98
N ILE A 243 15.58 -6.03 20.83
CA ILE A 243 14.16 -6.05 21.20
C ILE A 243 13.42 -7.07 20.36
N PHE A 244 13.65 -7.08 19.05
CA PHE A 244 13.04 -8.06 18.18
C PHE A 244 13.68 -9.43 18.28
N GLY A 245 14.78 -9.56 19.02
CA GLY A 245 15.44 -10.84 19.17
C GLY A 245 16.05 -11.37 17.89
N SER A 246 16.70 -10.50 17.11
CA SER A 246 17.29 -10.88 15.84
C SER A 246 18.80 -10.69 15.89
N ASN A 247 19.51 -11.52 15.13
CA ASN A 247 20.95 -11.42 14.97
C ASN A 247 21.34 -10.52 13.81
N LEU A 248 20.50 -9.54 13.50
CA LEU A 248 20.70 -8.66 12.36
C LEU A 248 22.04 -7.95 12.43
N LEU A 249 22.77 -7.95 11.32
CA LEU A 249 24.06 -7.29 11.26
C LEU A 249 23.89 -5.79 11.03
N ALA A 250 24.72 -5.00 11.69
CA ALA A 250 24.75 -3.56 11.50
C ALA A 250 25.95 -3.20 10.62
N VAL A 251 25.67 -2.50 9.52
CA VAL A 251 26.71 -2.07 8.58
C VAL A 251 26.75 -0.55 8.61
N ALA A 252 27.92 0.00 8.90
CA ALA A 252 28.12 1.44 8.99
C ALA A 252 29.06 1.89 7.88
N ARG A 253 28.61 2.86 7.09
CA ARG A 253 29.41 3.45 6.03
C ARG A 253 29.76 4.89 6.40
N THR A 254 31.04 5.22 6.27
CA THR A 254 31.53 6.58 6.50
C THR A 254 31.78 7.26 5.17
N ASP A 255 31.22 8.45 5.00
CA ASP A 255 31.36 9.23 3.77
C ASP A 255 32.30 10.43 3.96
N SER A 256 33.19 10.36 4.94
CA SER A 256 34.02 11.51 5.30
C SER A 256 35.09 11.81 4.27
N GLU A 257 35.50 10.83 3.46
CA GLU A 257 36.59 11.07 2.51
C GLU A 257 36.21 12.13 1.48
N ALA A 258 34.99 12.06 0.95
CA ALA A 258 34.52 13.02 -0.04
C ALA A 258 33.67 14.12 0.56
N ALA A 259 33.44 14.11 1.86
CA ALA A 259 32.58 15.10 2.49
C ALA A 259 33.28 16.43 2.64
N THR A 260 32.50 17.51 2.54
CA THR A 260 33.03 18.86 2.69
C THR A 260 32.32 19.68 3.75
N LEU A 261 31.23 19.17 4.34
CA LEU A 261 30.46 19.92 5.33
C LEU A 261 30.13 18.99 6.50
N ILE A 262 29.91 19.59 7.66
CA ILE A 262 29.48 18.87 8.85
C ILE A 262 28.38 19.68 9.52
N THR A 263 27.37 18.97 10.04
CA THR A 263 26.22 19.66 10.61
C THR A 263 26.57 20.41 11.89
N SER A 264 27.41 19.81 12.73
CA SER A 264 27.69 20.39 14.04
C SER A 264 29.14 20.13 14.42
N THR A 265 29.64 20.96 15.34
CA THR A 265 30.97 20.83 15.90
C THR A 265 30.95 20.28 17.32
N ILE A 266 29.85 19.64 17.72
CA ILE A 266 29.67 19.24 19.10
C ILE A 266 30.59 18.11 19.51
N ASP A 267 31.08 17.32 18.56
CA ASP A 267 31.92 16.17 18.85
C ASP A 267 33.38 16.55 18.75
N HIS A 268 34.14 16.27 19.80
CA HIS A 268 35.56 16.61 19.81
C HIS A 268 36.33 15.87 18.73
N ARG A 269 35.92 14.63 18.43
CA ARG A 269 36.63 13.82 17.45
C ARG A 269 36.60 14.45 16.07
N ASP A 270 35.61 15.30 15.78
CA ASP A 270 35.53 16.01 14.52
C ASP A 270 36.29 17.32 14.52
N HIS A 271 36.67 17.83 15.70
CA HIS A 271 37.24 19.17 15.79
C HIS A 271 38.53 19.30 14.99
N TYR A 272 39.26 18.20 14.80
CA TYR A 272 40.50 18.25 14.04
C TYR A 272 40.25 18.56 12.57
N PHE A 273 39.11 18.14 12.03
CA PHE A 273 38.85 18.20 10.59
C PHE A 273 37.94 19.35 10.20
N ILE A 274 37.68 20.29 11.10
CA ILE A 274 36.78 21.40 10.82
C ILE A 274 37.59 22.57 10.26
N ILE A 275 37.14 23.10 9.14
CA ILE A 275 37.84 24.18 8.44
C ILE A 275 37.39 25.52 9.01
N GLY A 276 38.36 26.38 9.35
CA GLY A 276 38.06 27.71 9.84
C GLY A 276 38.88 28.75 9.11
N ALA A 277 38.53 30.00 9.35
CA ALA A 277 39.19 31.14 8.71
C ALA A 277 40.25 31.71 9.64
N THR A 278 41.44 31.93 9.10
CA THR A 278 42.55 32.51 9.85
C THR A 278 42.66 34.01 9.69
N ASN A 279 41.72 34.65 8.99
CA ASN A 279 41.75 36.09 8.80
C ASN A 279 40.74 36.74 9.73
N PRO A 280 41.18 37.47 10.75
CA PRO A 280 40.21 38.10 11.68
C PRO A 280 39.32 39.14 11.02
N GLU A 281 39.69 39.68 9.86
CA GLU A 281 38.94 40.74 9.22
C GLU A 281 37.89 40.23 8.24
N ALA A 282 37.67 38.93 8.17
CA ALA A 282 36.72 38.33 7.24
C ALA A 282 35.38 38.11 7.95
N GLY A 283 34.31 38.62 7.35
CA GLY A 283 32.98 38.43 7.88
C GLY A 283 32.37 37.10 7.50
N ASP A 284 31.16 36.88 7.98
CA ASP A 284 30.47 35.62 7.73
C ASP A 284 30.07 35.53 6.26
N LEU A 285 30.27 34.34 5.67
CA LEU A 285 29.89 34.13 4.28
C LEU A 285 28.37 34.23 4.10
N ALA A 286 27.62 33.60 5.00
CA ALA A 286 26.16 33.58 4.88
C ALA A 286 25.59 34.99 4.98
N ALA A 287 26.09 35.77 5.95
CA ALA A 287 25.65 37.15 6.08
C ALA A 287 26.02 37.98 4.86
N LEU A 288 27.23 37.77 4.32
CA LEU A 288 27.67 38.50 3.14
C LEU A 288 26.78 38.21 1.95
N MET A 289 26.40 36.94 1.77
CA MET A 289 25.53 36.58 0.65
C MET A 289 24.09 37.02 0.89
N ALA A 290 23.67 37.13 2.15
CA ALA A 290 22.32 37.60 2.45
C ALA A 290 22.19 39.09 2.17
N GLU A 291 23.20 39.88 2.59
CA GLU A 291 23.17 41.31 2.37
C GLU A 291 23.55 41.72 0.96
N ALA A 292 24.11 40.80 0.16
CA ALA A 292 24.45 41.05 -1.23
C ALA A 292 23.68 40.14 -2.18
N GLU A 293 22.42 39.85 -1.88
CA GLU A 293 21.64 38.95 -2.72
C GLU A 293 20.87 39.74 -3.77
N ILE A 297 22.52 40.57 -6.34
CA ILE A 297 23.38 40.29 -7.48
C ILE A 297 23.12 38.86 -7.96
N TYR A 298 23.38 38.61 -9.24
CA TYR A 298 23.12 37.30 -9.82
C TYR A 298 24.04 36.25 -9.22
N GLY A 299 23.56 35.00 -9.23
CA GLY A 299 24.34 33.90 -8.68
C GLY A 299 25.63 33.69 -9.43
N ASN A 300 25.60 33.87 -10.75
CA ASN A 300 26.83 33.78 -11.55
C ASN A 300 27.84 34.83 -11.12
N GLU A 301 27.38 35.97 -10.59
CA GLU A 301 28.26 36.98 -10.03
C GLU A 301 28.49 36.78 -8.54
N LEU A 302 27.55 36.10 -7.86
CA LEU A 302 27.77 35.75 -6.45
C LEU A 302 28.89 34.72 -6.32
N ALA A 303 29.10 33.92 -7.36
CA ALA A 303 30.20 32.96 -7.37
C ALA A 303 31.53 33.68 -7.30
N ALA A 304 31.58 34.92 -7.80
CA ALA A 304 32.75 35.77 -7.69
C ALA A 304 32.95 36.33 -6.28
N ILE A 305 31.87 36.75 -5.62
CA ILE A 305 31.97 37.23 -4.25
C ILE A 305 32.42 36.11 -3.33
N GLU A 306 31.89 34.91 -3.56
CA GLU A 306 32.33 33.75 -2.77
C GLU A 306 33.81 33.48 -2.98
N SER A 307 34.28 33.56 -4.22
CA SER A 307 35.69 33.33 -4.49
C SER A 307 36.56 34.40 -3.83
N GLU A 308 36.14 35.66 -3.90
CA GLU A 308 36.88 36.75 -3.27
C GLU A 308 36.96 36.55 -1.76
N TRP A 309 35.85 36.19 -1.13
CA TRP A 309 35.87 35.93 0.31
C TRP A 309 36.77 34.75 0.64
N THR A 310 36.70 33.68 -0.15
CA THR A 310 37.50 32.49 0.11
C THR A 310 38.99 32.81 0.00
N LYS A 311 39.37 33.64 -0.98
CA LYS A 311 40.76 34.04 -1.08
C LYS A 311 41.16 34.98 0.05
N LYS A 312 40.25 35.84 0.50
CA LYS A 312 40.57 36.79 1.56
C LYS A 312 40.88 36.09 2.87
N ALA A 313 40.10 35.08 3.23
CA ALA A 313 40.28 34.34 4.48
C ALA A 313 40.89 32.98 4.18
N GLY A 314 42.08 32.72 4.71
CA GLY A 314 42.72 31.45 4.48
C GLY A 314 42.01 30.30 5.17
N LEU A 315 41.33 29.47 4.38
CA LEU A 315 40.56 28.36 4.92
C LEU A 315 41.52 27.20 5.18
N LYS A 316 41.87 27.01 6.44
CA LYS A 316 42.84 25.99 6.83
C LYS A 316 42.34 25.28 8.07
N LEU A 317 42.83 24.06 8.28
CA LEU A 317 42.63 23.38 9.54
C LEU A 317 43.50 24.01 10.62
N PHE A 318 43.08 23.85 11.88
CA PHE A 318 43.79 24.51 12.97
C PHE A 318 45.22 24.03 13.08
N HIS A 319 45.46 22.72 12.93
CA HIS A 319 46.82 22.22 12.93
C HIS A 319 47.59 22.78 11.74
N GLU A 320 46.95 22.88 10.58
CA GLU A 320 47.59 23.51 9.43
C GLU A 320 47.88 24.98 9.71
N ALA A 321 46.97 25.67 10.39
CA ALA A 321 47.19 27.08 10.70
C ALA A 321 48.38 27.26 11.63
N VAL A 322 48.47 26.44 12.68
CA VAL A 322 49.59 26.58 13.61
C VAL A 322 50.89 26.12 12.96
N ILE A 323 50.83 25.17 12.02
CA ILE A 323 52.04 24.77 11.31
C ILE A 323 52.54 25.90 10.42
N ASP A 324 51.64 26.51 9.66
CA ASP A 324 52.06 27.59 8.76
C ASP A 324 52.40 28.87 9.50
N GLU A 325 51.93 29.03 10.75
CA GLU A 325 52.31 30.17 11.57
C GLU A 325 53.62 29.93 12.31
N ILE A 326 53.87 28.70 12.75
CA ILE A 326 55.10 28.39 13.49
C ILE A 326 56.32 28.40 12.58
N LYS A 327 56.14 28.27 11.26
CA LYS A 327 57.24 28.41 10.33
C LYS A 327 57.75 29.85 10.24
N ASN A 328 56.98 30.82 10.75
CA ASN A 328 57.37 32.22 10.73
C ASN A 328 57.88 32.58 12.13
N GLY A 329 59.17 32.33 12.35
CA GLY A 329 59.77 32.64 13.63
C GLY A 329 60.27 31.41 14.36
N ASN A 330 61.59 31.24 14.43
CA ASN A 330 62.16 30.09 15.13
C ASN A 330 61.95 30.21 16.63
N TYR A 331 61.78 29.07 17.28
CA TYR A 331 61.57 29.02 18.72
C TYR A 331 62.63 28.17 19.41
N LYS A 334 62.70 24.15 16.32
CA LYS A 334 61.71 24.02 15.27
C LYS A 334 61.13 22.61 15.22
N ASP A 335 62.01 21.62 15.03
CA ASP A 335 61.55 20.25 14.85
C ASP A 335 60.87 19.70 16.10
N ALA A 336 61.41 20.00 17.28
CA ALA A 336 60.94 19.35 18.50
C ALA A 336 59.50 19.73 18.83
N LEU A 337 59.20 21.03 18.84
CA LEU A 337 57.86 21.45 19.26
C LEU A 337 56.82 21.13 18.20
N ILE A 338 57.18 21.25 16.91
CA ILE A 338 56.26 20.85 15.85
C ILE A 338 55.96 19.36 15.95
N LYS A 339 57.00 18.54 16.18
CA LYS A 339 56.81 17.10 16.28
C LYS A 339 55.93 16.75 17.48
N LYS A 340 56.16 17.39 18.62
CA LYS A 340 55.36 17.05 19.80
C LYS A 340 53.92 17.53 19.64
N PHE A 341 53.71 18.67 18.97
CA PHE A 341 52.34 19.11 18.70
C PHE A 341 51.63 18.14 17.77
N THR A 342 52.33 17.68 16.71
CA THR A 342 51.72 16.74 15.79
C THR A 342 51.42 15.41 16.49
N ASP A 343 52.31 14.96 17.37
CA ASP A 343 52.06 13.74 18.12
C ASP A 343 50.85 13.89 19.06
N LYS A 344 50.71 15.05 19.70
CA LYS A 344 49.59 15.27 20.62
C LYS A 344 48.34 15.76 19.92
N VAL A 345 48.46 16.36 18.73
CA VAL A 345 47.31 16.83 17.96
C VAL A 345 47.41 16.18 16.58
N ASN A 346 46.74 15.05 16.42
CA ASN A 346 46.73 14.27 15.19
C ASN A 346 45.31 13.86 14.88
N PRO A 347 45.02 13.45 13.64
CA PRO A 347 43.64 13.08 13.30
C PRO A 347 43.07 11.96 14.16
N LEU A 348 43.91 11.06 14.68
CA LEU A 348 43.47 9.94 15.49
C LEU A 348 43.68 10.18 16.98
N SER A 349 43.65 11.44 17.42
CA SER A 349 43.85 11.78 18.82
C SER A 349 42.59 12.21 19.55
N HIS A 350 41.51 12.49 18.83
CA HIS A 350 40.24 12.90 19.42
C HIS A 350 40.41 14.11 20.34
N THR A 351 41.22 15.07 19.89
CA THR A 351 41.55 16.24 20.68
C THR A 351 40.57 17.37 20.36
N SER A 352 39.96 17.93 21.40
CA SER A 352 39.07 19.06 21.24
C SER A 352 39.84 20.29 20.77
N HIS A 353 39.13 21.20 20.11
CA HIS A 353 39.78 22.40 19.58
C HIS A 353 40.32 23.28 20.71
N LYS A 354 39.63 23.33 21.85
CA LYS A 354 40.13 24.11 22.97
C LYS A 354 41.45 23.54 23.48
N GLU A 355 41.56 22.21 23.58
CA GLU A 355 42.80 21.59 24.01
C GLU A 355 43.92 21.86 22.99
N ALA A 356 43.59 21.82 21.70
CA ALA A 356 44.60 22.12 20.68
C ALA A 356 45.07 23.56 20.79
N LYS A 357 44.15 24.50 21.02
CA LYS A 357 44.54 25.89 21.20
C LYS A 357 45.41 26.06 22.44
N LYS A 358 45.06 25.35 23.51
CA LYS A 358 45.87 25.42 24.73
C LYS A 358 47.28 24.91 24.49
N LEU A 359 47.41 23.79 23.77
CA LEU A 359 48.73 23.25 23.47
C LEU A 359 49.52 24.19 22.58
N ALA A 360 48.85 24.80 21.58
CA ALA A 360 49.53 25.76 20.71
C ALA A 360 50.01 26.98 21.50
N LYS A 361 49.18 27.46 22.43
CA LYS A 361 49.57 28.59 23.27
C LYS A 361 50.76 28.22 24.16
N GLU A 362 50.76 26.99 24.69
CA GLU A 362 51.89 26.55 25.50
C GLU A 362 53.16 26.44 24.66
N LEU A 363 53.03 26.03 23.40
CA LEU A 363 54.19 25.82 22.55
C LEU A 363 54.57 27.08 21.77
N THR A 364 53.66 27.58 20.93
CA THR A 364 53.96 28.76 20.14
C THR A 364 54.08 30.02 21.00
N GLY A 365 53.20 30.17 21.98
CA GLY A 365 53.20 31.32 22.86
C GLY A 365 52.18 32.38 22.53
N LYS A 366 51.35 32.18 21.50
CA LYS A 366 50.34 33.14 21.10
C LYS A 366 49.03 32.42 20.83
N ASP A 367 47.94 33.18 20.95
CA ASP A 367 46.60 32.66 20.64
C ASP A 367 46.39 32.74 19.14
N ILE A 368 46.45 31.59 18.47
CA ILE A 368 46.25 31.55 17.03
C ILE A 368 44.78 31.77 16.72
N TYR A 369 44.49 32.78 15.89
CA TYR A 369 43.12 33.06 15.52
C TYR A 369 42.56 31.94 14.65
N PHE A 370 41.36 31.47 14.99
CA PHE A 370 40.72 30.41 14.22
C PHE A 370 39.22 30.51 14.46
N ASN A 371 38.48 30.95 13.44
CA ASN A 371 37.04 31.11 13.52
C ASN A 371 36.39 30.27 12.42
N TRP A 372 35.73 29.20 12.81
CA TRP A 372 35.03 28.33 11.88
C TRP A 372 33.57 28.70 11.70
N ASP A 373 33.07 29.69 12.45
CA ASP A 373 31.69 30.13 12.30
C ASP A 373 31.49 30.99 11.06
N VAL A 374 32.49 31.81 10.69
CA VAL A 374 32.37 32.67 9.52
C VAL A 374 32.43 31.86 8.23
N ALA A 375 32.91 30.62 8.29
CA ALA A 375 33.01 29.77 7.11
C ALA A 375 31.79 28.89 6.90
N ARG A 376 30.77 29.03 7.74
CA ARG A 376 29.58 28.19 7.62
C ARG A 376 28.83 28.49 6.33
N ALA A 377 28.09 27.49 5.86
CA ALA A 377 27.29 27.63 4.66
C ALA A 377 26.04 28.46 4.96
N ARG A 378 25.18 28.60 3.94
CA ARG A 378 23.97 29.40 4.11
C ARG A 378 23.04 28.77 5.13
N GLU A 379 22.95 27.44 5.15
CA GLU A 379 22.09 26.72 6.07
C GLU A 379 22.76 26.42 7.41
N GLY A 380 24.00 26.84 7.60
CA GLY A 380 24.68 26.67 8.87
C GLY A 380 25.63 25.50 8.96
N TYR A 381 25.91 24.81 7.86
CA TYR A 381 26.82 23.68 7.89
C TYR A 381 28.26 24.17 7.94
N TYR A 382 29.02 23.63 8.89
CA TYR A 382 30.42 24.01 9.03
C TYR A 382 31.26 23.37 7.94
N ARG A 383 32.28 24.08 7.48
CA ARG A 383 33.21 23.52 6.51
C ARG A 383 34.01 22.39 7.14
N TYR A 384 34.12 21.27 6.43
CA TYR A 384 34.76 20.07 6.95
C TYR A 384 35.81 19.59 5.97
N GLN A 385 36.96 19.17 6.50
CA GLN A 385 38.03 18.69 5.65
C GLN A 385 37.81 17.25 5.21
N GLY A 386 37.75 16.34 6.17
CA GLY A 386 37.54 14.94 5.84
C GLY A 386 38.84 14.24 5.55
N GLY A 387 38.91 13.55 4.43
CA GLY A 387 40.10 12.81 4.05
C GLY A 387 40.06 11.37 4.52
N THR A 388 41.17 10.69 4.27
CA THR A 388 41.25 9.27 4.63
C THR A 388 41.45 9.08 6.13
N GLN A 389 42.19 9.98 6.78
CA GLN A 389 42.41 9.85 8.21
C GLN A 389 41.13 10.09 9.00
N CYS A 390 40.29 11.02 8.53
CA CYS A 390 38.97 11.20 9.14
C CYS A 390 38.13 9.93 8.99
N ALA A 391 38.22 9.29 7.81
CA ALA A 391 37.51 8.03 7.62
C ALA A 391 38.03 6.96 8.57
N VAL A 392 39.35 6.91 8.79
CA VAL A 392 39.92 5.95 9.73
C VAL A 392 39.41 6.20 11.13
N MET A 393 39.40 7.47 11.55
CA MET A 393 38.90 7.81 12.88
C MET A 393 37.43 7.41 13.04
N ARG A 394 36.62 7.73 12.02
CA ARG A 394 35.20 7.39 12.09
C ARG A 394 34.98 5.89 12.10
N GLY A 395 35.75 5.15 11.30
CA GLY A 395 35.63 3.70 11.31
C GLY A 395 36.04 3.09 12.63
N ARG A 396 37.10 3.62 13.25
CA ARG A 396 37.51 3.15 14.57
C ARG A 396 36.43 3.43 15.60
N ALA A 397 35.79 4.60 15.52
CA ALA A 397 34.72 4.92 16.46
C ALA A 397 33.50 4.05 16.24
N PHE A 398 33.19 3.71 14.98
CA PHE A 398 32.01 2.93 14.66
C PHE A 398 32.23 1.43 14.82
N ALA A 399 33.47 0.98 14.92
CA ALA A 399 33.74 -0.46 15.02
C ALA A 399 33.04 -1.16 16.17
N PRO A 400 33.00 -0.61 17.40
CA PRO A 400 32.32 -1.34 18.49
C PRO A 400 30.84 -1.54 18.27
N TYR A 401 30.21 -0.76 17.39
CA TYR A 401 28.77 -0.78 17.22
C TYR A 401 28.31 -1.33 15.88
N ALA A 402 29.24 -1.68 14.99
CA ALA A 402 28.89 -2.17 13.66
C ALA A 402 29.70 -3.41 13.34
N ASP A 403 29.03 -4.42 12.77
CA ASP A 403 29.72 -5.63 12.35
C ASP A 403 30.61 -5.36 11.14
N LEU A 404 30.14 -4.55 10.20
CA LEU A 404 30.87 -4.20 8.99
C LEU A 404 31.14 -2.71 8.98
N ILE A 405 32.39 -2.33 8.69
CA ILE A 405 32.78 -0.95 8.51
C ILE A 405 33.00 -0.72 7.03
N TRP A 406 32.26 0.24 6.47
CA TRP A 406 32.21 0.46 5.03
C TRP A 406 32.84 1.81 4.71
N MET A 407 33.79 1.80 3.77
CA MET A 407 34.48 3.00 3.32
C MET A 407 34.13 3.25 1.86
N GLU A 408 33.71 4.47 1.55
CA GLU A 408 33.41 4.88 0.19
C GLU A 408 34.65 5.52 -0.44
N SER A 409 34.75 5.38 -1.77
CA SER A 409 35.87 5.95 -2.51
C SER A 409 35.35 6.60 -3.78
N ALA A 410 35.79 7.84 -4.02
CA ALA A 410 35.45 8.50 -5.28
C ALA A 410 36.11 7.81 -6.46
N LEU A 411 37.37 7.41 -6.32
CA LEU A 411 38.11 6.72 -7.36
C LEU A 411 38.86 5.54 -6.75
N PRO A 412 39.12 4.50 -7.55
CA PRO A 412 39.88 3.35 -7.02
C PRO A 412 41.34 3.67 -6.77
N ASP A 413 41.74 3.67 -5.50
CA ASP A 413 43.12 3.90 -5.11
C ASP A 413 43.51 2.83 -4.10
N TYR A 414 44.52 2.04 -4.44
CA TYR A 414 44.93 0.95 -3.55
C TYR A 414 45.57 1.48 -2.27
N ALA A 415 46.31 2.59 -2.37
CA ALA A 415 46.96 3.14 -1.18
C ALA A 415 45.95 3.61 -0.15
N GLN A 416 44.88 4.26 -0.59
CA GLN A 416 43.87 4.76 0.34
C GLN A 416 43.18 3.61 1.06
N ALA A 417 42.80 2.58 0.31
CA ALA A 417 42.18 1.41 0.93
C ALA A 417 43.15 0.73 1.88
N LYS A 418 44.42 0.63 1.49
CA LYS A 418 45.43 0.00 2.34
C LYS A 418 45.56 0.75 3.66
N GLU A 419 45.66 2.08 3.60
CA GLU A 419 45.86 2.84 4.84
C GLU A 419 44.60 2.82 5.71
N PHE A 420 43.42 2.88 5.10
CA PHE A 420 42.19 2.77 5.88
C PHE A 420 42.11 1.43 6.58
N ALA A 421 42.38 0.34 5.85
CA ALA A 421 42.35 -0.99 6.45
C ALA A 421 43.38 -1.12 7.55
N ASP A 422 44.59 -0.60 7.33
CA ASP A 422 45.63 -0.69 8.34
C ASP A 422 45.24 0.05 9.60
N GLY A 423 44.69 1.27 9.47
CA GLY A 423 44.27 2.00 10.66
C GLY A 423 43.16 1.30 11.41
N VAL A 424 42.13 0.86 10.69
CA VAL A 424 40.98 0.23 11.36
C VAL A 424 41.39 -1.07 12.03
N LYS A 425 42.19 -1.89 11.36
CA LYS A 425 42.62 -3.16 11.94
C LYS A 425 43.77 -3.00 12.91
N ALA A 426 44.39 -1.82 12.99
CA ALA A 426 45.33 -1.56 14.08
C ALA A 426 44.59 -1.12 15.34
N ALA A 427 43.49 -0.40 15.20
CA ALA A 427 42.66 -0.11 16.37
C ALA A 427 41.89 -1.33 16.81
N VAL A 428 41.02 -1.86 15.96
CA VAL A 428 40.23 -3.05 16.22
C VAL A 428 40.71 -4.13 15.24
N PRO A 429 41.48 -5.12 15.70
CA PRO A 429 42.06 -6.11 14.77
C PRO A 429 41.03 -6.93 14.01
N ASP A 430 40.06 -7.51 14.72
CA ASP A 430 39.08 -8.40 14.10
C ASP A 430 37.83 -7.64 13.65
N GLN A 431 38.03 -6.59 12.87
CA GLN A 431 36.92 -5.78 12.36
C GLN A 431 36.76 -6.05 10.87
N TRP A 432 35.58 -6.52 10.48
CA TRP A 432 35.29 -6.74 9.07
C TRP A 432 35.13 -5.40 8.35
N LEU A 433 35.57 -5.37 7.09
CA LEU A 433 35.58 -4.15 6.31
C LEU A 433 34.83 -4.37 5.00
N ALA A 434 34.24 -3.30 4.49
CA ALA A 434 33.52 -3.31 3.23
C ALA A 434 34.01 -2.17 2.35
N TYR A 435 34.02 -2.41 1.04
CA TYR A 435 34.56 -1.45 0.09
C TYR A 435 33.63 -1.34 -1.10
N ASN A 436 33.52 -0.12 -1.63
CA ASN A 436 32.74 0.12 -2.85
C ASN A 436 33.25 1.40 -3.50
N LEU A 437 32.90 1.58 -4.76
CA LEU A 437 33.30 2.74 -5.54
C LEU A 437 32.07 3.53 -5.97
N SER A 438 32.24 4.85 -6.05
CA SER A 438 31.13 5.71 -6.44
C SER A 438 30.73 5.45 -7.88
N PRO A 439 29.43 5.54 -8.21
CA PRO A 439 28.94 5.34 -9.58
C PRO A 439 28.81 6.64 -10.36
N ALA A 449 38.17 -2.20 -16.83
CA ALA A 449 39.43 -2.87 -17.13
C ALA A 449 39.34 -4.36 -16.81
N ASP A 450 40.48 -5.06 -16.92
CA ASP A 450 40.54 -6.48 -16.65
C ASP A 450 41.32 -6.84 -15.40
N GLU A 451 42.12 -5.91 -14.87
CA GLU A 451 42.87 -6.14 -13.65
C GLU A 451 42.04 -5.93 -12.39
N GLN A 452 40.72 -5.91 -12.50
CA GLN A 452 39.88 -5.74 -11.32
C GLN A 452 39.89 -6.98 -10.44
N GLU A 453 40.15 -8.16 -11.01
CA GLU A 453 40.15 -9.37 -10.22
C GLU A 453 41.28 -9.37 -9.20
N THR A 454 42.50 -9.05 -9.64
CA THR A 454 43.62 -9.01 -8.71
C THR A 454 43.49 -7.88 -7.70
N TYR A 455 42.92 -6.75 -8.11
CA TYR A 455 42.66 -5.66 -7.18
C TYR A 455 41.68 -6.09 -6.09
N ILE A 456 40.62 -6.80 -6.49
CA ILE A 456 39.65 -7.30 -5.51
C ILE A 456 40.31 -8.31 -4.59
N LYS A 457 41.16 -9.19 -5.13
CA LYS A 457 41.86 -10.16 -4.30
C LYS A 457 42.78 -9.46 -3.29
N ARG A 458 43.50 -8.43 -3.74
CA ARG A 458 44.36 -7.69 -2.83
C ARG A 458 43.54 -7.00 -1.73
N LEU A 459 42.42 -6.40 -2.10
CA LEU A 459 41.57 -5.75 -1.10
C LEU A 459 41.02 -6.76 -0.11
N GLY A 460 40.68 -7.96 -0.57
CA GLY A 460 40.26 -9.01 0.33
C GLY A 460 41.37 -9.43 1.28
N LYS A 461 42.60 -9.51 0.77
CA LYS A 461 43.74 -9.81 1.64
C LYS A 461 43.98 -8.69 2.64
N LEU A 462 43.62 -7.46 2.29
CA LEU A 462 43.75 -6.35 3.23
C LEU A 462 42.84 -6.53 4.43
N GLY A 463 41.62 -7.03 4.20
CA GLY A 463 40.65 -7.19 5.27
C GLY A 463 39.24 -6.88 4.85
N TYR A 464 39.06 -6.47 3.59
CA TYR A 464 37.75 -6.18 3.05
C TYR A 464 37.09 -7.49 2.64
N VAL A 465 36.02 -7.87 3.34
CA VAL A 465 35.35 -9.14 3.12
C VAL A 465 33.99 -8.96 2.45
N TRP A 466 33.69 -7.77 1.96
CA TRP A 466 32.37 -7.50 1.38
C TRP A 466 32.52 -6.34 0.41
N GLN A 467 32.45 -6.63 -0.90
CA GLN A 467 32.65 -5.62 -1.92
C GLN A 467 31.59 -5.76 -3.00
N PHE A 468 31.30 -4.64 -3.65
CA PHE A 468 30.40 -4.62 -4.81
C PHE A 468 30.53 -3.32 -5.58
N ILE B 14 -32.06 24.91 -4.46
CA ILE B 14 -33.03 24.07 -5.14
C ILE B 14 -33.05 24.36 -6.63
N GLN B 15 -33.35 25.63 -6.98
CA GLN B 15 -33.40 26.01 -8.39
C GLN B 15 -32.04 25.87 -9.05
N LYS B 16 -30.97 26.30 -8.36
CA LYS B 16 -29.63 26.14 -8.92
C LYS B 16 -29.26 24.68 -9.06
N GLU B 17 -29.72 23.83 -8.13
CA GLU B 17 -29.42 22.40 -8.21
C GLU B 17 -30.05 21.79 -9.46
N GLU B 18 -31.33 22.08 -9.70
CA GLU B 18 -31.98 21.58 -10.91
C GLU B 18 -31.35 22.17 -12.16
N ALA B 19 -30.95 23.45 -12.11
CA ALA B 19 -30.32 24.08 -13.26
C ALA B 19 -29.02 23.38 -13.62
N ASP B 20 -28.16 23.12 -12.62
CA ASP B 20 -26.90 22.46 -12.92
C ASP B 20 -27.09 21.00 -13.31
N PHE B 21 -28.10 20.34 -12.74
CA PHE B 21 -28.40 18.97 -13.17
C PHE B 21 -28.82 18.93 -14.62
N GLN B 22 -29.69 19.86 -15.04
CA GLN B 22 -30.11 19.91 -16.44
C GLN B 22 -28.94 20.26 -17.36
N LYS B 23 -28.07 21.17 -16.92
CA LYS B 23 -26.89 21.50 -17.71
C LYS B 23 -25.97 20.30 -17.84
N GLU B 24 -25.82 19.52 -16.78
CA GLU B 24 -25.01 18.31 -16.84
C GLU B 24 -25.61 17.29 -17.79
N VAL B 25 -26.94 17.13 -17.76
CA VAL B 25 -27.59 16.22 -18.70
C VAL B 25 -27.36 16.68 -20.13
N ALA B 26 -27.48 17.98 -20.37
CA ALA B 26 -27.26 18.51 -21.72
C ALA B 26 -25.82 18.29 -22.17
N GLU B 27 -24.85 18.51 -21.28
CA GLU B 27 -23.46 18.33 -21.66
C GLU B 27 -23.12 16.87 -21.87
N ILE B 28 -23.78 15.96 -21.13
CA ILE B 28 -23.59 14.54 -21.38
C ILE B 28 -24.17 14.15 -22.73
N LYS B 29 -25.36 14.66 -23.06
CA LYS B 29 -25.96 14.36 -24.36
C LYS B 29 -25.10 14.90 -25.50
N LYS B 30 -24.56 16.11 -25.35
CA LYS B 30 -23.64 16.63 -26.34
C LYS B 30 -22.38 15.80 -26.42
N TRP B 31 -21.87 15.33 -25.28
CA TRP B 31 -20.69 14.49 -25.24
C TRP B 31 -20.89 13.19 -26.01
N TRP B 32 -22.13 12.71 -26.09
CA TRP B 32 -22.45 11.48 -26.79
C TRP B 32 -22.74 11.70 -28.27
N SER B 33 -22.54 12.91 -28.78
CA SER B 33 -22.83 13.22 -30.17
C SER B 33 -21.59 13.28 -31.05
N GLU B 34 -20.40 13.40 -30.48
CA GLU B 34 -19.19 13.47 -31.28
C GLU B 34 -18.88 12.10 -31.90
N PRO B 35 -18.06 12.07 -32.96
CA PRO B 35 -17.75 10.81 -33.64
C PRO B 35 -17.08 9.75 -32.76
N ARG B 36 -16.74 10.12 -31.52
CA ARG B 36 -16.19 9.14 -30.59
C ARG B 36 -17.18 8.02 -30.32
N TRP B 37 -18.45 8.36 -30.13
CA TRP B 37 -19.49 7.39 -29.82
C TRP B 37 -20.37 7.12 -31.04
N ARG B 38 -19.77 7.08 -32.23
CA ARG B 38 -20.55 6.85 -33.45
C ARG B 38 -21.16 5.45 -33.47
N LYS B 39 -20.52 4.48 -32.83
CA LYS B 39 -20.99 3.09 -32.85
C LYS B 39 -21.07 2.51 -31.45
N THR B 40 -21.32 3.36 -30.44
CA THR B 40 -21.42 2.93 -29.06
C THR B 40 -22.88 2.78 -28.68
N LYS B 41 -23.25 1.61 -28.18
CA LYS B 41 -24.61 1.33 -27.75
C LYS B 41 -24.69 1.46 -26.23
N ARG B 42 -25.55 2.36 -25.76
CA ARG B 42 -25.73 2.61 -24.34
C ARG B 42 -27.14 2.22 -23.93
N ILE B 43 -27.25 1.41 -22.88
CA ILE B 43 -28.57 1.05 -22.34
C ILE B 43 -29.05 2.03 -21.28
N TYR B 44 -28.17 2.88 -20.77
CA TYR B 44 -28.54 3.87 -19.76
C TYR B 44 -28.79 5.22 -20.40
N SER B 45 -29.71 5.97 -19.80
CA SER B 45 -30.01 7.32 -20.26
C SER B 45 -29.01 8.31 -19.71
N ALA B 46 -28.95 9.50 -20.34
CA ALA B 46 -28.07 10.55 -19.84
C ALA B 46 -28.50 11.01 -18.45
N GLU B 47 -29.79 10.91 -18.14
CA GLU B 47 -30.26 11.27 -16.81
C GLU B 47 -29.65 10.37 -15.74
N ASP B 48 -29.58 9.06 -16.01
CA ASP B 48 -28.98 8.14 -15.05
C ASP B 48 -27.51 8.44 -14.84
N ILE B 49 -26.78 8.72 -15.91
CA ILE B 49 -25.36 9.03 -15.81
C ILE B 49 -25.16 10.33 -15.02
N ALA B 50 -25.99 11.33 -15.29
CA ALA B 50 -25.90 12.59 -14.56
C ALA B 50 -26.21 12.41 -13.08
N LYS B 51 -27.24 11.61 -12.76
CA LYS B 51 -27.55 11.33 -11.37
C LYS B 51 -26.46 10.54 -10.66
N LYS B 52 -25.75 9.68 -11.38
CA LYS B 52 -24.65 8.93 -10.78
C LYS B 52 -23.44 9.82 -10.47
N ARG B 53 -23.32 10.96 -11.13
CA ARG B 53 -22.19 11.86 -10.89
C ARG B 53 -22.39 12.66 -9.61
N GLY B 54 -21.28 13.19 -9.10
CA GLY B 54 -21.29 14.01 -7.90
C GLY B 54 -21.42 15.49 -8.21
N THR B 55 -21.33 16.29 -7.15
CA THR B 55 -21.41 17.74 -7.29
C THR B 55 -20.08 18.38 -7.68
N LEU B 56 -18.99 17.62 -7.67
CA LEU B 56 -17.67 18.13 -8.05
C LEU B 56 -17.25 17.42 -9.33
N LYS B 57 -17.18 18.18 -10.42
CA LYS B 57 -16.76 17.62 -11.70
C LYS B 57 -15.25 17.39 -11.68
N ILE B 58 -14.83 16.14 -11.84
CA ILE B 58 -13.43 15.76 -11.81
C ILE B 58 -13.03 15.29 -13.20
N ASN B 59 -11.96 15.88 -13.74
CA ASN B 59 -11.42 15.53 -15.03
C ASN B 59 -10.16 14.68 -14.85
N HIS B 60 -10.01 13.67 -15.70
CA HIS B 60 -8.87 12.79 -15.60
C HIS B 60 -8.01 12.89 -16.86
N PRO B 61 -6.68 12.95 -16.71
CA PRO B 61 -5.81 12.89 -17.90
C PRO B 61 -5.93 11.58 -18.66
N SER B 62 -6.43 10.53 -18.02
CA SER B 62 -6.70 9.28 -18.73
C SER B 62 -7.73 9.47 -19.83
N SER B 63 -8.64 10.43 -19.67
CA SER B 63 -9.57 10.73 -20.75
C SER B 63 -8.85 11.30 -21.97
N GLN B 64 -7.87 12.18 -21.74
CA GLN B 64 -7.07 12.70 -22.85
C GLN B 64 -6.24 11.59 -23.48
N GLN B 65 -5.69 10.68 -22.67
CA GLN B 65 -4.96 9.55 -23.23
C GLN B 65 -5.87 8.65 -24.06
N ALA B 66 -7.10 8.45 -23.60
CA ALA B 66 -8.07 7.66 -24.36
C ALA B 66 -8.42 8.34 -25.68
N ASP B 67 -8.56 9.68 -25.66
CA ASP B 67 -8.78 10.41 -26.91
C ASP B 67 -7.61 10.23 -27.86
N LYS B 68 -6.39 10.30 -27.34
CA LYS B 68 -5.21 10.10 -28.17
C LYS B 68 -5.19 8.70 -28.77
N LEU B 69 -5.51 7.69 -27.96
CA LEU B 69 -5.55 6.31 -28.44
C LEU B 69 -6.63 6.13 -29.50
N PHE B 70 -7.80 6.74 -29.29
CA PHE B 70 -8.87 6.62 -30.27
C PHE B 70 -8.50 7.28 -31.59
N LYS B 71 -7.86 8.45 -31.53
CA LYS B 71 -7.40 9.10 -32.76
C LYS B 71 -6.34 8.27 -33.46
N LEU B 72 -5.41 7.68 -32.69
CA LEU B 72 -4.38 6.82 -33.28
C LEU B 72 -5.01 5.61 -33.97
N LEU B 73 -5.99 4.97 -33.32
CA LEU B 73 -6.65 3.82 -33.92
C LEU B 73 -7.45 4.22 -35.15
N GLU B 74 -8.08 5.40 -35.13
CA GLU B 74 -8.76 5.89 -36.32
C GLU B 74 -7.78 6.08 -37.48
N LYS B 75 -6.62 6.67 -37.21
CA LYS B 75 -5.63 6.86 -38.26
C LYS B 75 -5.14 5.53 -38.80
N HIS B 76 -4.88 4.57 -37.92
CA HIS B 76 -4.39 3.27 -38.37
C HIS B 76 -5.46 2.53 -39.18
N ASP B 77 -6.72 2.63 -38.76
CA ASP B 77 -7.80 1.98 -39.50
C ASP B 77 -7.98 2.62 -40.87
N ALA B 78 -7.89 3.95 -40.95
CA ALA B 78 -7.97 4.61 -42.25
C ALA B 78 -6.79 4.23 -43.14
N ASP B 79 -5.60 4.11 -42.57
CA ASP B 79 -4.40 3.76 -43.32
C ASP B 79 -4.19 2.26 -43.44
N LYS B 80 -5.06 1.44 -42.84
CA LYS B 80 -4.94 -0.02 -42.87
C LYS B 80 -3.57 -0.46 -42.35
N THR B 81 -3.12 0.16 -41.27
CA THR B 81 -1.82 -0.12 -40.69
C THR B 81 -1.99 -0.62 -39.26
N VAL B 82 -1.03 -1.43 -38.82
CA VAL B 82 -1.06 -2.05 -37.50
C VAL B 82 -0.45 -1.11 -36.47
N SER B 83 -1.04 -1.08 -35.28
CA SER B 83 -0.48 -0.36 -34.13
C SER B 83 0.26 -1.39 -33.27
N PHE B 84 1.59 -1.35 -33.33
CA PHE B 84 2.38 -2.31 -32.59
C PHE B 84 2.31 -2.02 -31.09
N THR B 85 2.33 -3.09 -30.29
CA THR B 85 2.18 -3.00 -28.85
C THR B 85 3.09 -4.05 -28.22
N PHE B 86 3.23 -3.98 -26.90
CA PHE B 86 3.99 -4.99 -26.16
C PHE B 86 3.50 -4.99 -24.72
N GLY B 87 3.69 -6.12 -24.06
CA GLY B 87 3.27 -6.29 -22.68
C GLY B 87 4.03 -5.42 -21.70
N HIS B 93 10.98 -0.08 -18.20
CA HIS B 93 11.70 0.64 -19.24
C HIS B 93 10.75 1.47 -20.10
N VAL B 94 10.60 2.74 -19.74
CA VAL B 94 9.77 3.65 -20.50
C VAL B 94 10.54 4.34 -21.63
N ALA B 95 11.87 4.37 -21.55
CA ALA B 95 12.70 5.04 -22.55
C ALA B 95 12.49 4.45 -23.94
N GLN B 96 12.58 3.12 -24.05
CA GLN B 96 12.40 2.44 -25.33
C GLN B 96 10.98 1.95 -25.55
N MET B 97 10.07 2.21 -24.61
CA MET B 97 8.67 1.87 -24.78
C MET B 97 7.90 2.93 -25.54
N ALA B 98 8.55 4.04 -25.89
CA ALA B 98 7.94 5.08 -26.70
C ALA B 98 8.62 5.30 -28.03
N LYS B 99 9.84 4.76 -28.24
CA LYS B 99 10.51 4.88 -29.52
C LYS B 99 9.92 3.90 -30.54
N TYR B 100 9.49 2.73 -30.08
CA TYR B 100 9.07 1.65 -30.96
C TYR B 100 7.61 1.25 -30.81
N LEU B 101 6.88 1.84 -29.87
CA LEU B 101 5.51 1.44 -29.59
C LEU B 101 4.58 2.63 -29.67
N ASP B 102 3.30 2.35 -29.93
CA ASP B 102 2.26 3.35 -29.87
C ASP B 102 1.39 3.23 -28.62
N SER B 103 1.40 2.08 -27.97
CA SER B 103 0.61 1.85 -26.77
C SER B 103 1.29 0.75 -25.96
N ILE B 104 0.88 0.64 -24.69
CA ILE B 104 1.38 -0.39 -23.80
C ILE B 104 0.20 -1.13 -23.20
N TYR B 105 0.22 -2.46 -23.29
CA TYR B 105 -0.79 -3.31 -22.67
C TYR B 105 -0.24 -3.86 -21.36
N VAL B 106 -1.01 -3.72 -20.29
CA VAL B 106 -0.58 -4.11 -18.95
C VAL B 106 -1.48 -5.24 -18.47
N SER B 107 -0.85 -6.36 -18.07
CA SER B 107 -1.59 -7.52 -17.59
C SER B 107 -0.72 -8.27 -16.60
N GLY B 108 -1.37 -9.10 -15.79
CA GLY B 108 -0.68 -9.90 -14.80
C GLY B 108 -0.38 -11.31 -15.29
N THR B 132 -3.05 -4.92 -8.01
CA THR B 132 -1.94 -5.48 -8.77
C THR B 132 -1.81 -4.79 -10.12
N VAL B 133 -2.69 -5.17 -11.06
CA VAL B 133 -2.70 -4.50 -12.37
C VAL B 133 -2.99 -3.01 -12.24
N PRO B 134 -3.96 -2.56 -11.42
CA PRO B 134 -4.09 -1.11 -11.22
C PRO B 134 -2.82 -0.48 -10.67
N ASN B 135 -2.10 -1.17 -9.78
CA ASN B 135 -0.84 -0.64 -9.27
C ASN B 135 0.20 -0.52 -10.38
N LYS B 136 0.27 -1.53 -11.25
CA LYS B 136 1.19 -1.46 -12.38
C LYS B 136 0.84 -0.29 -13.29
N VAL B 137 -0.46 -0.10 -13.56
CA VAL B 137 -0.88 1.00 -14.42
C VAL B 137 -0.52 2.35 -13.79
N GLU B 138 -0.76 2.49 -12.49
CA GLU B 138 -0.45 3.76 -11.83
C GLU B 138 1.06 4.01 -11.82
N HIS B 139 1.85 2.97 -11.56
CA HIS B 139 3.30 3.14 -11.56
C HIS B 139 3.81 3.53 -12.93
N LEU B 140 3.31 2.87 -13.98
CA LEU B 140 3.72 3.20 -15.34
C LEU B 140 3.28 4.61 -15.73
N TRP B 141 2.07 5.00 -15.32
CA TRP B 141 1.59 6.35 -15.61
C TRP B 141 2.46 7.40 -14.93
N PHE B 142 2.83 7.17 -13.66
CA PHE B 142 3.70 8.09 -12.97
C PHE B 142 5.08 8.15 -13.61
N ALA B 143 5.61 7.00 -14.04
CA ALA B 143 6.90 7.00 -14.72
C ALA B 143 6.84 7.77 -16.03
N GLN B 144 5.76 7.59 -16.79
CA GLN B 144 5.61 8.33 -18.05
C GLN B 144 5.52 9.83 -17.80
N LEU B 145 4.74 10.23 -16.79
CA LEU B 145 4.62 11.65 -16.47
C LEU B 145 5.96 12.22 -16.02
N PHE B 146 6.70 11.47 -15.20
CA PHE B 146 8.01 11.94 -14.74
C PHE B 146 8.98 12.10 -15.90
N HIS B 147 9.01 11.13 -16.82
CA HIS B 147 9.93 11.22 -17.95
C HIS B 147 9.53 12.36 -18.89
N ASP B 148 8.23 12.56 -19.11
CA ASP B 148 7.78 13.69 -19.92
C ASP B 148 8.17 15.01 -19.28
N ARG B 149 8.00 15.12 -17.96
CA ARG B 149 8.38 16.33 -17.24
C ARG B 149 9.87 16.59 -17.37
N LYS B 150 10.69 15.55 -17.20
CA LYS B 150 12.13 15.69 -17.31
C LYS B 150 12.54 16.12 -18.72
N GLN B 151 11.93 15.50 -19.73
CA GLN B 151 12.25 15.85 -21.11
C GLN B 151 11.88 17.29 -21.41
N ARG B 152 10.72 17.75 -20.94
CA ARG B 152 10.34 19.13 -21.19
C ARG B 152 11.23 20.10 -20.44
N GLU B 153 11.64 19.75 -19.23
CA GLU B 153 12.58 20.60 -18.50
C GLU B 153 13.91 20.70 -19.24
N GLU B 154 14.41 19.58 -19.76
CA GLU B 154 15.67 19.62 -20.50
C GLU B 154 15.54 20.42 -21.79
N ARG B 155 14.41 20.28 -22.50
CA ARG B 155 14.27 20.97 -23.77
C ARG B 155 14.05 22.46 -23.60
N LEU B 156 13.21 22.86 -22.64
CA LEU B 156 12.87 24.27 -22.49
C LEU B 156 14.05 25.10 -22.02
N THR B 157 14.96 24.50 -21.23
CA THR B 157 16.16 25.21 -20.82
C THR B 157 17.14 25.43 -21.99
N LEU B 158 16.92 24.78 -23.12
CA LEU B 158 17.77 24.91 -24.30
C LEU B 158 17.04 25.75 -25.32
N SER B 159 17.70 26.81 -25.81
CA SER B 159 17.10 27.70 -26.79
C SER B 159 17.95 27.78 -28.06
N GLU B 161 17.82 26.45 -31.18
CA GLU B 161 18.67 25.88 -32.22
C GLU B 161 19.08 24.45 -31.87
N GLU B 162 19.62 24.27 -30.66
CA GLU B 162 20.06 22.95 -30.23
C GLU B 162 18.90 22.01 -29.94
N ARG B 163 17.67 22.54 -29.85
CA ARG B 163 16.51 21.68 -29.67
C ARG B 163 16.22 20.84 -30.91
N ALA B 164 16.49 21.40 -32.10
CA ALA B 164 16.24 20.65 -33.33
C ALA B 164 17.11 19.40 -33.41
N LYS B 165 18.37 19.51 -33.00
CA LYS B 165 19.24 18.33 -32.98
C LYS B 165 18.79 17.32 -31.94
N THR B 166 18.28 17.80 -30.81
CA THR B 166 17.87 16.90 -29.73
C THR B 166 16.58 16.17 -30.12
N PRO B 167 16.55 14.83 -30.09
CA PRO B 167 15.33 14.11 -30.43
C PRO B 167 14.25 14.28 -29.37
N TYR B 168 13.01 14.13 -29.82
CA TYR B 168 11.83 14.23 -28.97
C TYR B 168 11.22 12.84 -28.77
N ILE B 169 10.95 12.49 -27.52
CA ILE B 169 10.35 11.20 -27.19
C ILE B 169 9.01 11.46 -26.52
N ASP B 170 7.95 10.88 -27.09
CA ASP B 170 6.60 11.04 -26.55
C ASP B 170 6.36 9.90 -25.55
N PHE B 171 6.72 10.15 -24.30
CA PHE B 171 6.54 9.15 -23.25
C PHE B 171 5.08 8.88 -22.95
N LEU B 172 4.18 9.79 -23.30
CA LEU B 172 2.76 9.65 -22.98
C LEU B 172 2.10 8.68 -23.96
N ARG B 173 2.45 7.41 -23.79
CA ARG B 173 1.86 6.33 -24.58
C ARG B 173 0.58 5.84 -23.92
N PRO B 174 -0.53 5.75 -24.65
CA PRO B 174 -1.77 5.24 -24.04
C PRO B 174 -1.59 3.82 -23.50
N ILE B 175 -2.24 3.56 -22.37
CA ILE B 175 -2.07 2.32 -21.63
C ILE B 175 -3.36 1.52 -21.69
N ILE B 176 -3.25 0.24 -22.05
CA ILE B 176 -4.37 -0.69 -22.05
C ILE B 176 -4.25 -1.54 -20.78
N ALA B 177 -5.29 -1.50 -19.96
CA ALA B 177 -5.29 -2.20 -18.68
C ALA B 177 -6.15 -3.46 -18.77
N ASP B 178 -5.62 -4.56 -18.25
CA ASP B 178 -6.34 -5.83 -18.22
C ASP B 178 -7.15 -5.89 -16.93
N ALA B 179 -8.48 -5.88 -17.07
CA ALA B 179 -9.38 -5.90 -15.92
C ALA B 179 -9.80 -7.33 -15.61
N ASP B 180 -8.84 -8.10 -15.07
CA ASP B 180 -9.07 -9.49 -14.69
C ASP B 180 -8.94 -9.70 -13.19
N THR B 181 -8.98 -8.63 -12.40
CA THR B 181 -8.86 -8.73 -10.95
C THR B 181 -10.20 -8.58 -10.23
N GLY B 182 -11.30 -8.47 -10.96
CA GLY B 182 -12.61 -8.38 -10.34
C GLY B 182 -13.10 -9.71 -9.82
N HIS B 183 -13.33 -10.65 -10.73
CA HIS B 183 -13.69 -12.05 -10.47
C HIS B 183 -15.08 -12.22 -9.89
N GLY B 184 -15.81 -11.15 -9.58
CA GLY B 184 -17.14 -11.30 -9.04
C GLY B 184 -18.11 -10.20 -9.39
N GLY B 185 -19.24 -10.56 -10.01
CA GLY B 185 -20.35 -9.66 -10.21
C GLY B 185 -20.05 -8.46 -11.10
N ILE B 186 -20.86 -7.43 -10.92
CA ILE B 186 -20.78 -6.21 -11.70
C ILE B 186 -20.17 -5.05 -10.91
N THR B 187 -20.39 -4.99 -9.60
CA THR B 187 -19.81 -3.90 -8.81
C THR B 187 -18.29 -3.93 -8.87
N ALA B 188 -17.70 -5.13 -8.90
CA ALA B 188 -16.25 -5.22 -8.96
C ALA B 188 -15.70 -4.63 -10.24
N ILE B 189 -16.32 -4.90 -11.38
CA ILE B 189 -15.82 -4.33 -12.63
C ILE B 189 -16.07 -2.83 -12.67
N ILE B 190 -17.15 -2.35 -12.04
CA ILE B 190 -17.38 -0.90 -11.95
C ILE B 190 -16.25 -0.23 -11.18
N LYS B 191 -15.93 -0.76 -10.00
CA LYS B 191 -14.86 -0.18 -9.19
C LYS B 191 -13.51 -0.32 -9.89
N LEU B 192 -13.28 -1.42 -10.59
CA LEU B 192 -12.04 -1.61 -11.33
C LEU B 192 -11.91 -0.58 -12.44
N THR B 193 -13.02 -0.31 -13.15
CA THR B 193 -13.00 0.73 -14.18
C THR B 193 -12.71 2.10 -13.57
N LYS B 194 -13.34 2.39 -12.43
CA LYS B 194 -13.05 3.66 -11.75
C LYS B 194 -11.57 3.77 -11.41
N MET B 195 -11.00 2.71 -10.85
CA MET B 195 -9.59 2.71 -10.48
C MET B 195 -8.69 2.89 -11.69
N PHE B 196 -8.99 2.19 -12.78
CA PHE B 196 -8.18 2.30 -13.99
C PHE B 196 -8.25 3.71 -14.57
N ILE B 197 -9.44 4.31 -14.59
CA ILE B 197 -9.57 5.67 -15.09
C ILE B 197 -8.79 6.64 -14.21
N GLU B 198 -8.86 6.48 -12.89
CA GLU B 198 -8.16 7.38 -11.99
C GLU B 198 -6.64 7.22 -12.10
N ARG B 199 -6.16 6.04 -12.50
CA ARG B 199 -4.73 5.76 -12.53
C ARG B 199 -4.14 5.88 -13.93
N GLY B 200 -4.84 6.50 -14.85
CA GLY B 200 -4.26 6.86 -16.14
C GLY B 200 -4.44 5.86 -17.26
N ALA B 201 -5.28 4.85 -17.08
CA ALA B 201 -5.51 3.88 -18.15
C ALA B 201 -6.34 4.51 -19.26
N ALA B 202 -5.88 4.36 -20.51
CA ALA B 202 -6.60 4.83 -21.66
C ALA B 202 -7.55 3.79 -22.25
N GLY B 203 -7.39 2.53 -21.86
CA GLY B 203 -8.26 1.47 -22.35
C GLY B 203 -8.31 0.33 -21.36
N ILE B 204 -9.44 -0.38 -21.34
CA ILE B 204 -9.66 -1.49 -20.43
C ILE B 204 -9.98 -2.73 -21.26
N HIS B 205 -9.31 -3.83 -20.95
CA HIS B 205 -9.51 -5.10 -21.64
C HIS B 205 -10.11 -6.11 -20.67
N ILE B 206 -11.17 -6.80 -21.13
CA ILE B 206 -11.76 -7.90 -20.38
C ILE B 206 -11.97 -9.07 -21.32
N GLU B 207 -12.07 -10.27 -20.73
CA GLU B 207 -12.25 -11.50 -21.46
C GLU B 207 -13.59 -12.13 -21.08
N ASP B 208 -14.10 -12.97 -21.98
CA ASP B 208 -15.29 -13.76 -21.69
C ASP B 208 -14.96 -15.07 -21.00
N GLN B 209 -13.70 -15.30 -20.66
CA GLN B 209 -13.31 -16.47 -19.89
C GLN B 209 -13.89 -16.39 -18.48
N ALA B 210 -14.22 -17.55 -17.93
CA ALA B 210 -14.86 -17.60 -16.61
C ALA B 210 -13.89 -17.11 -15.55
N PRO B 211 -14.33 -16.23 -14.64
CA PRO B 211 -13.43 -15.73 -13.59
C PRO B 211 -13.00 -16.86 -12.66
N GLY B 212 -11.75 -16.78 -12.22
CA GLY B 212 -11.21 -17.80 -11.32
C GLY B 212 -11.17 -19.19 -11.90
N THR B 213 -10.80 -19.30 -13.18
CA THR B 213 -10.73 -20.60 -13.84
C THR B 213 -9.45 -20.79 -14.65
N LYS B 214 -8.55 -19.81 -14.67
CA LYS B 214 -7.31 -19.96 -15.42
C LYS B 214 -6.43 -21.04 -14.79
N LYS B 215 -5.85 -21.88 -15.64
CA LYS B 215 -5.04 -23.00 -15.19
C LYS B 215 -3.67 -22.96 -15.87
N CYS B 216 -2.67 -23.48 -15.17
CA CYS B 216 -1.31 -23.54 -15.70
C CYS B 216 -1.16 -24.69 -16.69
N MET B 219 -2.90 -26.78 -19.75
CA MET B 219 -4.24 -26.27 -19.47
C MET B 219 -5.29 -27.06 -20.23
N ALA B 220 -6.27 -27.59 -19.51
CA ALA B 220 -7.30 -28.45 -20.10
C ALA B 220 -8.48 -27.62 -20.61
N GLY B 221 -8.17 -26.64 -21.46
CA GLY B 221 -9.18 -25.81 -22.08
C GLY B 221 -9.70 -24.71 -21.18
N LYS B 222 -10.15 -23.62 -21.79
CA LYS B 222 -10.68 -22.48 -21.06
C LYS B 222 -12.18 -22.64 -20.85
N VAL B 223 -12.68 -21.96 -19.81
CA VAL B 223 -14.09 -21.97 -19.45
C VAL B 223 -14.67 -20.60 -19.78
N LEU B 224 -15.75 -20.58 -20.55
CA LEU B 224 -16.38 -19.34 -20.97
C LEU B 224 -17.56 -19.00 -20.08
N VAL B 225 -17.94 -17.72 -20.13
CA VAL B 225 -19.19 -17.25 -19.55
C VAL B 225 -20.19 -17.10 -20.69
N PRO B 226 -21.50 -17.06 -20.42
CA PRO B 226 -22.45 -16.78 -21.49
C PRO B 226 -22.18 -15.42 -22.13
N VAL B 227 -22.60 -15.28 -23.39
CA VAL B 227 -22.36 -14.05 -24.13
C VAL B 227 -22.95 -12.85 -23.40
N GLN B 228 -24.14 -13.03 -22.82
CA GLN B 228 -24.79 -11.91 -22.14
C GLN B 228 -24.01 -11.47 -20.91
N GLU B 229 -23.30 -12.38 -20.25
CA GLU B 229 -22.50 -11.99 -19.08
C GLU B 229 -21.37 -11.04 -19.49
N HIS B 230 -20.67 -11.38 -20.58
CA HIS B 230 -19.61 -10.50 -21.07
C HIS B 230 -20.18 -9.19 -21.58
N ILE B 231 -21.34 -9.24 -22.23
CA ILE B 231 -21.99 -8.01 -22.67
C ILE B 231 -22.33 -7.13 -21.49
N ASN B 232 -22.81 -7.72 -20.39
CA ASN B 232 -23.12 -6.96 -19.19
C ASN B 232 -21.86 -6.34 -18.60
N ARG B 233 -20.75 -7.09 -18.61
CA ARG B 233 -19.50 -6.53 -18.12
C ARG B 233 -19.05 -5.34 -18.97
N LEU B 234 -19.18 -5.46 -20.29
CA LEU B 234 -18.83 -4.35 -21.18
C LEU B 234 -19.73 -3.13 -20.93
N VAL B 235 -21.02 -3.38 -20.74
CA VAL B 235 -21.96 -2.29 -20.46
C VAL B 235 -21.62 -1.62 -19.13
N ALA B 236 -21.23 -2.41 -18.14
CA ALA B 236 -20.82 -1.85 -16.86
C ALA B 236 -19.57 -0.99 -17.02
N ILE B 237 -18.62 -1.44 -17.83
CA ILE B 237 -17.41 -0.64 -18.07
C ILE B 237 -17.79 0.68 -18.73
N ARG B 238 -18.65 0.63 -19.75
CA ARG B 238 -19.04 1.86 -20.44
C ARG B 238 -19.80 2.80 -19.50
N ALA B 239 -20.69 2.25 -18.66
CA ALA B 239 -21.43 3.07 -17.71
C ALA B 239 -20.50 3.72 -16.71
N SER B 240 -19.50 2.97 -16.21
CA SER B 240 -18.54 3.55 -15.29
C SER B 240 -17.73 4.66 -15.95
N ALA B 241 -17.32 4.46 -17.21
CA ALA B 241 -16.61 5.50 -17.93
C ALA B 241 -17.47 6.74 -18.11
N ASP B 242 -18.76 6.56 -18.42
CA ASP B 242 -19.65 7.69 -18.55
C ASP B 242 -19.84 8.42 -17.23
N ILE B 243 -19.93 7.67 -16.12
CA ILE B 243 -20.06 8.28 -14.81
C ILE B 243 -18.83 9.13 -14.50
N PHE B 244 -17.65 8.57 -14.76
CA PHE B 244 -16.41 9.33 -14.55
C PHE B 244 -16.16 10.36 -15.65
N GLY B 245 -16.97 10.38 -16.70
CA GLY B 245 -16.79 11.34 -17.77
C GLY B 245 -15.53 11.14 -18.57
N SER B 246 -15.18 9.89 -18.88
CA SER B 246 -13.96 9.57 -19.59
C SER B 246 -14.30 8.94 -20.94
N ASN B 247 -13.42 9.17 -21.92
CA ASN B 247 -13.52 8.54 -23.23
C ASN B 247 -12.81 7.21 -23.30
N LEU B 248 -12.70 6.52 -22.17
CA LEU B 248 -11.94 5.27 -22.08
C LEU B 248 -12.46 4.24 -23.08
N LEU B 249 -11.53 3.62 -23.79
CA LEU B 249 -11.88 2.59 -24.75
C LEU B 249 -12.12 1.25 -24.07
N ALA B 250 -13.13 0.52 -24.54
CA ALA B 250 -13.42 -0.81 -24.05
C ALA B 250 -12.90 -1.83 -25.07
N VAL B 251 -12.06 -2.74 -24.59
CA VAL B 251 -11.48 -3.80 -25.42
C VAL B 251 -12.01 -5.13 -24.92
N ALA B 252 -12.63 -5.90 -25.82
CA ALA B 252 -13.22 -7.18 -25.47
C ALA B 252 -12.48 -8.29 -26.21
N ARG B 253 -11.98 -9.27 -25.47
CA ARG B 253 -11.31 -10.42 -26.04
C ARG B 253 -12.18 -11.66 -25.85
N THR B 254 -12.35 -12.42 -26.91
CA THR B 254 -13.09 -13.68 -26.88
C THR B 254 -12.10 -14.83 -26.91
N ASP B 255 -12.24 -15.76 -25.96
CA ASP B 255 -11.38 -16.92 -25.85
C ASP B 255 -12.09 -18.21 -26.28
N SER B 256 -13.11 -18.09 -27.13
CA SER B 256 -13.94 -19.24 -27.47
C SER B 256 -13.25 -20.22 -28.40
N GLU B 257 -12.24 -19.79 -29.15
CA GLU B 257 -11.59 -20.69 -30.11
C GLU B 257 -10.91 -21.86 -29.41
N ALA B 258 -10.22 -21.59 -28.30
CA ALA B 258 -9.53 -22.63 -27.55
C ALA B 258 -10.32 -23.12 -26.34
N ALA B 259 -11.50 -22.56 -26.10
CA ALA B 259 -12.27 -22.91 -24.92
C ALA B 259 -12.96 -24.26 -25.10
N THR B 260 -13.10 -24.98 -23.98
CA THR B 260 -13.75 -26.28 -23.98
C THR B 260 -14.91 -26.39 -23.00
N LEU B 261 -15.12 -25.39 -22.15
CA LEU B 261 -16.17 -25.42 -21.15
C LEU B 261 -16.90 -24.09 -21.14
N ILE B 262 -18.15 -24.13 -20.68
CA ILE B 262 -18.97 -22.93 -20.51
C ILE B 262 -19.69 -23.03 -19.18
N THR B 263 -19.79 -21.91 -18.47
CA THR B 263 -20.37 -21.93 -17.13
C THR B 263 -21.86 -22.24 -17.16
N SER B 264 -22.58 -21.68 -18.13
CA SER B 264 -24.04 -21.81 -18.15
C SER B 264 -24.53 -21.93 -19.58
N THR B 265 -25.73 -22.49 -19.73
CA THR B 265 -26.41 -22.61 -21.01
C THR B 265 -27.55 -21.61 -21.14
N ILE B 266 -27.55 -20.55 -20.33
CA ILE B 266 -28.69 -19.65 -20.26
C ILE B 266 -28.84 -18.81 -21.52
N ASP B 267 -27.76 -18.61 -22.29
CA ASP B 267 -27.79 -17.78 -23.48
C ASP B 267 -28.05 -18.63 -24.71
N HIS B 268 -29.05 -18.25 -25.49
CA HIS B 268 -29.39 -19.01 -26.69
C HIS B 268 -28.25 -18.99 -27.70
N ARG B 269 -27.50 -17.89 -27.77
CA ARG B 269 -26.44 -17.76 -28.75
C ARG B 269 -25.34 -18.80 -28.53
N ASP B 270 -25.21 -19.31 -27.31
CA ASP B 270 -24.25 -20.37 -27.02
C ASP B 270 -24.79 -21.77 -27.27
N HIS B 271 -26.12 -21.91 -27.40
CA HIS B 271 -26.71 -23.25 -27.46
C HIS B 271 -26.21 -24.06 -28.64
N TYR B 272 -25.78 -23.39 -29.71
CA TYR B 272 -25.28 -24.11 -30.88
C TYR B 272 -23.97 -24.83 -30.57
N PHE B 273 -23.15 -24.29 -29.67
CA PHE B 273 -21.80 -24.77 -29.45
C PHE B 273 -21.67 -25.62 -28.19
N ILE B 274 -22.77 -26.03 -27.59
CA ILE B 274 -22.74 -26.82 -26.36
C ILE B 274 -22.73 -28.30 -26.71
N ILE B 275 -21.77 -29.03 -26.14
CA ILE B 275 -21.59 -30.45 -26.42
C ILE B 275 -22.48 -31.26 -25.50
N GLY B 276 -23.23 -32.21 -26.09
CA GLY B 276 -24.07 -33.10 -25.32
C GLY B 276 -23.84 -34.54 -25.74
N ALA B 277 -24.43 -35.44 -24.95
CA ALA B 277 -24.30 -36.87 -25.17
C ALA B 277 -25.51 -37.39 -25.94
N THR B 278 -25.27 -38.17 -26.99
CA THR B 278 -26.33 -38.76 -27.80
C THR B 278 -26.69 -40.18 -27.37
N ASN B 279 -26.09 -40.67 -26.28
CA ASN B 279 -26.39 -42.01 -25.80
C ASN B 279 -27.31 -41.92 -24.59
N PRO B 280 -28.57 -42.34 -24.71
CA PRO B 280 -29.49 -42.24 -23.55
C PRO B 280 -29.08 -43.09 -22.37
N GLU B 281 -28.23 -44.09 -22.56
CA GLU B 281 -27.86 -45.02 -21.49
C GLU B 281 -26.63 -44.58 -20.71
N ALA B 282 -26.10 -43.39 -20.99
CA ALA B 282 -24.90 -42.89 -20.33
C ALA B 282 -25.29 -42.02 -19.15
N GLY B 283 -24.72 -42.32 -17.98
CA GLY B 283 -24.96 -41.54 -16.79
C GLY B 283 -24.07 -40.31 -16.72
N ASP B 284 -24.27 -39.54 -15.64
CA ASP B 284 -23.52 -38.31 -15.45
C ASP B 284 -22.06 -38.62 -15.16
N LEU B 285 -21.15 -37.86 -15.79
CA LEU B 285 -19.72 -38.05 -15.54
C LEU B 285 -19.36 -37.71 -14.10
N ALA B 286 -19.88 -36.59 -13.60
CA ALA B 286 -19.55 -36.15 -12.25
C ALA B 286 -20.01 -37.17 -11.21
N ALA B 287 -21.24 -37.66 -11.37
CA ALA B 287 -21.75 -38.68 -10.45
C ALA B 287 -20.93 -39.96 -10.54
N LEU B 288 -20.56 -40.36 -11.76
CA LEU B 288 -19.76 -41.56 -11.94
C LEU B 288 -18.41 -41.45 -11.24
N MET B 289 -17.78 -40.27 -11.35
CA MET B 289 -16.48 -40.08 -10.70
C MET B 289 -16.63 -39.92 -9.19
N ALA B 290 -17.78 -39.42 -8.72
CA ALA B 290 -18.00 -39.29 -7.29
C ALA B 290 -18.21 -40.64 -6.65
N GLU B 291 -19.00 -41.51 -7.29
CA GLU B 291 -19.27 -42.84 -6.76
C GLU B 291 -18.13 -43.82 -7.00
N ALA B 292 -17.18 -43.48 -7.88
CA ALA B 292 -16.02 -44.31 -8.14
C ALA B 292 -14.71 -43.61 -7.78
N GLU B 293 -14.70 -42.83 -6.70
CA GLU B 293 -13.52 -42.10 -6.31
C GLU B 293 -12.67 -42.91 -5.33
N ILE B 297 -10.79 -45.10 -6.64
CA ILE B 297 -9.77 -45.54 -7.58
C ILE B 297 -8.83 -44.37 -7.86
N TYR B 298 -7.59 -44.70 -8.24
CA TYR B 298 -6.57 -43.69 -8.47
C TYR B 298 -6.94 -42.84 -9.69
N GLY B 299 -6.45 -41.59 -9.69
CA GLY B 299 -6.72 -40.70 -10.79
C GLY B 299 -6.14 -41.18 -12.10
N ASN B 300 -4.96 -41.82 -12.05
CA ASN B 300 -4.38 -42.43 -13.24
C ASN B 300 -5.27 -43.52 -13.80
N GLU B 301 -6.07 -44.16 -12.94
CA GLU B 301 -7.06 -45.14 -13.40
C GLU B 301 -8.42 -44.50 -13.63
N LEU B 302 -8.70 -43.37 -12.98
CA LEU B 302 -9.92 -42.62 -13.28
C LEU B 302 -9.88 -42.04 -14.68
N ALA B 303 -8.67 -41.78 -15.20
CA ALA B 303 -8.52 -41.30 -16.57
C ALA B 303 -9.04 -42.34 -17.55
N ALA B 304 -8.97 -43.62 -17.16
CA ALA B 304 -9.53 -44.71 -17.95
C ALA B 304 -11.05 -44.76 -17.89
N ILE B 305 -11.64 -44.54 -16.72
CA ILE B 305 -13.10 -44.51 -16.60
C ILE B 305 -13.66 -43.34 -17.40
N GLU B 306 -12.98 -42.19 -17.35
CA GLU B 306 -13.40 -41.05 -18.15
C GLU B 306 -13.34 -41.36 -19.64
N SER B 307 -12.28 -42.02 -20.08
CA SER B 307 -12.16 -42.39 -21.49
C SER B 307 -13.26 -43.37 -21.90
N GLU B 308 -13.55 -44.35 -21.05
CA GLU B 308 -14.60 -45.33 -21.34
C GLU B 308 -15.95 -44.64 -21.45
N TRP B 309 -16.26 -43.73 -20.51
CA TRP B 309 -17.52 -43.01 -20.59
C TRP B 309 -17.59 -42.14 -21.84
N THR B 310 -16.48 -41.47 -22.17
CA THR B 310 -16.46 -40.60 -23.35
C THR B 310 -16.69 -41.39 -24.63
N LYS B 311 -16.10 -42.59 -24.71
CA LYS B 311 -16.35 -43.43 -25.87
C LYS B 311 -17.78 -43.98 -25.88
N LYS B 312 -18.33 -44.28 -24.71
CA LYS B 312 -19.68 -44.84 -24.63
C LYS B 312 -20.72 -43.85 -25.15
N ALA B 313 -20.61 -42.58 -24.77
CA ALA B 313 -21.56 -41.56 -25.17
C ALA B 313 -20.93 -40.66 -26.22
N GLY B 314 -21.53 -40.63 -27.41
CA GLY B 314 -20.99 -39.81 -28.48
C GLY B 314 -21.16 -38.33 -28.20
N LEU B 315 -20.05 -37.67 -27.89
CA LEU B 315 -20.07 -36.24 -27.55
C LEU B 315 -20.07 -35.44 -28.85
N LYS B 316 -21.25 -34.94 -29.23
CA LYS B 316 -21.43 -34.23 -30.48
C LYS B 316 -22.29 -33.00 -30.24
N LEU B 317 -22.15 -32.03 -31.13
CA LEU B 317 -23.08 -30.91 -31.13
C LEU B 317 -24.41 -31.36 -31.70
N PHE B 318 -25.47 -30.64 -31.34
CA PHE B 318 -26.82 -31.05 -31.73
C PHE B 318 -26.98 -31.05 -33.24
N HIS B 319 -26.45 -30.04 -33.92
CA HIS B 319 -26.50 -30.05 -35.38
C HIS B 319 -25.68 -31.22 -35.94
N GLU B 320 -24.53 -31.50 -35.33
CA GLU B 320 -23.77 -32.68 -35.73
C GLU B 320 -24.55 -33.97 -35.47
N ALA B 321 -25.27 -34.02 -34.35
CA ALA B 321 -26.06 -35.21 -34.04
C ALA B 321 -27.16 -35.43 -35.07
N VAL B 322 -27.89 -34.36 -35.41
CA VAL B 322 -28.97 -34.52 -36.38
C VAL B 322 -28.41 -34.77 -37.78
N ILE B 323 -27.22 -34.26 -38.09
CA ILE B 323 -26.61 -34.55 -39.38
C ILE B 323 -26.22 -36.02 -39.47
N ASP B 324 -25.57 -36.55 -38.44
CA ASP B 324 -25.15 -37.95 -38.46
C ASP B 324 -26.32 -38.90 -38.29
N GLU B 325 -27.45 -38.44 -37.77
CA GLU B 325 -28.64 -39.27 -37.70
C GLU B 325 -29.47 -39.23 -38.98
N ILE B 326 -29.51 -38.07 -39.65
CA ILE B 326 -30.29 -37.94 -40.88
C ILE B 326 -29.63 -38.67 -42.05
N LYS B 327 -28.33 -38.96 -41.95
CA LYS B 327 -27.67 -39.79 -42.95
C LYS B 327 -28.14 -41.23 -42.92
N ASN B 328 -28.80 -41.66 -41.84
CA ASN B 328 -29.30 -43.02 -41.70
C ASN B 328 -30.80 -42.99 -42.01
N GLY B 329 -31.13 -43.13 -43.29
CA GLY B 329 -32.51 -43.13 -43.72
C GLY B 329 -32.87 -41.94 -44.60
N ASN B 330 -33.08 -42.20 -45.89
CA ASN B 330 -33.44 -41.14 -46.82
C ASN B 330 -34.86 -40.64 -46.53
N TYR B 331 -35.05 -39.35 -46.77
CA TYR B 331 -36.36 -38.73 -46.55
C TYR B 331 -36.89 -38.08 -47.83
N LYS B 334 -32.71 -35.69 -49.42
CA LYS B 334 -31.53 -35.63 -48.57
C LYS B 334 -30.93 -34.23 -48.53
N ASP B 335 -30.58 -33.72 -49.71
CA ASP B 335 -29.89 -32.43 -49.79
C ASP B 335 -30.77 -31.28 -49.30
N ALA B 336 -32.06 -31.29 -49.67
CA ALA B 336 -32.91 -30.14 -49.43
C ALA B 336 -33.12 -29.88 -47.95
N LEU B 337 -33.52 -30.92 -47.19
CA LEU B 337 -33.84 -30.71 -45.79
C LEU B 337 -32.58 -30.46 -44.95
N ILE B 338 -31.48 -31.14 -45.29
CA ILE B 338 -30.22 -30.87 -44.60
C ILE B 338 -29.77 -29.43 -44.85
N LYS B 339 -29.88 -28.98 -46.11
CA LYS B 339 -29.48 -27.62 -46.44
C LYS B 339 -30.34 -26.60 -45.72
N LYS B 340 -31.66 -26.82 -45.67
CA LYS B 340 -32.53 -25.84 -45.02
C LYS B 340 -32.31 -25.85 -43.51
N PHE B 341 -32.03 -27.02 -42.91
CA PHE B 341 -31.70 -27.05 -41.49
C PHE B 341 -30.42 -26.31 -41.20
N THR B 342 -29.39 -26.51 -42.04
CA THR B 342 -28.13 -25.81 -41.84
C THR B 342 -28.30 -24.31 -42.01
N ASP B 343 -29.11 -23.89 -42.98
CA ASP B 343 -29.38 -22.47 -43.16
C ASP B 343 -30.12 -21.88 -41.96
N LYS B 344 -31.08 -22.61 -41.40
CA LYS B 344 -31.83 -22.12 -40.25
C LYS B 344 -31.15 -22.39 -38.92
N VAL B 345 -30.25 -23.37 -38.86
CA VAL B 345 -29.51 -23.69 -37.64
C VAL B 345 -28.03 -23.64 -38.00
N ASN B 346 -27.41 -22.50 -37.78
CA ASN B 346 -26.00 -22.25 -38.09
C ASN B 346 -25.37 -21.53 -36.91
N PRO B 347 -24.03 -21.53 -36.82
CA PRO B 347 -23.38 -20.87 -35.68
C PRO B 347 -23.74 -19.40 -35.53
N LEU B 348 -24.06 -18.71 -36.61
CA LEU B 348 -24.38 -17.29 -36.58
C LEU B 348 -25.88 -17.04 -36.65
N SER B 349 -26.70 -17.97 -36.16
CA SER B 349 -28.15 -17.84 -36.19
C SER B 349 -28.78 -17.54 -34.84
N HIS B 350 -28.03 -17.69 -33.75
CA HIS B 350 -28.52 -17.42 -32.40
C HIS B 350 -29.79 -18.21 -32.10
N THR B 351 -29.81 -19.47 -32.53
CA THR B 351 -30.99 -20.33 -32.39
C THR B 351 -30.91 -21.11 -31.08
N SER B 352 -31.98 -21.02 -30.28
CA SER B 352 -32.04 -21.78 -29.05
C SER B 352 -32.14 -23.27 -29.35
N HIS B 353 -31.69 -24.07 -28.38
CA HIS B 353 -31.70 -25.52 -28.57
C HIS B 353 -33.11 -26.07 -28.71
N LYS B 354 -34.10 -25.48 -28.03
CA LYS B 354 -35.47 -25.92 -28.19
C LYS B 354 -35.97 -25.67 -29.61
N GLU B 355 -35.64 -24.50 -30.18
CA GLU B 355 -36.02 -24.22 -31.56
C GLU B 355 -35.34 -25.18 -32.53
N ALA B 356 -34.07 -25.50 -32.28
CA ALA B 356 -33.36 -26.45 -33.12
C ALA B 356 -34.00 -27.84 -33.05
N LYS B 357 -34.38 -28.27 -31.85
CA LYS B 357 -35.06 -29.56 -31.71
C LYS B 357 -36.41 -29.55 -32.42
N LYS B 358 -37.14 -28.43 -32.33
CA LYS B 358 -38.41 -28.31 -33.02
C LYS B 358 -38.23 -28.40 -34.53
N LEU B 359 -37.21 -27.72 -35.07
CA LEU B 359 -36.96 -27.79 -36.50
C LEU B 359 -36.55 -29.20 -36.93
N ALA B 360 -35.72 -29.87 -36.12
CA ALA B 360 -35.33 -31.24 -36.43
C ALA B 360 -36.53 -32.17 -36.41
N LYS B 361 -37.43 -32.00 -35.44
CA LYS B 361 -38.64 -32.82 -35.39
C LYS B 361 -39.53 -32.56 -36.59
N GLU B 362 -39.63 -31.29 -37.03
CA GLU B 362 -40.41 -30.98 -38.22
C GLU B 362 -39.78 -31.60 -39.46
N LEU B 363 -38.46 -31.65 -39.52
CA LEU B 363 -37.76 -32.15 -40.71
C LEU B 363 -37.51 -33.66 -40.64
N THR B 364 -36.76 -34.09 -39.62
CA THR B 364 -36.44 -35.52 -39.51
C THR B 364 -37.68 -36.34 -39.14
N GLY B 365 -38.50 -35.83 -38.23
CA GLY B 365 -39.69 -36.53 -37.81
C GLY B 365 -39.58 -37.24 -36.48
N LYS B 366 -38.42 -37.16 -35.81
CA LYS B 366 -38.22 -37.83 -34.54
C LYS B 366 -37.54 -36.86 -33.57
N ASP B 367 -37.71 -37.13 -32.28
CA ASP B 367 -37.06 -36.36 -31.23
C ASP B 367 -35.65 -36.89 -31.04
N ILE B 368 -34.66 -36.14 -31.52
CA ILE B 368 -33.28 -36.56 -31.39
C ILE B 368 -32.83 -36.38 -29.95
N TYR B 369 -32.34 -37.47 -29.35
CA TYR B 369 -31.88 -37.40 -27.97
C TYR B 369 -30.62 -36.55 -27.87
N PHE B 370 -30.60 -35.63 -26.91
CA PHE B 370 -29.44 -34.76 -26.72
C PHE B 370 -29.46 -34.27 -25.28
N ASN B 371 -28.54 -34.78 -24.46
CA ASN B 371 -28.45 -34.43 -23.04
C ASN B 371 -27.06 -33.88 -22.78
N TRP B 372 -26.98 -32.58 -22.53
CA TRP B 372 -25.72 -31.93 -22.21
C TRP B 372 -25.45 -31.84 -20.72
N ASP B 373 -26.39 -32.29 -19.89
CA ASP B 373 -26.19 -32.27 -18.44
C ASP B 373 -25.28 -33.41 -17.99
N VAL B 374 -25.36 -34.57 -18.63
CA VAL B 374 -24.52 -35.70 -18.24
C VAL B 374 -23.06 -35.48 -18.61
N ALA B 375 -22.79 -34.54 -19.51
CA ALA B 375 -21.43 -34.25 -19.94
C ALA B 375 -20.76 -33.14 -19.13
N ARG B 376 -21.43 -32.64 -18.10
CA ARG B 376 -20.87 -31.56 -17.29
C ARG B 376 -19.64 -32.04 -16.53
N ALA B 377 -18.77 -31.08 -16.20
CA ALA B 377 -17.57 -31.37 -15.44
C ALA B 377 -17.93 -31.60 -13.97
N ARG B 378 -16.90 -31.80 -13.14
CA ARG B 378 -17.13 -32.05 -11.72
C ARG B 378 -17.74 -30.82 -11.04
N GLU B 379 -17.31 -29.63 -11.44
CA GLU B 379 -17.81 -28.39 -10.87
C GLU B 379 -19.06 -27.87 -11.56
N GLY B 380 -19.56 -28.57 -12.58
CA GLY B 380 -20.79 -28.20 -13.24
C GLY B 380 -20.65 -27.44 -14.53
N TYR B 381 -19.43 -27.32 -15.07
CA TYR B 381 -19.23 -26.61 -16.33
C TYR B 381 -19.66 -27.49 -17.49
N TYR B 382 -20.49 -26.94 -18.37
CA TYR B 382 -20.95 -27.68 -19.54
C TYR B 382 -19.85 -27.76 -20.59
N ARG B 383 -19.80 -28.89 -21.29
CA ARG B 383 -18.86 -29.05 -22.39
C ARG B 383 -19.21 -28.10 -23.52
N TYR B 384 -18.20 -27.41 -24.04
CA TYR B 384 -18.39 -26.38 -25.04
C TYR B 384 -17.47 -26.65 -26.22
N GLN B 385 -18.01 -26.46 -27.44
CA GLN B 385 -17.21 -26.71 -28.64
C GLN B 385 -16.31 -25.52 -28.96
N GLY B 386 -16.90 -24.37 -29.20
CA GLY B 386 -16.09 -23.19 -29.51
C GLY B 386 -15.81 -23.11 -30.99
N GLY B 387 -14.54 -22.92 -31.33
CA GLY B 387 -14.13 -22.80 -32.72
C GLY B 387 -14.08 -21.37 -33.18
N THR B 388 -13.81 -21.21 -34.47
CA THR B 388 -13.68 -19.88 -35.05
C THR B 388 -15.06 -19.23 -35.26
N GLN B 389 -16.07 -20.04 -35.61
CA GLN B 389 -17.40 -19.47 -35.82
C GLN B 389 -18.02 -18.99 -34.52
N CYS B 390 -17.75 -19.70 -33.42
CA CYS B 390 -18.18 -19.20 -32.11
C CYS B 390 -17.51 -17.88 -31.78
N ALA B 391 -16.22 -17.76 -32.11
CA ALA B 391 -15.51 -16.50 -31.93
C ALA B 391 -16.13 -15.39 -32.76
N VAL B 392 -16.53 -15.70 -34.00
CA VAL B 392 -17.16 -14.71 -34.86
C VAL B 392 -18.49 -14.25 -34.25
N MET B 393 -19.29 -15.22 -33.78
CA MET B 393 -20.57 -14.87 -33.15
C MET B 393 -20.35 -14.00 -31.92
N ARG B 394 -19.39 -14.37 -31.07
CA ARG B 394 -19.13 -13.60 -29.87
C ARG B 394 -18.62 -12.20 -30.21
N GLY B 395 -17.74 -12.08 -31.20
CA GLY B 395 -17.26 -10.77 -31.61
C GLY B 395 -18.36 -9.90 -32.18
N ARG B 396 -19.26 -10.49 -32.96
CA ARG B 396 -20.40 -9.74 -33.48
C ARG B 396 -21.29 -9.26 -32.34
N ALA B 397 -21.50 -10.10 -31.32
CA ALA B 397 -22.33 -9.70 -30.19
C ALA B 397 -21.65 -8.62 -29.36
N PHE B 398 -20.32 -8.68 -29.23
CA PHE B 398 -19.58 -7.73 -28.42
C PHE B 398 -19.28 -6.43 -29.15
N ALA B 399 -19.41 -6.40 -30.47
CA ALA B 399 -19.08 -5.20 -31.23
C ALA B 399 -19.82 -3.94 -30.80
N PRO B 400 -21.15 -3.96 -30.54
CA PRO B 400 -21.82 -2.72 -30.14
C PRO B 400 -21.33 -2.14 -28.83
N TYR B 401 -20.66 -2.94 -27.99
CA TYR B 401 -20.28 -2.50 -26.65
C TYR B 401 -18.78 -2.35 -26.47
N ALA B 402 -17.97 -2.67 -27.47
CA ALA B 402 -16.53 -2.61 -27.36
C ALA B 402 -15.94 -1.89 -28.57
N ASP B 403 -14.98 -1.00 -28.32
CA ASP B 403 -14.30 -0.32 -29.42
C ASP B 403 -13.39 -1.27 -30.18
N LEU B 404 -12.71 -2.16 -29.47
CA LEU B 404 -11.80 -3.14 -30.07
C LEU B 404 -12.32 -4.54 -29.79
N ILE B 405 -12.36 -5.37 -30.82
CA ILE B 405 -12.70 -6.78 -30.69
C ILE B 405 -11.43 -7.59 -30.85
N TRP B 406 -11.10 -8.39 -29.84
CA TRP B 406 -9.83 -9.08 -29.75
C TRP B 406 -10.06 -10.58 -29.87
N MET B 407 -9.33 -11.22 -30.78
CA MET B 407 -9.40 -12.65 -31.00
C MET B 407 -8.07 -13.29 -30.63
N GLU B 408 -8.11 -14.33 -29.81
CA GLU B 408 -6.93 -15.07 -29.43
C GLU B 408 -6.73 -16.26 -30.36
N SER B 409 -5.48 -16.65 -30.54
CA SER B 409 -5.13 -17.77 -31.40
C SER B 409 -4.08 -18.63 -30.73
N ALA B 410 -4.32 -19.94 -30.70
CA ALA B 410 -3.31 -20.86 -30.17
C ALA B 410 -2.08 -20.89 -31.07
N LEU B 411 -2.29 -20.90 -32.38
CA LEU B 411 -1.20 -20.91 -33.34
C LEU B 411 -1.49 -19.91 -34.45
N PRO B 412 -0.45 -19.37 -35.10
CA PRO B 412 -0.68 -18.41 -36.19
C PRO B 412 -1.24 -19.08 -37.44
N ASP B 413 -2.49 -18.77 -37.78
CA ASP B 413 -3.14 -19.28 -38.97
C ASP B 413 -3.80 -18.11 -39.70
N TYR B 414 -3.36 -17.86 -40.94
CA TYR B 414 -3.90 -16.72 -41.68
C TYR B 414 -5.37 -16.93 -42.05
N ALA B 415 -5.76 -18.18 -42.34
CA ALA B 415 -7.14 -18.44 -42.73
C ALA B 415 -8.11 -18.16 -41.59
N GLN B 416 -7.73 -18.55 -40.36
CA GLN B 416 -8.62 -18.32 -39.22
C GLN B 416 -8.82 -16.83 -38.96
N ALA B 417 -7.71 -16.06 -39.00
CA ALA B 417 -7.82 -14.62 -38.83
C ALA B 417 -8.63 -14.00 -39.95
N LYS B 418 -8.43 -14.47 -41.19
CA LYS B 418 -9.17 -13.95 -42.32
C LYS B 418 -10.67 -14.17 -42.15
N GLU B 419 -11.07 -15.39 -41.76
CA GLU B 419 -12.50 -15.67 -41.64
C GLU B 419 -13.12 -14.93 -40.45
N PHE B 420 -12.38 -14.82 -39.34
CA PHE B 420 -12.88 -14.05 -38.21
C PHE B 420 -13.09 -12.58 -38.61
N ALA B 421 -12.10 -11.99 -39.27
CA ALA B 421 -12.22 -10.61 -39.70
C ALA B 421 -13.36 -10.43 -40.67
N ASP B 422 -13.51 -11.36 -41.62
CA ASP B 422 -14.58 -11.26 -42.60
C ASP B 422 -15.95 -11.33 -41.93
N GLY B 423 -16.13 -12.25 -41.00
CA GLY B 423 -17.41 -12.34 -40.30
C GLY B 423 -17.72 -11.09 -39.50
N VAL B 424 -16.75 -10.62 -38.71
CA VAL B 424 -17.00 -9.47 -37.85
C VAL B 424 -17.26 -8.22 -38.68
N LYS B 425 -16.48 -8.01 -39.74
CA LYS B 425 -16.67 -6.83 -40.58
C LYS B 425 -17.81 -6.99 -41.58
N ALA B 426 -18.37 -8.19 -41.72
CA ALA B 426 -19.60 -8.34 -42.47
C ALA B 426 -20.81 -8.03 -41.60
N ALA B 427 -20.75 -8.36 -40.31
CA ALA B 427 -21.82 -7.93 -39.41
C ALA B 427 -21.71 -6.43 -39.11
N VAL B 428 -20.60 -6.01 -38.51
CA VAL B 428 -20.35 -4.61 -38.20
C VAL B 428 -19.16 -4.16 -39.05
N PRO B 429 -19.38 -3.39 -40.12
CA PRO B 429 -18.28 -3.04 -41.03
C PRO B 429 -17.14 -2.26 -40.38
N ASP B 430 -17.47 -1.19 -39.68
CA ASP B 430 -16.45 -0.31 -39.10
C ASP B 430 -16.09 -0.73 -37.67
N GLN B 431 -15.74 -2.00 -37.49
CA GLN B 431 -15.35 -2.52 -36.19
C GLN B 431 -13.85 -2.77 -36.18
N TRP B 432 -13.16 -2.11 -35.25
CA TRP B 432 -11.73 -2.34 -35.09
C TRP B 432 -11.45 -3.71 -34.49
N LEU B 433 -10.36 -4.33 -34.92
CA LEU B 433 -10.03 -5.68 -34.51
C LEU B 433 -8.62 -5.71 -33.93
N ALA B 434 -8.40 -6.65 -33.00
CA ALA B 434 -7.11 -6.84 -32.36
C ALA B 434 -6.74 -8.32 -32.44
N TYR B 435 -5.44 -8.58 -32.57
CA TYR B 435 -4.95 -9.94 -32.77
C TYR B 435 -3.73 -10.17 -31.89
N ASN B 436 -3.61 -11.39 -31.36
CA ASN B 436 -2.44 -11.78 -30.58
C ASN B 436 -2.34 -13.29 -30.61
N LEU B 437 -1.16 -13.79 -30.26
CA LEU B 437 -0.87 -15.21 -30.24
C LEU B 437 -0.54 -15.66 -28.82
N SER B 438 -0.91 -16.89 -28.50
CA SER B 438 -0.67 -17.43 -27.18
C SER B 438 0.83 -17.59 -26.94
N PRO B 439 1.30 -17.36 -25.70
CA PRO B 439 2.72 -17.51 -25.35
C PRO B 439 3.04 -18.89 -24.78
N ALA B 449 10.53 -16.52 -36.85
CA ALA B 449 10.85 -16.45 -38.28
C ALA B 449 11.05 -15.00 -38.72
N ASP B 450 11.20 -14.81 -40.03
CA ASP B 450 11.41 -13.48 -40.60
C ASP B 450 10.23 -12.97 -41.41
N GLU B 451 9.31 -13.86 -41.81
CA GLU B 451 8.13 -13.47 -42.57
C GLU B 451 7.01 -12.93 -41.68
N GLN B 452 7.33 -12.55 -40.44
CA GLN B 452 6.29 -12.01 -39.56
C GLN B 452 5.86 -10.61 -40.00
N GLU B 453 6.74 -9.87 -40.68
CA GLU B 453 6.40 -8.52 -41.10
C GLU B 453 5.27 -8.52 -42.12
N THR B 454 5.39 -9.36 -43.16
CA THR B 454 4.34 -9.41 -44.17
C THR B 454 3.06 -10.01 -43.62
N TYR B 455 3.16 -10.97 -42.68
CA TYR B 455 1.97 -11.49 -42.02
C TYR B 455 1.25 -10.41 -41.23
N ILE B 456 2.01 -9.58 -40.51
CA ILE B 456 1.41 -8.48 -39.76
C ILE B 456 0.77 -7.47 -40.72
N LYS B 457 1.44 -7.19 -41.84
CA LYS B 457 0.87 -6.27 -42.81
C LYS B 457 -0.43 -6.82 -43.39
N ARG B 458 -0.46 -8.11 -43.71
CA ARG B 458 -1.69 -8.72 -44.22
C ARG B 458 -2.81 -8.67 -43.18
N LEU B 459 -2.49 -8.96 -41.92
CA LEU B 459 -3.50 -8.89 -40.88
C LEU B 459 -4.02 -7.46 -40.70
N GLY B 460 -3.14 -6.48 -40.82
CA GLY B 460 -3.58 -5.09 -40.79
C GLY B 460 -4.49 -4.75 -41.94
N LYS B 461 -4.19 -5.26 -43.13
CA LYS B 461 -5.06 -5.05 -44.27
C LYS B 461 -6.40 -5.76 -44.08
N LEU B 462 -6.43 -6.84 -43.31
CA LEU B 462 -7.68 -7.52 -43.01
C LEU B 462 -8.61 -6.63 -42.18
N GLY B 463 -8.05 -5.88 -41.24
CA GLY B 463 -8.85 -5.04 -40.37
C GLY B 463 -8.33 -5.00 -38.94
N TYR B 464 -7.27 -5.76 -38.68
CA TYR B 464 -6.65 -5.78 -37.35
C TYR B 464 -5.74 -4.56 -37.22
N VAL B 465 -6.11 -3.64 -36.33
CA VAL B 465 -5.40 -2.38 -36.17
C VAL B 465 -4.63 -2.33 -34.86
N TRP B 466 -4.51 -3.46 -34.16
CA TRP B 466 -3.85 -3.46 -32.86
C TRP B 466 -3.34 -4.89 -32.60
N GLN B 467 -2.03 -5.07 -32.68
CA GLN B 467 -1.43 -6.38 -32.53
C GLN B 467 -0.21 -6.31 -31.62
N PHE B 468 0.07 -7.43 -30.96
CA PHE B 468 1.29 -7.56 -30.15
C PHE B 468 1.57 -9.02 -29.83
N ILE C 14 22.40 -33.99 -1.12
CA ILE C 14 21.44 -35.00 -1.55
C ILE C 14 20.93 -35.79 -0.36
N GLN C 15 21.87 -36.45 0.34
CA GLN C 15 21.48 -37.26 1.50
C GLN C 15 20.87 -36.40 2.60
N LYS C 16 21.47 -35.23 2.86
CA LYS C 16 20.91 -34.34 3.87
C LYS C 16 19.54 -33.82 3.45
N GLU C 17 19.35 -33.59 2.15
CA GLU C 17 18.06 -33.11 1.66
C GLU C 17 16.96 -34.14 1.92
N GLU C 18 17.23 -35.41 1.58
CA GLU C 18 16.25 -36.46 1.85
C GLU C 18 16.04 -36.65 3.34
N ALA C 19 17.12 -36.53 4.13
CA ALA C 19 17.00 -36.67 5.58
C ALA C 19 16.08 -35.61 6.16
N ASP C 20 16.28 -34.35 5.77
CA ASP C 20 15.43 -33.29 6.31
C ASP C 20 14.01 -33.38 5.77
N PHE C 21 13.84 -33.83 4.52
CA PHE C 21 12.49 -34.04 4.01
C PHE C 21 11.75 -35.11 4.80
N GLN C 22 12.43 -36.22 5.10
CA GLN C 22 11.80 -37.27 5.89
C GLN C 22 11.50 -36.80 7.31
N LYS C 23 12.41 -36.02 7.89
CA LYS C 23 12.16 -35.47 9.21
C LYS C 23 10.97 -34.52 9.21
N GLU C 24 10.83 -33.72 8.14
CA GLU C 24 9.68 -32.84 8.02
C GLU C 24 8.38 -33.63 7.87
N VAL C 25 8.41 -34.70 7.09
CA VAL C 25 7.22 -35.56 6.98
C VAL C 25 6.86 -36.15 8.33
N ALA C 26 7.86 -36.61 9.08
CA ALA C 26 7.61 -37.18 10.40
C ALA C 26 7.03 -36.15 11.35
N GLU C 27 7.56 -34.92 11.33
CA GLU C 27 7.07 -33.89 12.22
C GLU C 27 5.68 -33.43 11.83
N ILE C 28 5.34 -33.46 10.53
CA ILE C 28 3.98 -33.16 10.10
C ILE C 28 3.03 -34.25 10.58
N LYS C 29 3.43 -35.51 10.44
CA LYS C 29 2.57 -36.60 10.90
C LYS C 29 2.36 -36.55 12.41
N LYS C 30 3.41 -36.22 13.17
CA LYS C 30 3.24 -36.03 14.60
C LYS C 30 2.35 -34.83 14.90
N TRP C 31 2.49 -33.77 14.11
CA TRP C 31 1.65 -32.58 14.29
C TRP C 31 0.18 -32.89 14.10
N TRP C 32 -0.13 -33.90 13.29
CA TRP C 32 -1.51 -34.28 13.01
C TRP C 32 -2.05 -35.28 14.01
N SER C 33 -1.30 -35.59 15.07
CA SER C 33 -1.71 -36.59 16.05
C SER C 33 -2.25 -35.98 17.34
N GLU C 34 -1.99 -34.70 17.61
CA GLU C 34 -2.46 -34.08 18.83
C GLU C 34 -3.97 -33.86 18.76
N PRO C 35 -4.63 -33.68 19.91
CA PRO C 35 -6.09 -33.52 19.93
C PRO C 35 -6.61 -32.33 19.14
N ARG C 36 -5.71 -31.49 18.62
CA ARG C 36 -6.13 -30.38 17.77
C ARG C 36 -6.84 -30.88 16.52
N TRP C 37 -6.30 -31.93 15.89
CA TRP C 37 -6.87 -32.50 14.67
C TRP C 37 -7.63 -33.78 14.95
N ARG C 38 -8.33 -33.86 16.08
CA ARG C 38 -9.07 -35.07 16.42
C ARG C 38 -10.21 -35.34 15.45
N LYS C 39 -10.78 -34.30 14.84
CA LYS C 39 -11.91 -34.46 13.94
C LYS C 39 -11.69 -33.72 12.62
N THR C 40 -10.42 -33.61 12.20
CA THR C 40 -10.07 -32.92 10.97
C THR C 40 -9.83 -33.95 9.88
N LYS C 41 -10.55 -33.81 8.76
CA LYS C 41 -10.42 -34.70 7.62
C LYS C 41 -9.53 -34.05 6.58
N ARG C 42 -8.43 -34.71 6.25
CA ARG C 42 -7.47 -34.21 5.26
C ARG C 42 -7.43 -35.15 4.07
N ILE C 43 -7.57 -34.57 2.86
CA ILE C 43 -7.47 -35.37 1.65
C ILE C 43 -6.04 -35.44 1.12
N TYR C 44 -5.14 -34.60 1.63
CA TYR C 44 -3.74 -34.59 1.21
C TYR C 44 -2.89 -35.38 2.19
N SER C 45 -1.84 -36.01 1.67
CA SER C 45 -0.90 -36.74 2.49
C SER C 45 0.13 -35.79 3.11
N ALA C 46 0.80 -36.28 4.15
CA ALA C 46 1.86 -35.48 4.77
C ALA C 46 3.00 -35.24 3.79
N GLU C 47 3.22 -36.17 2.86
CA GLU C 47 4.26 -35.98 1.86
C GLU C 47 3.96 -34.78 0.97
N ASP C 48 2.71 -34.61 0.56
CA ASP C 48 2.36 -33.45 -0.26
C ASP C 48 2.56 -32.14 0.50
N ILE C 49 2.16 -32.11 1.77
CA ILE C 49 2.33 -30.91 2.58
C ILE C 49 3.82 -30.60 2.76
N ALA C 50 4.63 -31.62 3.02
CA ALA C 50 6.07 -31.41 3.16
C ALA C 50 6.70 -30.92 1.86
N LYS C 51 6.29 -31.49 0.73
CA LYS C 51 6.81 -31.02 -0.56
C LYS C 51 6.38 -29.60 -0.89
N LYS C 52 5.20 -29.18 -0.45
CA LYS C 52 4.75 -27.81 -0.66
C LYS C 52 5.51 -26.79 0.18
N ARG C 53 6.16 -27.23 1.26
CA ARG C 53 6.90 -26.32 2.11
C ARG C 53 8.27 -26.01 1.50
N GLY C 54 8.87 -24.92 1.97
CA GLY C 54 10.17 -24.49 1.51
C GLY C 54 11.30 -25.03 2.39
N THR C 55 12.51 -24.58 2.09
CA THR C 55 13.68 -24.98 2.84
C THR C 55 13.88 -24.16 4.12
N LEU C 56 13.12 -23.09 4.30
CA LEU C 56 13.22 -22.24 5.49
C LEU C 56 11.92 -22.38 6.27
N LYS C 57 11.99 -23.01 7.44
CA LYS C 57 10.82 -23.16 8.29
C LYS C 57 10.48 -21.83 8.94
N ILE C 58 9.27 -21.32 8.65
CA ILE C 58 8.81 -20.04 9.17
C ILE C 58 7.66 -20.30 10.13
N ASN C 59 7.78 -19.76 11.35
CA ASN C 59 6.75 -19.87 12.36
C ASN C 59 6.00 -18.55 12.46
N HIS C 60 4.68 -18.65 12.65
CA HIS C 60 3.85 -17.47 12.74
C HIS C 60 3.21 -17.38 14.12
N PRO C 61 3.17 -16.18 14.72
CA PRO C 61 2.43 -16.02 15.98
C PRO C 61 0.94 -16.25 15.81
N SER C 62 0.42 -16.16 14.58
CA SER C 62 -0.98 -16.50 14.34
C SER C 62 -1.26 -17.96 14.69
N SER C 63 -0.26 -18.83 14.57
CA SER C 63 -0.45 -20.22 15.00
C SER C 63 -0.68 -20.29 16.51
N GLN C 64 0.08 -19.52 17.28
CA GLN C 64 -0.13 -19.48 18.73
C GLN C 64 -1.49 -18.88 19.05
N GLN C 65 -1.90 -17.86 18.32
CA GLN C 65 -3.23 -17.28 18.54
C GLN C 65 -4.33 -18.29 18.22
N ALA C 66 -4.13 -19.09 17.16
CA ALA C 66 -5.09 -20.14 16.82
C ALA C 66 -5.14 -21.21 17.90
N ASP C 67 -3.98 -21.57 18.47
CA ASP C 67 -3.97 -22.51 19.59
C ASP C 67 -4.74 -21.94 20.78
N LYS C 68 -4.53 -20.66 21.07
CA LYS C 68 -5.27 -20.03 22.17
C LYS C 68 -6.77 -20.04 21.91
N LEU C 69 -7.18 -19.73 20.68
CA LEU C 69 -8.60 -19.75 20.34
C LEU C 69 -9.18 -21.15 20.44
N PHE C 70 -8.42 -22.15 19.98
CA PHE C 70 -8.90 -23.53 20.07
C PHE C 70 -9.06 -23.97 21.52
N LYS C 71 -8.10 -23.63 22.38
CA LYS C 71 -8.22 -23.96 23.79
C LYS C 71 -9.41 -23.24 24.43
N LEU C 72 -9.62 -21.97 24.07
CA LEU C 72 -10.76 -21.23 24.59
C LEU C 72 -12.08 -21.87 24.17
N LEU C 73 -12.18 -22.27 22.89
CA LEU C 73 -13.40 -22.91 22.42
C LEU C 73 -13.60 -24.27 23.07
N GLU C 74 -12.51 -25.01 23.31
CA GLU C 74 -12.62 -26.27 24.04
C GLU C 74 -13.17 -26.04 25.44
N LYS C 75 -12.65 -25.03 26.14
CA LYS C 75 -13.13 -24.74 27.49
C LYS C 75 -14.60 -24.34 27.47
N HIS C 76 -15.00 -23.50 26.52
CA HIS C 76 -16.39 -23.07 26.45
C HIS C 76 -17.32 -24.23 26.10
N ASP C 77 -16.88 -25.13 25.21
CA ASP C 77 -17.69 -26.28 24.86
C ASP C 77 -17.83 -27.24 26.04
N ALA C 78 -16.75 -27.43 26.81
CA ALA C 78 -16.83 -28.27 28.00
C ALA C 78 -17.76 -27.64 29.04
N ASP C 79 -17.69 -26.31 29.19
CA ASP C 79 -18.49 -25.60 30.16
C ASP C 79 -19.87 -25.20 29.63
N LYS C 80 -20.16 -25.50 28.36
CA LYS C 80 -21.43 -25.14 27.73
C LYS C 80 -21.70 -23.64 27.86
N THR C 81 -20.66 -22.83 27.63
CA THR C 81 -20.74 -21.39 27.75
C THR C 81 -20.43 -20.74 26.41
N VAL C 82 -20.98 -19.55 26.20
CA VAL C 82 -20.84 -18.82 24.94
C VAL C 82 -19.57 -17.97 25.00
N SER C 83 -18.88 -17.89 23.86
CA SER C 83 -17.75 -16.98 23.69
C SER C 83 -18.26 -15.74 22.97
N PHE C 84 -18.41 -14.65 23.71
CA PHE C 84 -18.93 -13.43 23.13
C PHE C 84 -17.91 -12.81 22.18
N THR C 85 -18.41 -12.20 21.10
CA THR C 85 -17.58 -11.63 20.05
C THR C 85 -18.26 -10.35 19.56
N PHE C 86 -17.54 -9.60 18.73
CA PHE C 86 -18.10 -8.41 18.11
C PHE C 86 -17.31 -8.11 16.84
N GLY C 87 -17.96 -7.42 15.91
CA GLY C 87 -17.36 -7.08 14.64
C GLY C 87 -16.20 -6.10 14.77
N HIS C 93 -10.60 0.54 18.48
CA HIS C 93 -10.61 0.51 19.93
C HIS C 93 -10.24 -0.88 20.46
N VAL C 94 -8.94 -1.06 20.75
CA VAL C 94 -8.48 -2.32 21.31
C VAL C 94 -8.54 -2.34 22.83
N ALA C 95 -8.63 -1.18 23.47
CA ALA C 95 -8.65 -1.08 24.93
C ALA C 95 -9.85 -1.83 25.52
N GLN C 96 -11.04 -1.57 25.00
CA GLN C 96 -12.26 -2.22 25.48
C GLN C 96 -12.63 -3.45 24.66
N MET C 97 -11.83 -3.81 23.66
CA MET C 97 -12.06 -5.01 22.88
C MET C 97 -11.46 -6.25 23.54
N ALA C 98 -10.76 -6.07 24.67
CA ALA C 98 -10.22 -7.18 25.44
C ALA C 98 -10.79 -7.29 26.84
N LYS C 99 -11.48 -6.26 27.33
CA LYS C 99 -12.12 -6.34 28.65
C LYS C 99 -13.40 -7.16 28.58
N TYR C 100 -14.12 -7.08 27.47
CA TYR C 100 -15.45 -7.67 27.35
C TYR C 100 -15.56 -8.77 26.30
N LEU C 101 -14.49 -9.04 25.55
CA LEU C 101 -14.54 -9.99 24.44
C LEU C 101 -13.46 -11.04 24.60
N ASP C 102 -13.70 -12.21 24.00
CA ASP C 102 -12.70 -13.26 23.91
C ASP C 102 -12.07 -13.36 22.53
N SER C 103 -12.72 -12.81 21.50
CA SER C 103 -12.22 -12.85 20.14
C SER C 103 -12.81 -11.68 19.38
N ILE C 104 -12.23 -11.38 18.23
CA ILE C 104 -12.70 -10.32 17.35
C ILE C 104 -12.89 -10.90 15.95
N TYR C 105 -14.06 -10.67 15.38
CA TYR C 105 -14.37 -11.07 14.01
C TYR C 105 -14.24 -9.86 13.10
N VAL C 106 -13.48 -10.01 12.02
CA VAL C 106 -13.17 -8.91 11.10
C VAL C 106 -13.79 -9.23 9.75
N SER C 107 -14.60 -8.30 9.25
CA SER C 107 -15.27 -8.48 7.96
C SER C 107 -15.50 -7.11 7.33
N GLY C 108 -15.72 -7.11 6.03
CA GLY C 108 -15.98 -5.88 5.30
C GLY C 108 -17.46 -5.61 5.11
N THR C 132 -8.01 -5.50 1.71
CA THR C 132 -8.99 -4.82 2.55
C THR C 132 -9.11 -5.51 3.91
N VAL C 133 -9.81 -6.64 3.93
CA VAL C 133 -9.91 -7.42 5.17
C VAL C 133 -8.54 -7.88 5.67
N PRO C 134 -7.63 -8.39 4.81
CA PRO C 134 -6.27 -8.65 5.32
C PRO C 134 -5.59 -7.44 5.89
N ASN C 135 -5.81 -6.25 5.29
CA ASN C 135 -5.23 -5.04 5.83
C ASN C 135 -5.82 -4.71 7.20
N LYS C 136 -7.13 -4.89 7.37
CA LYS C 136 -7.74 -4.67 8.67
C LYS C 136 -7.18 -5.64 9.71
N VAL C 137 -7.01 -6.90 9.32
CA VAL C 137 -6.47 -7.90 10.25
C VAL C 137 -5.04 -7.54 10.64
N GLU C 138 -4.22 -7.14 9.67
CA GLU C 138 -2.83 -6.77 9.99
C GLU C 138 -2.77 -5.54 10.88
N HIS C 139 -3.61 -4.53 10.60
CA HIS C 139 -3.63 -3.33 11.43
C HIS C 139 -4.06 -3.64 12.85
N LEU C 140 -5.11 -4.46 13.01
CA LEU C 140 -5.56 -4.85 14.34
C LEU C 140 -4.51 -5.66 15.07
N TRP C 141 -3.83 -6.57 14.36
CA TRP C 141 -2.78 -7.37 14.96
C TRP C 141 -1.63 -6.50 15.45
N PHE C 142 -1.23 -5.52 14.63
CA PHE C 142 -0.17 -4.60 15.03
C PHE C 142 -0.60 -3.76 16.23
N ALA C 143 -1.86 -3.30 16.24
CA ALA C 143 -2.35 -2.54 17.38
C ALA C 143 -2.36 -3.38 18.66
N GLN C 144 -2.78 -4.64 18.56
CA GLN C 144 -2.78 -5.52 19.72
C GLN C 144 -1.36 -5.76 20.23
N LEU C 145 -0.42 -6.00 19.31
CA LEU C 145 0.97 -6.21 19.72
C LEU C 145 1.54 -4.95 20.37
N PHE C 146 1.23 -3.78 19.81
CA PHE C 146 1.73 -2.53 20.38
C PHE C 146 1.16 -2.30 21.78
N HIS C 147 -0.13 -2.54 21.97
CA HIS C 147 -0.73 -2.33 23.28
C HIS C 147 -0.20 -3.34 24.29
N ASP C 148 0.00 -4.60 23.88
CA ASP C 148 0.60 -5.59 24.77
C ASP C 148 2.01 -5.19 25.17
N ARG C 149 2.79 -4.71 24.19
CA ARG C 149 4.16 -4.25 24.47
C ARG C 149 4.14 -3.09 25.46
N LYS C 150 3.27 -2.12 25.25
CA LYS C 150 3.17 -0.97 26.14
C LYS C 150 2.76 -1.40 27.55
N GLN C 151 1.78 -2.30 27.65
CA GLN C 151 1.34 -2.77 28.96
C GLN C 151 2.47 -3.50 29.69
N ARG C 152 3.22 -4.34 28.98
CA ARG C 152 4.31 -5.05 29.64
C ARG C 152 5.43 -4.10 30.04
N GLU C 153 5.70 -3.08 29.23
CA GLU C 153 6.69 -2.08 29.60
C GLU C 153 6.26 -1.35 30.87
N GLU C 154 4.99 -0.96 30.95
CA GLU C 154 4.49 -0.26 32.13
C GLU C 154 4.54 -1.15 33.37
N ARG C 155 4.19 -2.43 33.22
CA ARG C 155 4.13 -3.31 34.38
C ARG C 155 5.52 -3.69 34.88
N LEU C 156 6.44 -4.01 33.96
CA LEU C 156 7.75 -4.49 34.36
C LEU C 156 8.56 -3.40 35.05
N THR C 157 8.37 -2.14 34.67
CA THR C 157 9.05 -1.04 35.35
C THR C 157 8.54 -0.83 36.76
N LEU C 158 7.42 -1.44 37.14
CA LEU C 158 6.85 -1.32 38.47
C LEU C 158 7.12 -2.60 39.24
N SER C 159 7.69 -2.47 40.43
CA SER C 159 8.02 -3.63 41.26
C SER C 159 7.35 -3.55 42.62
N GLU C 161 4.63 -4.95 44.11
CA GLU C 161 3.52 -4.62 45.00
C GLU C 161 2.44 -3.83 44.26
N GLU C 162 2.85 -2.75 43.60
CA GLU C 162 1.89 -1.92 42.87
C GLU C 162 1.37 -2.59 41.62
N ARG C 163 2.00 -3.69 41.18
CA ARG C 163 1.48 -4.43 40.04
C ARG C 163 0.17 -5.14 40.36
N ALA C 164 0.00 -5.59 41.60
CA ALA C 164 -1.24 -6.26 41.99
C ALA C 164 -2.43 -5.33 41.87
N LYS C 165 -2.28 -4.08 42.29
CA LYS C 165 -3.36 -3.11 42.14
C LYS C 165 -3.64 -2.80 40.68
N THR C 166 -2.61 -2.75 39.84
CA THR C 166 -2.78 -2.41 38.44
C THR C 166 -3.46 -3.56 37.70
N PRO C 167 -4.57 -3.32 37.01
CA PRO C 167 -5.24 -4.40 36.27
C PRO C 167 -4.43 -4.83 35.06
N TYR C 168 -4.65 -6.08 34.65
CA TYR C 168 -4.01 -6.68 33.49
C TYR C 168 -5.02 -6.84 32.37
N ILE C 169 -4.66 -6.40 31.17
CA ILE C 169 -5.52 -6.50 30.00
C ILE C 169 -4.81 -7.37 28.97
N ASP C 170 -5.47 -8.45 28.55
CA ASP C 170 -4.93 -9.36 27.55
C ASP C 170 -5.35 -8.85 26.18
N PHE C 171 -4.54 -7.97 25.59
CA PHE C 171 -4.84 -7.43 24.27
C PHE C 171 -4.76 -8.47 23.17
N LEU C 172 -4.07 -9.59 23.40
CA LEU C 172 -3.87 -10.61 22.38
C LEU C 172 -5.12 -11.47 22.25
N ARG C 173 -6.15 -10.85 21.69
CA ARG C 173 -7.41 -11.55 21.43
C ARG C 173 -7.35 -12.21 20.06
N PRO C 174 -7.69 -13.51 19.96
CA PRO C 174 -7.67 -14.17 18.65
C PRO C 174 -8.62 -13.49 17.67
N ILE C 175 -8.20 -13.44 16.41
CA ILE C 175 -8.90 -12.70 15.36
C ILE C 175 -9.48 -13.68 14.36
N ILE C 176 -10.75 -13.52 14.05
CA ILE C 176 -11.42 -14.30 13.02
C ILE C 176 -11.51 -13.42 11.77
N ALA C 177 -10.95 -13.91 10.66
CA ALA C 177 -10.89 -13.15 9.42
C ALA C 177 -11.91 -13.69 8.42
N ASP C 178 -12.65 -12.78 7.80
CA ASP C 178 -13.64 -13.14 6.79
C ASP C 178 -12.95 -13.19 5.43
N ALA C 179 -12.86 -14.39 4.85
CA ALA C 179 -12.20 -14.59 3.57
C ALA C 179 -13.22 -14.52 2.44
N ASP C 180 -13.69 -13.30 2.18
CA ASP C 180 -14.66 -13.05 1.11
C ASP C 180 -14.09 -12.17 0.01
N THR C 181 -12.77 -12.01 -0.04
CA THR C 181 -12.12 -11.18 -1.05
C THR C 181 -11.48 -11.99 -2.16
N GLY C 182 -11.65 -13.31 -2.16
CA GLY C 182 -11.11 -14.14 -3.22
C GLY C 182 -11.92 -14.05 -4.50
N HIS C 183 -13.17 -14.51 -4.44
CA HIS C 183 -14.18 -14.44 -5.49
C HIS C 183 -13.88 -15.31 -6.70
N GLY C 184 -12.73 -15.97 -6.77
CA GLY C 184 -12.45 -16.81 -7.91
C GLY C 184 -11.57 -18.02 -7.61
N GLY C 185 -12.07 -19.21 -7.94
CA GLY C 185 -11.29 -20.42 -7.92
C GLY C 185 -10.75 -20.82 -6.56
N ILE C 186 -9.69 -21.63 -6.61
CA ILE C 186 -9.06 -22.16 -5.41
C ILE C 186 -7.73 -21.47 -5.09
N THR C 187 -6.98 -21.03 -6.10
CA THR C 187 -5.72 -20.34 -5.84
C THR C 187 -5.94 -19.07 -5.02
N ALA C 188 -7.04 -18.37 -5.28
CA ALA C 188 -7.32 -17.14 -4.54
C ALA C 188 -7.51 -17.40 -3.05
N ILE C 189 -8.26 -18.45 -2.71
CA ILE C 189 -8.48 -18.75 -1.30
C ILE C 189 -7.19 -19.26 -0.66
N ILE C 190 -6.34 -19.95 -1.42
CA ILE C 190 -5.04 -20.38 -0.90
C ILE C 190 -4.19 -19.17 -0.54
N LYS C 191 -4.08 -18.21 -1.47
CA LYS C 191 -3.29 -17.02 -1.20
C LYS C 191 -3.90 -16.19 -0.08
N LEU C 192 -5.24 -16.13 -0.01
CA LEU C 192 -5.89 -15.39 1.06
C LEU C 192 -5.61 -16.02 2.42
N THR C 193 -5.62 -17.35 2.48
CA THR C 193 -5.26 -18.05 3.72
C THR C 193 -3.82 -17.77 4.10
N LYS C 194 -2.91 -17.79 3.13
CA LYS C 194 -1.51 -17.45 3.41
C LYS C 194 -1.40 -16.04 3.99
N MET C 195 -2.09 -15.08 3.36
CA MET C 195 -2.04 -13.70 3.83
C MET C 195 -2.61 -13.56 5.23
N PHE C 196 -3.74 -14.22 5.50
CA PHE C 196 -4.34 -14.15 6.83
C PHE C 196 -3.43 -14.75 7.88
N ILE C 197 -2.80 -15.88 7.59
CA ILE C 197 -1.88 -16.49 8.54
C ILE C 197 -0.69 -15.57 8.80
N GLU C 198 -0.15 -14.96 7.74
CA GLU C 198 1.00 -14.08 7.91
C GLU C 198 0.65 -12.82 8.69
N ARG C 199 -0.61 -12.39 8.64
CA ARG C 199 -1.03 -11.13 9.26
C ARG C 199 -1.70 -11.33 10.61
N GLY C 200 -1.57 -12.51 11.22
CA GLY C 200 -1.98 -12.71 12.58
C GLY C 200 -3.39 -13.22 12.79
N ALA C 201 -4.07 -13.67 11.74
CA ALA C 201 -5.41 -14.21 11.91
C ALA C 201 -5.36 -15.58 12.58
N ALA C 202 -6.17 -15.76 13.62
CA ALA C 202 -6.28 -17.04 14.29
C ALA C 202 -7.37 -17.93 13.71
N GLY C 203 -8.26 -17.38 12.90
CA GLY C 203 -9.32 -18.17 12.28
C GLY C 203 -9.77 -17.50 11.00
N ILE C 204 -10.25 -18.32 10.07
CA ILE C 204 -10.71 -17.86 8.76
C ILE C 204 -12.15 -18.31 8.58
N HIS C 205 -13.01 -17.38 8.17
CA HIS C 205 -14.42 -17.65 7.92
C HIS C 205 -14.72 -17.51 6.44
N ILE C 206 -15.43 -18.49 5.89
CA ILE C 206 -15.92 -18.44 4.52
C ILE C 206 -17.38 -18.85 4.50
N GLU C 207 -18.08 -18.42 3.46
CA GLU C 207 -19.49 -18.71 3.27
C GLU C 207 -19.68 -19.54 2.01
N ASP C 208 -20.80 -20.27 1.97
CA ASP C 208 -21.20 -20.99 0.77
C ASP C 208 -22.01 -20.12 -0.20
N GLN C 209 -22.16 -18.84 0.11
CA GLN C 209 -22.81 -17.91 -0.81
C GLN C 209 -21.95 -17.74 -2.06
N ALA C 210 -22.63 -17.53 -3.19
CA ALA C 210 -21.94 -17.41 -4.46
C ALA C 210 -21.06 -16.16 -4.48
N PRO C 211 -19.81 -16.25 -4.92
CA PRO C 211 -18.95 -15.07 -4.96
C PRO C 211 -19.47 -14.03 -5.94
N GLY C 212 -19.32 -12.76 -5.57
CA GLY C 212 -19.78 -11.67 -6.42
C GLY C 212 -21.27 -11.67 -6.67
N THR C 213 -22.06 -11.96 -5.64
CA THR C 213 -23.52 -11.98 -5.77
C THR C 213 -24.24 -11.25 -4.64
N LYS C 214 -23.51 -10.68 -3.68
CA LYS C 214 -24.15 -9.97 -2.58
C LYS C 214 -24.85 -8.71 -3.11
N LYS C 215 -26.05 -8.47 -2.61
CA LYS C 215 -26.87 -7.35 -3.06
C LYS C 215 -27.32 -6.53 -1.86
N CYS C 216 -27.53 -5.25 -2.10
CA CYS C 216 -28.00 -4.33 -1.05
C CYS C 216 -29.50 -4.47 -0.83
N MET C 219 -32.66 -7.07 -0.60
CA MET C 219 -31.93 -8.16 -1.24
C MET C 219 -32.89 -9.29 -1.62
N ALA C 220 -32.86 -9.67 -2.90
CA ALA C 220 -33.78 -10.68 -3.42
C ALA C 220 -33.20 -12.09 -3.26
N GLY C 221 -32.84 -12.42 -2.02
CA GLY C 221 -32.35 -13.73 -1.71
C GLY C 221 -30.89 -13.95 -2.07
N LYS C 222 -30.22 -14.83 -1.33
CA LYS C 222 -28.82 -15.14 -1.56
C LYS C 222 -28.68 -16.28 -2.57
N VAL C 223 -27.52 -16.32 -3.22
CA VAL C 223 -27.20 -17.34 -4.20
C VAL C 223 -26.13 -18.25 -3.60
N LEU C 224 -26.39 -19.55 -3.61
CA LEU C 224 -25.48 -20.53 -3.03
C LEU C 224 -24.60 -21.17 -4.10
N VAL C 225 -23.50 -21.75 -3.63
CA VAL C 225 -22.66 -22.61 -4.46
C VAL C 225 -23.00 -24.05 -4.09
N PRO C 226 -22.69 -25.03 -4.93
CA PRO C 226 -22.90 -26.43 -4.52
C PRO C 226 -22.09 -26.76 -3.28
N VAL C 227 -22.57 -27.76 -2.54
CA VAL C 227 -21.93 -28.15 -1.28
C VAL C 227 -20.47 -28.51 -1.52
N GLN C 228 -20.19 -29.22 -2.62
CA GLN C 228 -18.82 -29.64 -2.89
C GLN C 228 -17.90 -28.46 -3.14
N GLU C 229 -18.41 -27.36 -3.69
CA GLU C 229 -17.57 -26.18 -3.91
C GLU C 229 -17.10 -25.59 -2.58
N HIS C 230 -18.02 -25.46 -1.61
CA HIS C 230 -17.63 -24.96 -0.31
C HIS C 230 -16.72 -25.94 0.41
N ILE C 231 -16.96 -27.24 0.24
CA ILE C 231 -16.07 -28.25 0.82
C ILE C 231 -14.68 -28.11 0.25
N ASN C 232 -14.57 -27.88 -1.06
CA ASN C 232 -13.28 -27.69 -1.70
C ASN C 232 -12.58 -26.44 -1.17
N ARG C 233 -13.35 -25.36 -0.96
CA ARG C 233 -12.75 -24.15 -0.38
C ARG C 233 -12.22 -24.43 1.03
N LEU C 234 -12.99 -25.16 1.84
CA LEU C 234 -12.52 -25.50 3.19
C LEU C 234 -11.27 -26.37 3.14
N VAL C 235 -11.24 -27.33 2.21
CA VAL C 235 -10.06 -28.19 2.07
C VAL C 235 -8.86 -27.38 1.64
N ALA C 236 -9.06 -26.41 0.75
CA ALA C 236 -7.97 -25.53 0.34
C ALA C 236 -7.46 -24.71 1.52
N ILE C 237 -8.36 -24.22 2.35
CA ILE C 237 -7.95 -23.46 3.53
C ILE C 237 -7.11 -24.35 4.45
N ARG C 238 -7.58 -25.57 4.70
CA ARG C 238 -6.83 -26.48 5.58
C ARG C 238 -5.47 -26.84 4.99
N ALA C 239 -5.42 -27.06 3.68
CA ALA C 239 -4.15 -27.39 3.03
C ALA C 239 -3.17 -26.22 3.11
N SER C 240 -3.67 -25.00 2.91
CA SER C 240 -2.82 -23.83 3.04
C SER C 240 -2.30 -23.67 4.46
N ALA C 241 -3.15 -23.90 5.45
CA ALA C 241 -2.71 -23.84 6.85
C ALA C 241 -1.65 -24.90 7.13
N ASP C 242 -1.83 -26.10 6.61
CA ASP C 242 -0.84 -27.15 6.79
C ASP C 242 0.49 -26.78 6.12
N ILE C 243 0.42 -26.20 4.92
CA ILE C 243 1.64 -25.77 4.23
C ILE C 243 2.37 -24.71 5.05
N PHE C 244 1.64 -23.74 5.57
CA PHE C 244 2.25 -22.72 6.43
C PHE C 244 2.54 -23.24 7.83
N GLY C 245 2.11 -24.45 8.17
CA GLY C 245 2.37 -25.00 9.48
C GLY C 245 1.65 -24.29 10.60
N SER C 246 0.40 -23.91 10.39
CA SER C 246 -0.38 -23.16 11.37
C SER C 246 -1.58 -23.99 11.83
N ASN C 247 -1.98 -23.77 13.08
CA ASN C 247 -3.16 -24.39 13.66
C ASN C 247 -4.42 -23.56 13.43
N LEU C 248 -4.44 -22.79 12.34
CA LEU C 248 -5.54 -21.87 12.05
C LEU C 248 -6.87 -22.60 11.99
N LEU C 249 -7.87 -22.05 12.66
CA LEU C 249 -9.20 -22.63 12.66
C LEU C 249 -9.96 -22.25 11.40
N ALA C 250 -10.71 -23.20 10.87
CA ALA C 250 -11.57 -22.97 9.72
C ALA C 250 -13.01 -22.84 10.20
N VAL C 251 -13.65 -21.72 9.85
CA VAL C 251 -15.03 -21.43 10.22
C VAL C 251 -15.85 -21.39 8.95
N ALA C 252 -16.89 -22.22 8.88
CA ALA C 252 -17.75 -22.31 7.71
C ALA C 252 -19.15 -21.83 8.08
N ARG C 253 -19.66 -20.87 7.33
CA ARG C 253 -21.01 -20.35 7.51
C ARG C 253 -21.87 -20.76 6.33
N THR C 254 -23.05 -21.30 6.62
CA THR C 254 -24.03 -21.68 5.60
C THR C 254 -25.13 -20.64 5.56
N ASP C 255 -25.42 -20.12 4.37
CA ASP C 255 -26.45 -19.12 4.17
C ASP C 255 -27.69 -19.68 3.48
N SER C 256 -27.91 -21.00 3.60
CA SER C 256 -28.97 -21.67 2.86
C SER C 256 -30.36 -21.35 3.39
N GLU C 257 -30.48 -20.94 4.65
CA GLU C 257 -31.81 -20.69 5.22
C GLU C 257 -32.53 -19.55 4.51
N ALA C 258 -31.81 -18.47 4.22
CA ALA C 258 -32.39 -17.32 3.53
C ALA C 258 -32.09 -17.30 2.04
N ALA C 259 -31.36 -18.29 1.53
CA ALA C 259 -30.98 -18.31 0.12
C ALA C 259 -32.15 -18.73 -0.76
N THR C 260 -32.18 -18.16 -1.96
CA THR C 260 -33.22 -18.48 -2.94
C THR C 260 -32.69 -18.96 -4.28
N LEU C 261 -31.37 -18.91 -4.49
CA LEU C 261 -30.77 -19.30 -5.77
C LEU C 261 -29.54 -20.17 -5.50
N ILE C 262 -29.21 -21.00 -6.48
CA ILE C 262 -28.02 -21.84 -6.43
C ILE C 262 -27.35 -21.78 -7.80
N THR C 263 -26.01 -21.72 -7.80
CA THR C 263 -25.28 -21.55 -9.05
C THR C 263 -25.40 -22.79 -9.94
N SER C 264 -25.35 -23.97 -9.36
CA SER C 264 -25.32 -25.19 -10.16
C SER C 264 -26.09 -26.30 -9.45
N THR C 265 -26.51 -27.28 -10.24
CA THR C 265 -27.19 -28.48 -9.75
C THR C 265 -26.28 -29.70 -9.75
N ILE C 266 -24.97 -29.49 -9.80
CA ILE C 266 -24.03 -30.59 -9.99
C ILE C 266 -23.96 -31.50 -8.77
N ASP C 267 -24.29 -31.00 -7.59
CA ASP C 267 -24.18 -31.76 -6.36
C ASP C 267 -25.51 -32.42 -6.04
N HIS C 268 -25.48 -33.74 -5.82
CA HIS C 268 -26.70 -34.47 -5.51
C HIS C 268 -27.33 -34.00 -4.21
N ARG C 269 -26.50 -33.61 -3.23
CA ARG C 269 -27.01 -33.20 -1.93
C ARG C 269 -27.90 -31.97 -2.02
N ASP C 270 -27.73 -31.15 -3.07
CA ASP C 270 -28.58 -30.00 -3.30
C ASP C 270 -29.84 -30.32 -4.09
N HIS C 271 -29.89 -31.49 -4.75
CA HIS C 271 -30.99 -31.78 -5.67
C HIS C 271 -32.34 -31.78 -4.97
N TYR C 272 -32.37 -32.07 -3.66
CA TYR C 272 -33.63 -32.07 -2.94
C TYR C 272 -34.23 -30.68 -2.84
N PHE C 273 -33.39 -29.64 -2.78
CA PHE C 273 -33.85 -28.29 -2.48
C PHE C 273 -33.95 -27.41 -3.71
N ILE C 274 -33.87 -27.97 -4.91
CA ILE C 274 -33.91 -27.19 -6.15
C ILE C 274 -35.35 -27.08 -6.60
N ILE C 275 -35.79 -25.86 -6.88
CA ILE C 275 -37.16 -25.58 -7.28
C ILE C 275 -37.29 -25.73 -8.78
N GLY C 276 -38.32 -26.48 -9.22
CA GLY C 276 -38.59 -26.65 -10.62
C GLY C 276 -40.05 -26.39 -10.92
N ALA C 277 -40.37 -26.34 -12.21
CA ALA C 277 -41.71 -26.07 -12.69
C ALA C 277 -42.41 -27.38 -13.02
N THR C 278 -43.63 -27.54 -12.55
CA THR C 278 -44.43 -28.73 -12.80
C THR C 278 -45.38 -28.57 -13.98
N ASN C 279 -45.31 -27.44 -14.69
CA ASN C 279 -46.19 -27.19 -15.83
C ASN C 279 -45.39 -27.42 -17.11
N PRO C 280 -45.67 -28.46 -17.89
CA PRO C 280 -44.90 -28.70 -19.12
C PRO C 280 -45.05 -27.61 -20.17
N GLU C 281 -46.11 -26.79 -20.08
CA GLU C 281 -46.39 -25.78 -21.09
C GLU C 281 -45.74 -24.43 -20.80
N ALA C 282 -44.93 -24.34 -19.74
CA ALA C 282 -44.30 -23.09 -19.36
C ALA C 282 -42.91 -23.00 -19.97
N GLY C 283 -42.63 -21.88 -20.64
CA GLY C 283 -41.33 -21.65 -21.23
C GLY C 283 -40.34 -21.08 -20.22
N ASP C 284 -39.13 -20.88 -20.70
CA ASP C 284 -38.05 -20.37 -19.85
C ASP C 284 -38.33 -18.92 -19.46
N LEU C 285 -38.10 -18.60 -18.18
CA LEU C 285 -38.29 -17.23 -17.71
C LEU C 285 -37.31 -16.28 -18.37
N ALA C 286 -36.03 -16.68 -18.44
CA ALA C 286 -35.00 -15.81 -19.01
C ALA C 286 -35.28 -15.52 -20.48
N ALA C 287 -35.66 -16.55 -21.24
CA ALA C 287 -36.00 -16.34 -22.64
C ALA C 287 -37.23 -15.44 -22.79
N LEU C 288 -38.23 -15.64 -21.94
CA LEU C 288 -39.44 -14.84 -21.98
C LEU C 288 -39.13 -13.37 -21.72
N MET C 289 -38.26 -13.09 -20.75
CA MET C 289 -37.90 -11.72 -20.46
C MET C 289 -36.97 -11.14 -21.51
N ALA C 290 -36.18 -11.97 -22.18
CA ALA C 290 -35.32 -11.48 -23.24
C ALA C 290 -36.13 -11.09 -24.48
N GLU C 291 -37.10 -11.91 -24.85
CA GLU C 291 -37.94 -11.64 -26.01
C GLU C 291 -39.02 -10.61 -25.73
N ALA C 292 -39.28 -10.29 -24.46
CA ALA C 292 -40.25 -9.27 -24.08
C ALA C 292 -39.61 -8.12 -23.33
N GLU C 293 -38.39 -7.73 -23.71
CA GLU C 293 -37.70 -6.65 -23.00
C GLU C 293 -37.98 -5.32 -23.67
N ILE C 297 -40.72 -3.94 -22.84
CA ILE C 297 -41.68 -3.46 -21.86
C ILE C 297 -40.94 -3.01 -20.61
N TYR C 298 -41.55 -2.08 -19.88
CA TYR C 298 -40.91 -1.53 -18.69
C TYR C 298 -40.77 -2.58 -17.61
N GLY C 299 -39.76 -2.40 -16.75
CA GLY C 299 -39.52 -3.34 -15.67
C GLY C 299 -40.69 -3.40 -14.69
N ASN C 300 -41.32 -2.25 -14.43
CA ASN C 300 -42.50 -2.23 -13.58
C ASN C 300 -43.63 -3.06 -14.19
N GLU C 301 -43.67 -3.20 -15.51
CA GLU C 301 -44.62 -4.08 -16.18
C GLU C 301 -44.04 -5.47 -16.40
N LEU C 302 -42.71 -5.60 -16.45
CA LEU C 302 -42.10 -6.91 -16.50
C LEU C 302 -42.32 -7.69 -15.20
N ALA C 303 -42.50 -6.97 -14.10
CA ALA C 303 -42.80 -7.59 -12.82
C ALA C 303 -44.14 -8.32 -12.90
N ALA C 304 -45.03 -7.84 -13.76
CA ALA C 304 -46.30 -8.50 -14.02
C ALA C 304 -46.16 -9.76 -14.87
N ILE C 305 -45.29 -9.72 -15.90
CA ILE C 305 -45.05 -10.91 -16.71
C ILE C 305 -44.41 -12.00 -15.86
N GLU C 306 -43.47 -11.61 -14.99
CA GLU C 306 -42.86 -12.57 -14.09
C GLU C 306 -43.90 -13.20 -13.17
N SER C 307 -44.80 -12.38 -12.63
CA SER C 307 -45.85 -12.91 -11.75
C SER C 307 -46.77 -13.87 -12.50
N GLU C 308 -47.14 -13.51 -13.72
CA GLU C 308 -48.01 -14.35 -14.54
C GLU C 308 -47.34 -15.70 -14.83
N TRP C 309 -46.05 -15.67 -15.19
CA TRP C 309 -45.33 -16.91 -15.43
C TRP C 309 -45.23 -17.74 -14.17
N THR C 310 -44.94 -17.09 -13.03
CA THR C 310 -44.80 -17.81 -11.77
C THR C 310 -46.11 -18.49 -11.37
N LYS C 311 -47.23 -17.81 -11.60
CA LYS C 311 -48.52 -18.43 -11.32
C LYS C 311 -48.84 -19.54 -12.31
N LYS C 312 -48.44 -19.38 -13.57
CA LYS C 312 -48.73 -20.39 -14.59
C LYS C 312 -48.03 -21.72 -14.27
N ALA C 313 -46.77 -21.67 -13.87
CA ALA C 313 -45.99 -22.87 -13.57
C ALA C 313 -45.84 -23.02 -12.07
N GLY C 314 -46.36 -24.11 -11.52
CA GLY C 314 -46.26 -24.33 -10.09
C GLY C 314 -44.84 -24.61 -9.65
N LEU C 315 -44.23 -23.65 -8.98
CA LEU C 315 -42.85 -23.76 -8.53
C LEU C 315 -42.84 -24.55 -7.23
N LYS C 316 -42.46 -25.83 -7.32
CA LYS C 316 -42.48 -26.73 -6.19
C LYS C 316 -41.21 -27.56 -6.20
N LEU C 317 -40.86 -28.06 -5.02
CA LEU C 317 -39.81 -29.07 -4.94
C LEU C 317 -40.33 -30.40 -5.45
N PHE C 318 -39.41 -31.26 -5.90
CA PHE C 318 -39.82 -32.52 -6.52
C PHE C 318 -40.58 -33.40 -5.54
N HIS C 319 -40.12 -33.47 -4.29
CA HIS C 319 -40.86 -34.22 -3.29
C HIS C 319 -42.23 -33.59 -3.05
N GLU C 320 -42.29 -32.25 -3.03
CA GLU C 320 -43.59 -31.59 -2.93
C GLU C 320 -44.46 -31.89 -4.13
N ALA C 321 -43.87 -31.93 -5.33
CA ALA C 321 -44.63 -32.23 -6.53
C ALA C 321 -45.22 -33.64 -6.47
N VAL C 322 -44.42 -34.62 -6.09
CA VAL C 322 -44.92 -35.99 -6.03
C VAL C 322 -45.91 -36.16 -4.89
N ILE C 323 -45.77 -35.39 -3.80
CA ILE C 323 -46.74 -35.45 -2.72
C ILE C 323 -48.08 -34.89 -3.17
N ASP C 324 -48.07 -33.73 -3.83
CA ASP C 324 -49.32 -33.12 -4.28
C ASP C 324 -49.93 -33.86 -5.46
N GLU C 325 -49.14 -34.65 -6.20
CA GLU C 325 -49.69 -35.48 -7.26
C GLU C 325 -50.22 -36.82 -6.75
N ILE C 326 -49.57 -37.39 -5.74
CA ILE C 326 -50.00 -38.68 -5.20
C ILE C 326 -51.28 -38.56 -4.40
N LYS C 327 -51.63 -37.35 -3.94
CA LYS C 327 -52.91 -37.13 -3.30
C LYS C 327 -54.08 -37.24 -4.28
N ASN C 328 -53.81 -37.20 -5.58
CA ASN C 328 -54.85 -37.31 -6.60
C ASN C 328 -54.84 -38.73 -7.14
N GLY C 329 -55.56 -39.62 -6.46
CA GLY C 329 -55.63 -41.01 -6.88
C GLY C 329 -55.03 -41.96 -5.87
N ASN C 330 -55.89 -42.72 -5.19
CA ASN C 330 -55.41 -43.69 -4.20
C ASN C 330 -54.69 -44.84 -4.88
N TYR C 331 -53.69 -45.38 -4.19
CA TYR C 331 -52.90 -46.49 -4.70
C TYR C 331 -52.95 -47.68 -3.76
N LYS C 334 -52.18 -45.35 0.67
CA LYS C 334 -51.82 -43.94 0.71
C LYS C 334 -50.67 -43.68 1.68
N ASP C 335 -50.87 -44.05 2.94
CA ASP C 335 -49.89 -43.74 3.97
C ASP C 335 -48.57 -44.47 3.74
N ALA C 336 -48.64 -45.74 3.33
CA ALA C 336 -47.43 -46.56 3.29
C ALA C 336 -46.43 -46.06 2.25
N LEU C 337 -46.88 -45.84 1.03
CA LEU C 337 -45.95 -45.45 -0.03
C LEU C 337 -45.46 -44.03 0.15
N ILE C 338 -46.33 -43.12 0.61
CA ILE C 338 -45.87 -41.77 0.91
C ILE C 338 -44.82 -41.78 2.01
N LYS C 339 -45.08 -42.57 3.07
CA LYS C 339 -44.13 -42.64 4.17
C LYS C 339 -42.79 -43.22 3.72
N LYS C 340 -42.81 -44.27 2.90
CA LYS C 340 -41.55 -44.87 2.46
C LYS C 340 -40.80 -43.93 1.51
N PHE C 341 -41.53 -43.19 0.67
CA PHE C 341 -40.87 -42.22 -0.19
C PHE C 341 -40.23 -41.11 0.64
N THR C 342 -40.94 -40.61 1.66
CA THR C 342 -40.38 -39.57 2.50
C THR C 342 -39.16 -40.08 3.27
N ASP C 343 -39.21 -41.32 3.74
CA ASP C 343 -38.06 -41.91 4.42
C ASP C 343 -36.88 -42.05 3.48
N LYS C 344 -37.10 -42.46 2.24
CA LYS C 344 -36.02 -42.63 1.29
C LYS C 344 -35.64 -41.34 0.56
N VAL C 345 -36.54 -40.36 0.50
CA VAL C 345 -36.27 -39.07 -0.14
C VAL C 345 -36.58 -38.01 0.91
N ASN C 346 -35.56 -37.58 1.63
CA ASN C 346 -35.65 -36.58 2.68
C ASN C 346 -34.51 -35.60 2.52
N PRO C 347 -34.61 -34.41 3.15
CA PRO C 347 -33.53 -33.42 3.01
C PRO C 347 -32.16 -33.93 3.43
N LEU C 348 -32.10 -34.86 4.37
CA LEU C 348 -30.83 -35.39 4.88
C LEU C 348 -30.49 -36.74 4.28
N SER C 349 -30.95 -37.02 3.06
CA SER C 349 -30.69 -38.29 2.41
C SER C 349 -29.68 -38.22 1.27
N HIS C 350 -29.33 -37.02 0.81
CA HIS C 350 -28.36 -36.83 -0.27
C HIS C 350 -28.74 -37.62 -1.51
N THR C 351 -30.04 -37.61 -1.83
CA THR C 351 -30.56 -38.38 -2.96
C THR C 351 -30.57 -37.53 -4.22
N SER C 352 -29.98 -38.06 -5.29
CA SER C 352 -29.98 -37.37 -6.56
C SER C 352 -31.40 -37.31 -7.13
N HIS C 353 -31.63 -36.32 -7.98
CA HIS C 353 -32.96 -36.15 -8.55
C HIS C 353 -33.36 -37.32 -9.45
N LYS C 354 -32.39 -37.92 -10.15
CA LYS C 354 -32.70 -39.10 -10.95
C LYS C 354 -33.16 -40.26 -10.08
N GLU C 355 -32.49 -40.48 -8.94
CA GLU C 355 -32.91 -41.54 -8.03
C GLU C 355 -34.30 -41.25 -7.46
N ALA C 356 -34.58 -39.99 -7.14
CA ALA C 356 -35.90 -39.62 -6.64
C ALA C 356 -36.98 -39.88 -7.71
N LYS C 357 -36.70 -39.53 -8.96
CA LYS C 357 -37.64 -39.81 -10.04
C LYS C 357 -37.85 -41.30 -10.22
N LYS C 358 -36.77 -42.08 -10.11
CA LYS C 358 -36.89 -43.53 -10.22
C LYS C 358 -37.77 -44.09 -9.11
N LEU C 359 -37.56 -43.62 -7.87
CA LEU C 359 -38.38 -44.11 -6.76
C LEU C 359 -39.84 -43.69 -6.94
N ALA C 360 -40.09 -42.48 -7.41
CA ALA C 360 -41.46 -42.03 -7.66
C ALA C 360 -42.11 -42.87 -8.75
N LYS C 361 -41.38 -43.19 -9.81
CA LYS C 361 -41.91 -44.05 -10.86
C LYS C 361 -42.21 -45.44 -10.34
N GLU C 362 -41.34 -45.97 -9.48
CA GLU C 362 -41.60 -47.28 -8.88
C GLU C 362 -42.84 -47.25 -7.99
N LEU C 363 -43.06 -46.14 -7.28
CA LEU C 363 -44.16 -46.03 -6.34
C LEU C 363 -45.43 -45.50 -6.99
N THR C 364 -45.38 -44.29 -7.54
CA THR C 364 -46.56 -43.70 -8.15
C THR C 364 -46.94 -44.42 -9.45
N GLY C 365 -45.96 -44.78 -10.26
CA GLY C 365 -46.20 -45.44 -11.52
C GLY C 365 -46.14 -44.56 -12.74
N LYS C 366 -45.85 -43.26 -12.59
CA LYS C 366 -45.79 -42.34 -13.70
C LYS C 366 -44.56 -41.46 -13.56
N ASP C 367 -44.10 -40.93 -14.69
CA ASP C 367 -42.97 -40.00 -14.72
C ASP C 367 -43.49 -38.62 -14.39
N ILE C 368 -43.20 -38.15 -13.17
CA ILE C 368 -43.64 -36.83 -12.76
C ILE C 368 -42.80 -35.77 -13.47
N TYR C 369 -43.47 -34.86 -14.16
CA TYR C 369 -42.76 -33.80 -14.87
C TYR C 369 -42.13 -32.83 -13.87
N PHE C 370 -40.85 -32.52 -14.09
CA PHE C 370 -40.14 -31.60 -13.21
C PHE C 370 -38.98 -31.00 -14.00
N ASN C 371 -39.11 -29.73 -14.36
CA ASN C 371 -38.09 -29.01 -15.14
C ASN C 371 -37.63 -27.80 -14.34
N TRP C 372 -36.41 -27.86 -13.84
CA TRP C 372 -35.83 -26.74 -13.09
C TRP C 372 -35.02 -25.80 -13.96
N ASP C 373 -34.87 -26.11 -15.25
CA ASP C 373 -34.14 -25.23 -16.16
C ASP C 373 -34.98 -24.02 -16.57
N VAL C 374 -36.29 -24.19 -16.72
CA VAL C 374 -37.14 -23.07 -17.12
C VAL C 374 -37.31 -22.06 -16.00
N ALA C 375 -36.99 -22.44 -14.76
CA ALA C 375 -37.11 -21.55 -13.62
C ALA C 375 -35.82 -20.79 -13.32
N ARG C 376 -34.79 -20.94 -14.14
CA ARG C 376 -33.52 -20.27 -13.90
C ARG C 376 -33.67 -18.76 -14.04
N ALA C 377 -32.79 -18.03 -13.35
CA ALA C 377 -32.77 -16.58 -13.42
C ALA C 377 -32.17 -16.13 -14.74
N ARG C 378 -32.05 -14.81 -14.90
CA ARG C 378 -31.50 -14.27 -16.14
C ARG C 378 -30.05 -14.68 -16.34
N GLU C 379 -29.28 -14.72 -15.25
CA GLU C 379 -27.87 -15.10 -15.31
C GLU C 379 -27.65 -16.61 -15.21
N GLY C 380 -28.71 -17.40 -15.10
CA GLY C 380 -28.59 -18.83 -15.08
C GLY C 380 -28.63 -19.49 -13.71
N TYR C 381 -28.93 -18.74 -12.65
CA TYR C 381 -28.99 -19.32 -11.31
C TYR C 381 -30.29 -20.10 -11.15
N TYR C 382 -30.18 -21.34 -10.68
CA TYR C 382 -31.35 -22.17 -10.45
C TYR C 382 -32.08 -21.72 -9.19
N ARG C 383 -33.41 -21.83 -9.23
CA ARG C 383 -34.21 -21.53 -8.05
C ARG C 383 -33.94 -22.56 -6.96
N TYR C 384 -33.73 -22.08 -5.73
CA TYR C 384 -33.34 -22.93 -4.62
C TYR C 384 -34.28 -22.68 -3.45
N GLN C 385 -34.68 -23.77 -2.77
CA GLN C 385 -35.58 -23.63 -1.65
C GLN C 385 -34.84 -23.23 -0.37
N GLY C 386 -33.91 -24.07 0.07
CA GLY C 386 -33.15 -23.76 1.27
C GLY C 386 -33.87 -24.27 2.50
N GLY C 387 -34.02 -23.38 3.48
CA GLY C 387 -34.68 -23.74 4.73
C GLY C 387 -33.69 -24.19 5.78
N THR C 388 -34.25 -24.62 6.91
CA THR C 388 -33.42 -25.05 8.03
C THR C 388 -32.83 -26.43 7.78
N GLN C 389 -33.58 -27.32 7.12
CA GLN C 389 -33.07 -28.66 6.86
C GLN C 389 -31.92 -28.63 5.86
N CYS C 390 -31.98 -27.73 4.87
CA CYS C 390 -30.85 -27.55 3.98
C CYS C 390 -29.63 -27.06 4.73
N ALA C 391 -29.85 -26.15 5.70
CA ALA C 391 -28.74 -25.70 6.54
C ALA C 391 -28.16 -26.83 7.35
N VAL C 392 -29.02 -27.72 7.87
CA VAL C 392 -28.53 -28.87 8.63
C VAL C 392 -27.69 -29.79 7.74
N MET C 393 -28.18 -30.05 6.53
CA MET C 393 -27.43 -30.89 5.60
C MET C 393 -26.08 -30.28 5.27
N ARG C 394 -26.06 -28.97 4.98
CA ARG C 394 -24.82 -28.30 4.64
C ARG C 394 -23.86 -28.29 5.83
N GLY C 395 -24.37 -28.06 7.04
CA GLY C 395 -23.51 -28.10 8.21
C GLY C 395 -22.94 -29.47 8.47
N ARG C 396 -23.74 -30.51 8.27
CA ARG C 396 -23.25 -31.88 8.42
C ARG C 396 -22.15 -32.16 7.39
N ALA C 397 -22.33 -31.69 6.16
CA ALA C 397 -21.32 -31.91 5.13
C ALA C 397 -20.05 -31.12 5.42
N PHE C 398 -20.18 -29.92 5.98
CA PHE C 398 -19.03 -29.07 6.25
C PHE C 398 -18.33 -29.41 7.56
N ALA C 399 -18.97 -30.18 8.44
CA ALA C 399 -18.37 -30.49 9.73
C ALA C 399 -16.99 -31.15 9.66
N PRO C 400 -16.73 -32.14 8.79
CA PRO C 400 -15.40 -32.74 8.76
C PRO C 400 -14.29 -31.79 8.38
N TYR C 401 -14.60 -30.67 7.74
CA TYR C 401 -13.60 -29.76 7.20
C TYR C 401 -13.53 -28.42 7.91
N ALA C 402 -14.42 -28.17 8.88
CA ALA C 402 -14.45 -26.90 9.59
C ALA C 402 -14.52 -27.13 11.08
N ASP C 403 -13.75 -26.35 11.83
CA ASP C 403 -13.79 -26.43 13.28
C ASP C 403 -15.10 -25.86 13.82
N LEU C 404 -15.57 -24.76 13.25
CA LEU C 404 -16.80 -24.11 13.65
C LEU C 404 -17.80 -24.15 12.51
N ILE C 405 -19.03 -24.54 12.81
CA ILE C 405 -20.14 -24.51 11.85
C ILE C 405 -21.04 -23.35 12.23
N TRP C 406 -21.24 -22.42 11.30
CA TRP C 406 -21.93 -21.16 11.55
C TRP C 406 -23.24 -21.15 10.78
N MET C 407 -24.32 -20.85 11.48
CA MET C 407 -25.65 -20.76 10.90
C MET C 407 -26.15 -19.32 11.02
N GLU C 408 -26.61 -18.76 9.91
CA GLU C 408 -27.18 -17.43 9.88
C GLU C 408 -28.69 -17.50 10.06
N SER C 409 -29.26 -16.45 10.65
CA SER C 409 -30.69 -16.37 10.88
C SER C 409 -31.18 -14.98 10.52
N ALA C 410 -32.27 -14.92 9.73
CA ALA C 410 -32.88 -13.64 9.44
C ALA C 410 -33.51 -13.02 10.68
N LEU C 411 -34.17 -13.83 11.50
CA LEU C 411 -34.79 -13.39 12.74
C LEU C 411 -34.47 -14.37 13.86
N PRO C 412 -34.44 -13.91 15.11
CA PRO C 412 -34.17 -14.81 16.23
C PRO C 412 -35.31 -15.78 16.50
N ASP C 413 -35.08 -17.07 16.25
CA ASP C 413 -36.05 -18.11 16.51
C ASP C 413 -35.36 -19.24 17.25
N TYR C 414 -35.83 -19.53 18.47
CA TYR C 414 -35.18 -20.57 19.28
C TYR C 414 -35.39 -21.95 18.68
N ALA C 415 -36.56 -22.19 18.08
CA ALA C 415 -36.83 -23.51 17.51
C ALA C 415 -35.90 -23.82 16.35
N GLN C 416 -35.65 -22.85 15.48
CA GLN C 416 -34.77 -23.07 14.33
C GLN C 416 -33.35 -23.39 14.78
N ALA C 417 -32.83 -22.62 15.75
CA ALA C 417 -31.50 -22.89 16.28
C ALA C 417 -31.46 -24.25 16.95
N LYS C 418 -32.52 -24.59 17.70
CA LYS C 418 -32.57 -25.88 18.37
C LYS C 418 -32.51 -27.03 17.37
N GLU C 419 -33.30 -26.95 16.30
CA GLU C 419 -33.33 -28.05 15.35
C GLU C 419 -32.03 -28.13 14.54
N PHE C 420 -31.45 -26.98 14.19
CA PHE C 420 -30.15 -27.01 13.51
C PHE C 420 -29.08 -27.64 14.41
N ALA C 421 -29.02 -27.24 15.67
CA ALA C 421 -28.04 -27.80 16.59
C ALA C 421 -28.27 -29.30 16.78
N ASP C 422 -29.53 -29.70 16.92
CA ASP C 422 -29.82 -31.12 17.11
C ASP C 422 -29.40 -31.95 15.90
N GLY C 423 -29.69 -31.46 14.69
CA GLY C 423 -29.26 -32.20 13.51
C GLY C 423 -27.75 -32.30 13.39
N VAL C 424 -27.06 -31.17 13.56
CA VAL C 424 -25.61 -31.17 13.39
C VAL C 424 -24.95 -32.04 14.45
N LYS C 425 -25.38 -31.94 15.70
CA LYS C 425 -24.80 -32.73 16.77
C LYS C 425 -25.31 -34.16 16.81
N ALA C 426 -26.36 -34.48 16.04
CA ALA C 426 -26.73 -35.87 15.85
C ALA C 426 -25.89 -36.54 14.77
N ALA C 427 -25.51 -35.78 13.73
CA ALA C 427 -24.58 -36.33 12.77
C ALA C 427 -23.16 -36.37 13.34
N VAL C 428 -22.61 -35.21 13.69
CA VAL C 428 -21.28 -35.09 14.29
C VAL C 428 -21.47 -34.59 15.71
N PRO C 429 -21.33 -35.45 16.73
CA PRO C 429 -21.62 -35.03 18.11
C PRO C 429 -20.76 -33.88 18.61
N ASP C 430 -19.44 -34.01 18.48
CA ASP C 430 -18.50 -33.02 19.01
C ASP C 430 -18.17 -31.94 17.99
N GLN C 431 -19.20 -31.31 17.43
CA GLN C 431 -19.02 -30.24 16.45
C GLN C 431 -19.39 -28.91 17.09
N TRP C 432 -18.44 -28.00 17.12
CA TRP C 432 -18.69 -26.66 17.63
C TRP C 432 -19.59 -25.88 16.67
N LEU C 433 -20.46 -25.05 17.24
CA LEU C 433 -21.43 -24.30 16.45
C LEU C 433 -21.32 -22.82 16.76
N ALA C 434 -21.66 -22.01 15.76
CA ALA C 434 -21.65 -20.56 15.88
C ALA C 434 -22.98 -20.01 15.40
N TYR C 435 -23.42 -18.92 16.03
CA TYR C 435 -24.73 -18.34 15.76
C TYR C 435 -24.61 -16.82 15.66
N ASN C 436 -25.39 -16.24 14.75
CA ASN C 436 -25.44 -14.79 14.61
C ASN C 436 -26.77 -14.43 13.94
N LEU C 437 -27.13 -13.16 14.06
CA LEU C 437 -28.38 -12.64 13.50
C LEU C 437 -28.07 -11.59 12.45
N SER C 438 -28.92 -11.51 11.43
CA SER C 438 -28.72 -10.55 10.36
C SER C 438 -28.89 -9.14 10.88
N PRO C 439 -28.13 -8.17 10.36
CA PRO C 439 -28.23 -6.77 10.77
C PRO C 439 -29.14 -5.96 9.86
N ALA C 449 -34.11 -5.94 23.38
CA ALA C 449 -34.82 -6.39 24.58
C ALA C 449 -33.83 -6.71 25.71
N ASP C 450 -34.34 -7.25 26.80
CA ASP C 450 -33.54 -7.60 27.96
C ASP C 450 -33.38 -9.10 28.18
N GLU C 451 -34.24 -9.92 27.56
CA GLU C 451 -34.16 -11.37 27.68
C GLU C 451 -33.13 -11.99 26.74
N GLN C 452 -32.21 -11.18 26.20
CA GLN C 452 -31.19 -11.73 25.33
C GLN C 452 -30.18 -12.57 26.09
N GLU C 453 -29.98 -12.28 27.38
CA GLU C 453 -29.01 -13.03 28.16
C GLU C 453 -29.42 -14.50 28.30
N THR C 454 -30.66 -14.75 28.68
CA THR C 454 -31.12 -16.13 28.83
C THR C 454 -31.21 -16.83 27.48
N TYR C 455 -31.54 -16.11 26.42
CA TYR C 455 -31.54 -16.71 25.09
C TYR C 455 -30.13 -17.13 24.69
N ILE C 456 -29.14 -16.29 24.97
CA ILE C 456 -27.75 -16.63 24.67
C ILE C 456 -27.31 -17.83 25.50
N LYS C 457 -27.71 -17.87 26.78
CA LYS C 457 -27.37 -19.00 27.63
C LYS C 457 -27.99 -20.30 27.11
N ARG C 458 -29.25 -20.24 26.68
CA ARG C 458 -29.89 -21.42 26.11
C ARG C 458 -29.20 -21.86 24.83
N LEU C 459 -28.83 -20.92 23.96
CA LEU C 459 -28.13 -21.28 22.73
C LEU C 459 -26.78 -21.91 23.05
N GLY C 460 -26.08 -21.39 24.07
CA GLY C 460 -24.83 -22.01 24.48
C GLY C 460 -25.04 -23.43 25.00
N LYS C 461 -26.11 -23.65 25.75
CA LYS C 461 -26.43 -25.00 26.20
C LYS C 461 -26.79 -25.91 25.04
N LEU C 462 -27.32 -25.34 23.95
CA LEU C 462 -27.60 -26.14 22.76
C LEU C 462 -26.32 -26.69 22.15
N GLY C 463 -25.26 -25.89 22.13
CA GLY C 463 -24.01 -26.29 21.51
C GLY C 463 -23.31 -25.17 20.79
N TYR C 464 -23.94 -23.99 20.77
CA TYR C 464 -23.34 -22.81 20.15
C TYR C 464 -22.33 -22.21 21.12
N VAL C 465 -21.05 -22.25 20.76
CA VAL C 465 -19.97 -21.80 21.62
C VAL C 465 -19.35 -20.50 21.12
N TRP C 466 -19.96 -19.85 20.14
CA TRP C 466 -19.38 -18.65 19.54
C TRP C 466 -20.50 -17.82 18.93
N GLN C 467 -20.85 -16.72 19.57
CA GLN C 467 -21.96 -15.89 19.14
C GLN C 467 -21.56 -14.41 19.15
N PHE C 468 -22.21 -13.64 18.29
CA PHE C 468 -22.04 -12.19 18.28
C PHE C 468 -23.15 -11.52 17.48
N ILE D 14 8.52 22.22 -33.19
CA ILE D 14 9.39 23.27 -32.66
C ILE D 14 8.61 24.56 -32.44
N GLN D 15 8.03 25.08 -33.51
CA GLN D 15 7.27 26.33 -33.41
C GLN D 15 6.07 26.16 -32.49
N LYS D 16 5.34 25.04 -32.62
CA LYS D 16 4.20 24.80 -31.75
C LYS D 16 4.65 24.63 -30.29
N GLU D 17 5.82 24.03 -30.08
CA GLU D 17 6.33 23.85 -28.73
C GLU D 17 6.59 25.20 -28.06
N GLU D 18 7.27 26.09 -28.77
CA GLU D 18 7.51 27.44 -28.23
C GLU D 18 6.21 28.20 -28.05
N ALA D 19 5.27 28.03 -28.98
CA ALA D 19 3.98 28.71 -28.86
C ALA D 19 3.24 28.28 -27.61
N ASP D 20 3.16 26.97 -27.36
CA ASP D 20 2.46 26.51 -26.17
C ASP D 20 3.22 26.84 -24.90
N PHE D 21 4.55 26.85 -24.94
CA PHE D 21 5.32 27.29 -23.77
C PHE D 21 5.04 28.75 -23.44
N GLN D 22 5.00 29.62 -24.46
CA GLN D 22 4.71 31.02 -24.21
C GLN D 22 3.27 31.20 -23.72
N LYS D 23 2.33 30.43 -24.27
CA LYS D 23 0.95 30.50 -23.79
C LYS D 23 0.85 30.05 -22.35
N GLU D 24 1.62 29.02 -21.96
CA GLU D 24 1.62 28.57 -20.57
C GLU D 24 2.22 29.62 -19.65
N VAL D 25 3.29 30.29 -20.09
CA VAL D 25 3.86 31.37 -19.30
C VAL D 25 2.84 32.49 -19.12
N ALA D 26 2.13 32.84 -20.19
CA ALA D 26 1.13 33.90 -20.10
C ALA D 26 0.00 33.52 -19.17
N GLU D 27 -0.45 32.25 -19.24
CA GLU D 27 -1.55 31.84 -18.37
C GLU D 27 -1.11 31.74 -16.92
N ILE D 28 0.16 31.41 -16.68
CA ILE D 28 0.68 31.43 -15.30
C ILE D 28 0.74 32.86 -14.79
N LYS D 29 1.21 33.79 -15.61
CA LYS D 29 1.27 35.19 -15.19
C LYS D 29 -0.13 35.75 -14.91
N LYS D 30 -1.11 35.40 -15.76
CA LYS D 30 -2.48 35.80 -15.48
C LYS D 30 -3.01 35.14 -14.21
N TRP D 31 -2.64 33.87 -13.98
CA TRP D 31 -3.06 33.16 -12.78
C TRP D 31 -2.53 33.84 -11.52
N TRP D 32 -1.40 34.53 -11.61
CA TRP D 32 -0.82 35.21 -10.47
C TRP D 32 -1.34 36.64 -10.29
N SER D 33 -2.35 37.04 -11.07
CA SER D 33 -2.88 38.39 -11.01
C SER D 33 -4.20 38.50 -10.25
N GLU D 34 -4.89 37.38 -10.02
CA GLU D 34 -6.16 37.42 -9.31
C GLU D 34 -5.93 37.70 -7.83
N PRO D 35 -6.96 38.16 -7.11
CA PRO D 35 -6.79 38.49 -5.68
C PRO D 35 -6.35 37.32 -4.80
N ARG D 36 -6.28 36.12 -5.37
CA ARG D 36 -5.78 34.98 -4.61
C ARG D 36 -4.34 35.20 -4.17
N TRP D 37 -3.51 35.73 -5.06
CA TRP D 37 -2.10 35.97 -4.77
C TRP D 37 -1.81 37.44 -4.52
N ARG D 38 -2.73 38.13 -3.84
CA ARG D 38 -2.55 39.56 -3.58
C ARG D 38 -1.37 39.82 -2.66
N LYS D 39 -1.06 38.88 -1.77
CA LYS D 39 0.02 39.05 -0.79
C LYS D 39 0.98 37.86 -0.79
N THR D 40 1.13 37.20 -1.93
CA THR D 40 2.01 36.05 -2.07
C THR D 40 3.33 36.50 -2.69
N LYS D 41 4.43 36.20 -2.01
CA LYS D 41 5.76 36.53 -2.49
C LYS D 41 6.38 35.30 -3.13
N ARG D 42 6.74 35.41 -4.41
CA ARG D 42 7.33 34.31 -5.16
C ARG D 42 8.75 34.70 -5.57
N ILE D 43 9.71 33.81 -5.28
CA ILE D 43 11.09 34.04 -5.70
C ILE D 43 11.38 33.44 -7.07
N TYR D 44 10.49 32.61 -7.60
CA TYR D 44 10.67 32.00 -8.91
C TYR D 44 9.87 32.76 -9.96
N SER D 45 10.39 32.79 -11.18
CA SER D 45 9.70 33.43 -12.29
C SER D 45 8.67 32.48 -12.88
N ALA D 46 7.73 33.06 -13.65
CA ALA D 46 6.74 32.26 -14.34
C ALA D 46 7.39 31.33 -15.35
N GLU D 47 8.53 31.74 -15.91
CA GLU D 47 9.25 30.87 -16.85
C GLU D 47 9.72 29.60 -16.19
N ASP D 48 10.25 29.70 -14.96
CA ASP D 48 10.71 28.52 -14.25
C ASP D 48 9.54 27.58 -13.95
N ILE D 49 8.41 28.12 -13.52
CA ILE D 49 7.24 27.30 -13.22
C ILE D 49 6.73 26.62 -14.49
N ALA D 50 6.70 27.35 -15.60
CA ALA D 50 6.27 26.75 -16.86
C ALA D 50 7.22 25.66 -17.33
N LYS D 51 8.53 25.87 -17.19
CA LYS D 51 9.50 24.85 -17.55
C LYS D 51 9.41 23.62 -16.66
N LYS D 52 9.05 23.79 -15.38
CA LYS D 52 8.88 22.66 -14.49
C LYS D 52 7.66 21.82 -14.81
N ARG D 53 6.68 22.38 -15.52
CA ARG D 53 5.48 21.64 -15.88
C ARG D 53 5.74 20.71 -17.06
N GLY D 54 4.85 19.72 -17.21
CA GLY D 54 4.93 18.77 -18.30
C GLY D 54 4.11 19.19 -19.49
N THR D 55 4.06 18.29 -20.48
CA THR D 55 3.30 18.54 -21.69
C THR D 55 1.82 18.22 -21.54
N LEU D 56 1.41 17.59 -20.44
CA LEU D 56 0.02 17.24 -20.19
C LEU D 56 -0.46 18.06 -19.00
N LYS D 57 -1.36 19.00 -19.25
CA LYS D 57 -1.93 19.81 -18.18
C LYS D 57 -2.90 18.98 -17.37
N ILE D 58 -2.61 18.83 -16.08
CA ILE D 58 -3.43 18.04 -15.17
C ILE D 58 -4.06 18.97 -14.15
N ASN D 59 -5.39 18.90 -14.03
CA ASN D 59 -6.14 19.69 -13.07
C ASN D 59 -6.54 18.81 -11.89
N HIS D 60 -6.48 19.39 -10.69
CA HIS D 60 -6.81 18.64 -9.49
C HIS D 60 -8.02 19.26 -8.81
N PRO D 61 -8.97 18.44 -8.33
CA PRO D 61 -10.07 18.99 -7.53
C PRO D 61 -9.61 19.61 -6.23
N SER D 62 -8.41 19.26 -5.76
CA SER D 62 -7.86 19.92 -4.59
C SER D 62 -7.67 21.42 -4.83
N SER D 63 -7.43 21.82 -6.07
CA SER D 63 -7.36 23.25 -6.37
C SER D 63 -8.70 23.93 -6.15
N GLN D 64 -9.80 23.28 -6.55
CA GLN D 64 -11.13 23.82 -6.29
C GLN D 64 -11.41 23.86 -4.79
N GLN D 65 -10.99 22.83 -4.06
CA GLN D 65 -11.17 22.84 -2.61
C GLN D 65 -10.37 23.96 -1.97
N ALA D 66 -9.16 24.21 -2.47
CA ALA D 66 -8.35 25.32 -1.96
C ALA D 66 -9.01 26.66 -2.25
N ASP D 67 -9.61 26.81 -3.44
CA ASP D 67 -10.35 28.03 -3.75
C ASP D 67 -11.52 28.20 -2.79
N LYS D 68 -12.25 27.12 -2.51
CA LYS D 68 -13.35 27.19 -1.56
C LYS D 68 -12.87 27.60 -0.18
N LEU D 69 -11.76 27.02 0.28
CA LEU D 69 -11.21 27.35 1.58
C LEU D 69 -10.75 28.81 1.62
N PHE D 70 -10.13 29.29 0.55
CA PHE D 70 -9.69 30.69 0.51
C PHE D 70 -10.88 31.64 0.55
N LYS D 71 -11.94 31.33 -0.19
CA LYS D 71 -13.14 32.17 -0.15
C LYS D 71 -13.77 32.15 1.23
N LEU D 72 -13.82 30.97 1.87
CA LEU D 72 -14.36 30.88 3.22
C LEU D 72 -13.55 31.71 4.21
N LEU D 73 -12.22 31.64 4.12
CA LEU D 73 -11.38 32.42 5.01
C LEU D 73 -11.52 33.92 4.73
N GLU D 74 -11.68 34.30 3.47
CA GLU D 74 -11.93 35.70 3.15
C GLU D 74 -13.23 36.18 3.78
N LYS D 75 -14.29 35.37 3.68
CA LYS D 75 -15.57 35.75 4.28
C LYS D 75 -15.45 35.87 5.79
N HIS D 76 -14.76 34.92 6.44
CA HIS D 76 -14.62 34.97 7.89
C HIS D 76 -13.77 36.16 8.32
N ASP D 77 -12.73 36.49 7.56
CA ASP D 77 -11.89 37.64 7.89
C ASP D 77 -12.68 38.94 7.73
N ALA D 78 -13.49 39.03 6.68
CA ALA D 78 -14.33 40.22 6.50
C ALA D 78 -15.36 40.34 7.61
N ASP D 79 -15.93 39.21 8.03
CA ASP D 79 -16.94 39.18 9.08
C ASP D 79 -16.36 39.09 10.47
N LYS D 80 -15.03 38.99 10.60
CA LYS D 80 -14.36 38.86 11.89
C LYS D 80 -14.91 37.67 12.69
N THR D 81 -15.12 36.55 12.00
CA THR D 81 -15.69 35.35 12.58
C THR D 81 -14.69 34.21 12.48
N VAL D 82 -14.79 33.27 13.41
CA VAL D 82 -13.88 32.13 13.50
C VAL D 82 -14.39 31.00 12.63
N SER D 83 -13.48 30.30 11.97
CA SER D 83 -13.79 29.08 11.22
C SER D 83 -13.44 27.90 12.12
N PHE D 84 -14.45 27.25 12.68
CA PHE D 84 -14.22 26.14 13.58
C PHE D 84 -13.69 24.93 12.82
N THR D 85 -12.80 24.18 13.46
CA THR D 85 -12.14 23.04 12.86
C THR D 85 -11.98 21.96 13.93
N PHE D 86 -11.56 20.77 13.49
CA PHE D 86 -11.27 19.69 14.41
C PHE D 86 -10.30 18.72 13.74
N GLY D 87 -9.57 17.98 14.57
CA GLY D 87 -8.59 17.03 14.07
C GLY D 87 -9.20 15.85 13.34
N HIS D 93 -15.68 9.55 10.62
CA HIS D 93 -17.03 10.11 10.67
C HIS D 93 -17.13 11.38 9.84
N VAL D 94 -17.55 11.23 8.58
CA VAL D 94 -17.74 12.38 7.71
C VAL D 94 -19.14 12.97 7.83
N ALA D 95 -20.10 12.21 8.34
CA ALA D 95 -21.49 12.66 8.45
C ALA D 95 -21.60 13.90 9.32
N GLN D 96 -21.02 13.87 10.51
CA GLN D 96 -21.06 15.00 11.43
C GLN D 96 -19.84 15.91 11.31
N MET D 97 -18.93 15.62 10.40
CA MET D 97 -17.78 16.46 10.15
C MET D 97 -18.09 17.58 9.17
N ALA D 98 -19.31 17.60 8.63
CA ALA D 98 -19.75 18.68 7.76
C ALA D 98 -20.94 19.46 8.30
N LYS D 99 -21.63 18.96 9.33
CA LYS D 99 -22.72 19.70 9.94
C LYS D 99 -22.20 20.81 10.84
N TYR D 100 -21.07 20.57 11.50
CA TYR D 100 -20.56 21.48 12.53
C TYR D 100 -19.20 22.09 12.20
N LEU D 101 -18.59 21.73 11.08
CA LEU D 101 -17.25 22.18 10.75
C LEU D 101 -17.23 22.81 9.38
N ASP D 102 -16.24 23.70 9.16
CA ASP D 102 -15.99 24.27 7.85
C ASP D 102 -14.76 23.65 7.18
N SER D 103 -13.87 23.02 7.95
CA SER D 103 -12.67 22.41 7.41
C SER D 103 -12.25 21.30 8.36
N ILE D 104 -11.35 20.44 7.87
CA ILE D 104 -10.80 19.34 8.67
C ILE D 104 -9.29 19.42 8.59
N TYR D 105 -8.64 19.40 9.75
CA TYR D 105 -7.18 19.36 9.84
C TYR D 105 -6.75 17.92 10.12
N VAL D 106 -5.81 17.43 9.32
CA VAL D 106 -5.35 16.04 9.39
C VAL D 106 -3.89 16.04 9.81
N SER D 107 -3.58 15.31 10.89
CA SER D 107 -2.23 15.21 11.40
C SER D 107 -2.05 13.87 12.08
N GLY D 108 -0.79 13.48 12.24
CA GLY D 108 -0.46 12.23 12.89
C GLY D 108 -0.15 12.39 14.36
N THR D 132 1.50 8.04 5.46
CA THR D 132 0.66 8.05 6.66
C THR D 132 -0.37 9.17 6.56
N VAL D 133 0.08 10.40 6.82
CA VAL D 133 -0.81 11.57 6.68
C VAL D 133 -1.34 11.70 5.25
N PRO D 134 -0.53 11.55 4.19
CA PRO D 134 -1.11 11.53 2.85
C PRO D 134 -2.15 10.44 2.66
N ASN D 135 -1.94 9.27 3.27
CA ASN D 135 -2.93 8.21 3.19
C ASN D 135 -4.22 8.60 3.89
N LYS D 136 -4.11 9.24 5.06
CA LYS D 136 -5.30 9.71 5.75
C LYS D 136 -6.04 10.75 4.92
N VAL D 137 -5.31 11.67 4.29
CA VAL D 137 -5.93 12.69 3.46
C VAL D 137 -6.65 12.05 2.28
N GLU D 138 -6.01 11.09 1.62
CA GLU D 138 -6.62 10.44 0.47
C GLU D 138 -7.86 9.65 0.89
N HIS D 139 -7.79 8.94 2.02
CA HIS D 139 -8.95 8.19 2.50
C HIS D 139 -10.11 9.11 2.83
N LEU D 140 -9.82 10.22 3.51
CA LEU D 140 -10.88 11.18 3.85
C LEU D 140 -11.47 11.82 2.60
N TRP D 141 -10.61 12.14 1.63
CA TRP D 141 -11.09 12.72 0.38
C TRP D 141 -12.00 11.75 -0.37
N PHE D 142 -11.62 10.47 -0.43
CA PHE D 142 -12.46 9.48 -1.06
C PHE D 142 -13.78 9.31 -0.32
N ALA D 143 -13.74 9.32 1.01
CA ALA D 143 -14.97 9.21 1.78
C ALA D 143 -15.88 10.40 1.53
N GLN D 144 -15.32 11.61 1.48
CA GLN D 144 -16.13 12.80 1.20
C GLN D 144 -16.74 12.73 -0.20
N LEU D 145 -15.95 12.31 -1.19
CA LEU D 145 -16.49 12.18 -2.54
C LEU D 145 -17.60 11.13 -2.60
N PHE D 146 -17.40 10.00 -1.92
CA PHE D 146 -18.41 8.96 -1.92
C PHE D 146 -19.70 9.43 -1.27
N HIS D 147 -19.60 10.12 -0.13
CA HIS D 147 -20.80 10.61 0.54
C HIS D 147 -21.51 11.69 -0.27
N ASP D 148 -20.74 12.57 -0.92
CA ASP D 148 -21.35 13.57 -1.79
C ASP D 148 -22.07 12.90 -2.96
N ARG D 149 -21.45 11.88 -3.55
CA ARG D 149 -22.07 11.14 -4.65
C ARG D 149 -23.36 10.49 -4.20
N LYS D 150 -23.34 9.84 -3.03
CA LYS D 150 -24.53 9.18 -2.52
C LYS D 150 -25.64 10.19 -2.23
N GLN D 151 -25.29 11.33 -1.64
CA GLN D 151 -26.29 12.35 -1.35
C GLN D 151 -26.92 12.88 -2.62
N ARG D 152 -26.10 13.13 -3.65
CA ARG D 152 -26.66 13.64 -4.90
C ARG D 152 -27.52 12.59 -5.59
N GLU D 153 -27.12 11.31 -5.52
CA GLU D 153 -27.96 10.25 -6.07
C GLU D 153 -29.31 10.20 -5.36
N GLU D 154 -29.30 10.30 -4.03
CA GLU D 154 -30.56 10.26 -3.28
C GLU D 154 -31.42 11.47 -3.59
N ARG D 155 -30.82 12.65 -3.73
CA ARG D 155 -31.61 13.86 -3.96
C ARG D 155 -32.17 13.93 -5.36
N LEU D 156 -31.35 13.58 -6.37
CA LEU D 156 -31.80 13.72 -7.75
C LEU D 156 -32.91 12.75 -8.10
N THR D 157 -32.92 11.57 -7.48
CA THR D 157 -34.02 10.62 -7.70
C THR D 157 -35.33 11.11 -7.10
N LEU D 158 -35.30 12.14 -6.26
CA LEU D 158 -36.50 12.70 -5.63
C LEU D 158 -36.85 14.01 -6.32
N SER D 159 -38.09 14.13 -6.77
CA SER D 159 -38.54 15.34 -7.46
C SER D 159 -39.74 15.97 -6.75
N GLU D 161 -40.24 18.60 -4.67
CA GLU D 161 -41.01 18.99 -3.48
C GLU D 161 -40.41 18.38 -2.21
N GLU D 162 -40.19 17.06 -2.24
CA GLU D 162 -39.64 16.38 -1.07
C GLU D 162 -38.17 16.70 -0.86
N ARG D 163 -37.50 17.30 -1.86
CA ARG D 163 -36.12 17.71 -1.69
C ARG D 163 -35.98 18.87 -0.70
N ALA D 164 -36.97 19.76 -0.66
CA ALA D 164 -36.92 20.89 0.27
C ALA D 164 -36.93 20.42 1.72
N LYS D 165 -37.74 19.41 2.03
CA LYS D 165 -37.74 18.86 3.38
C LYS D 165 -36.44 18.15 3.71
N THR D 166 -35.83 17.49 2.73
CA THR D 166 -34.60 16.75 2.96
C THR D 166 -33.43 17.71 3.16
N PRO D 167 -32.69 17.60 4.26
CA PRO D 167 -31.55 18.51 4.47
C PRO D 167 -30.41 18.19 3.52
N TYR D 168 -29.59 19.21 3.27
CA TYR D 168 -28.42 19.11 2.41
C TYR D 168 -27.16 19.19 3.26
N ILE D 169 -26.24 18.25 3.04
CA ILE D 169 -24.98 18.20 3.77
C ILE D 169 -23.84 18.37 2.76
N ASP D 170 -23.00 19.37 2.98
CA ASP D 170 -21.86 19.64 2.10
C ASP D 170 -20.67 18.85 2.64
N PHE D 171 -20.54 17.61 2.17
CA PHE D 171 -19.43 16.76 2.61
C PHE D 171 -18.08 17.25 2.11
N LEU D 172 -18.05 18.09 1.08
CA LEU D 172 -16.80 18.56 0.49
C LEU D 172 -16.20 19.67 1.36
N ARG D 173 -15.72 19.26 2.52
CA ARG D 173 -15.05 20.18 3.43
C ARG D 173 -13.57 20.26 3.09
N PRO D 174 -13.01 21.46 2.94
CA PRO D 174 -11.57 21.57 2.65
C PRO D 174 -10.73 20.92 3.74
N ILE D 175 -9.63 20.30 3.32
CA ILE D 175 -8.78 19.50 4.20
C ILE D 175 -7.44 20.19 4.36
N ILE D 176 -7.00 20.35 5.60
CA ILE D 176 -5.68 20.88 5.91
C ILE D 176 -4.79 19.70 6.26
N ALA D 177 -3.69 19.55 5.52
CA ALA D 177 -2.77 18.43 5.70
C ALA D 177 -1.52 18.87 6.42
N ASP D 178 -1.11 18.08 7.41
CA ASP D 178 0.11 18.36 8.17
C ASP D 178 1.28 17.70 7.45
N ALA D 179 2.19 18.52 6.93
CA ALA D 179 3.35 18.01 6.20
C ALA D 179 4.55 17.88 7.13
N ASP D 180 4.48 16.88 8.00
CA ASP D 180 5.54 16.59 8.95
C ASP D 180 6.19 15.23 8.71
N THR D 181 5.97 14.65 7.53
CA THR D 181 6.56 13.36 7.19
C THR D 181 7.76 13.46 6.25
N GLY D 182 8.20 14.68 5.94
CA GLY D 182 9.38 14.85 5.11
C GLY D 182 10.67 14.57 5.85
N HIS D 183 10.97 15.41 6.85
CA HIS D 183 12.07 15.29 7.79
C HIS D 183 13.44 15.53 7.15
N GLY D 184 13.53 15.72 5.85
CA GLY D 184 14.82 15.96 5.23
C GLY D 184 14.80 16.83 4.00
N GLY D 185 15.57 17.92 4.03
CA GLY D 185 15.82 18.75 2.87
C GLY D 185 14.58 19.41 2.28
N ILE D 186 14.73 19.76 0.99
CA ILE D 186 13.68 20.45 0.26
C ILE D 186 12.96 19.54 -0.73
N THR D 187 13.64 18.54 -1.30
CA THR D 187 12.96 17.64 -2.22
C THR D 187 11.83 16.87 -1.55
N ALA D 188 12.01 16.52 -0.27
CA ALA D 188 10.97 15.79 0.45
C ALA D 188 9.71 16.62 0.59
N ILE D 189 9.84 17.90 0.93
CA ILE D 189 8.65 18.74 1.07
C ILE D 189 8.02 19.00 -0.30
N ILE D 190 8.81 19.05 -1.36
CA ILE D 190 8.26 19.20 -2.71
C ILE D 190 7.40 17.99 -3.05
N LYS D 191 7.94 16.78 -2.85
CA LYS D 191 7.18 15.58 -3.15
C LYS D 191 5.96 15.45 -2.24
N LEU D 192 6.10 15.85 -0.98
CA LEU D 192 4.96 15.80 -0.06
C LEU D 192 3.86 16.75 -0.50
N THR D 193 4.22 17.94 -0.98
CA THR D 193 3.23 18.87 -1.50
C THR D 193 2.56 18.30 -2.74
N LYS D 194 3.33 17.68 -3.63
CA LYS D 194 2.74 17.03 -4.80
C LYS D 194 1.73 15.97 -4.38
N MET D 195 2.11 15.12 -3.43
CA MET D 195 1.22 14.06 -2.95
C MET D 195 -0.04 14.63 -2.33
N PHE D 196 0.10 15.67 -1.51
CA PHE D 196 -1.07 16.26 -0.87
C PHE D 196 -2.01 16.88 -1.89
N ILE D 197 -1.46 17.56 -2.90
CA ILE D 197 -2.30 18.14 -3.94
C ILE D 197 -3.02 17.04 -4.71
N GLU D 198 -2.32 15.96 -5.04
CA GLU D 198 -2.94 14.87 -5.79
C GLU D 198 -4.02 14.15 -4.99
N ARG D 199 -3.91 14.17 -3.66
CA ARG D 199 -4.83 13.42 -2.80
C ARG D 199 -5.92 14.29 -2.19
N GLY D 200 -6.13 15.49 -2.72
CA GLY D 200 -7.28 16.29 -2.36
C GLY D 200 -7.09 17.27 -1.22
N ALA D 201 -5.85 17.51 -0.78
CA ALA D 201 -5.62 18.47 0.29
C ALA D 201 -5.81 19.89 -0.23
N ALA D 202 -6.59 20.69 0.50
CA ALA D 202 -6.80 22.10 0.17
C ALA D 202 -5.80 23.01 0.85
N GLY D 203 -5.07 22.52 1.85
CA GLY D 203 -4.08 23.33 2.54
C GLY D 203 -3.02 22.44 3.16
N ILE D 204 -1.82 22.98 3.27
CA ILE D 204 -0.67 22.27 3.82
C ILE D 204 -0.13 23.06 5.00
N HIS D 205 0.08 22.36 6.12
CA HIS D 205 0.62 22.98 7.32
C HIS D 205 2.00 22.41 7.62
N ILE D 206 2.96 23.31 7.91
CA ILE D 206 4.30 22.93 8.33
C ILE D 206 4.67 23.76 9.55
N GLU D 207 5.63 23.24 10.32
CA GLU D 207 6.12 23.88 11.53
C GLU D 207 7.59 24.22 11.36
N ASP D 208 8.03 25.19 12.15
CA ASP D 208 9.45 25.53 12.23
C ASP D 208 10.19 24.69 13.25
N GLN D 209 9.52 23.72 13.86
CA GLN D 209 10.19 22.78 14.76
C GLN D 209 11.16 21.91 13.98
N ALA D 210 12.26 21.55 14.66
CA ALA D 210 13.30 20.76 14.00
C ALA D 210 12.77 19.38 13.63
N PRO D 211 13.01 18.90 12.42
CA PRO D 211 12.53 17.57 12.03
C PRO D 211 13.20 16.48 12.86
N GLY D 212 12.42 15.45 13.19
CA GLY D 212 12.94 14.34 13.97
C GLY D 212 13.41 14.73 15.36
N THR D 213 12.66 15.61 16.02
CA THR D 213 13.01 16.05 17.37
C THR D 213 11.84 16.05 18.34
N LYS D 214 10.65 15.65 17.91
CA LYS D 214 9.50 15.62 18.79
C LYS D 214 9.69 14.56 19.87
N LYS D 215 9.35 14.91 21.11
CA LYS D 215 9.53 14.03 22.25
C LYS D 215 8.22 13.89 23.01
N CYS D 216 8.06 12.73 23.65
CA CYS D 216 6.86 12.46 24.45
C CYS D 216 6.95 13.16 25.80
N MET D 219 8.04 16.53 27.83
CA MET D 219 8.89 17.02 26.75
C MET D 219 9.76 18.18 27.22
N ALA D 220 11.07 18.05 27.02
CA ALA D 220 12.02 19.05 27.51
C ALA D 220 12.24 20.15 26.46
N GLY D 221 11.14 20.76 26.05
CA GLY D 221 11.18 21.88 25.12
C GLY D 221 11.36 21.46 23.68
N LYS D 222 10.85 22.28 22.76
CA LYS D 222 10.94 22.02 21.34
C LYS D 222 12.23 22.61 20.77
N VAL D 223 12.67 22.04 19.65
CA VAL D 223 13.86 22.49 18.94
C VAL D 223 13.43 23.16 17.65
N LEU D 224 13.89 24.38 17.43
CA LEU D 224 13.52 25.15 16.25
C LEU D 224 14.58 25.04 15.16
N VAL D 225 14.16 25.37 13.95
CA VAL D 225 15.08 25.56 12.82
C VAL D 225 15.25 27.07 12.65
N PRO D 226 16.31 27.53 11.97
CA PRO D 226 16.41 28.96 11.69
C PRO D 226 15.21 29.44 10.86
N VAL D 227 14.93 30.74 10.97
CA VAL D 227 13.78 31.31 10.27
C VAL D 227 13.89 31.08 8.78
N GLN D 228 15.09 31.21 8.22
CA GLN D 228 15.28 31.05 6.79
C GLN D 228 14.98 29.63 6.34
N GLU D 229 15.23 28.63 7.19
CA GLU D 229 14.92 27.25 6.82
C GLU D 229 13.41 27.06 6.64
N HIS D 230 12.61 27.59 7.57
CA HIS D 230 11.16 27.49 7.44
C HIS D 230 10.67 28.31 6.26
N ILE D 231 11.28 29.47 6.02
CA ILE D 231 10.92 30.27 4.85
C ILE D 231 11.20 29.49 3.57
N ASN D 232 12.33 28.79 3.51
CA ASN D 232 12.66 27.98 2.35
C ASN D 232 11.65 26.85 2.17
N ARG D 233 11.23 26.22 3.27
CA ARG D 233 10.20 25.19 3.16
C ARG D 233 8.89 25.75 2.63
N LEU D 234 8.49 26.93 3.10
CA LEU D 234 7.27 27.56 2.59
C LEU D 234 7.41 27.90 1.12
N VAL D 235 8.56 28.41 0.71
CA VAL D 235 8.79 28.74 -0.70
C VAL D 235 8.74 27.48 -1.55
N ALA D 236 9.29 26.38 -1.04
CA ALA D 236 9.22 25.11 -1.76
C ALA D 236 7.78 24.64 -1.92
N ILE D 237 6.98 24.79 -0.85
CA ILE D 237 5.57 24.42 -0.94
C ILE D 237 4.87 25.26 -2.00
N ARG D 238 5.10 26.57 -2.00
CA ARG D 238 4.45 27.44 -2.98
C ARG D 238 4.90 27.10 -4.40
N ALA D 239 6.20 26.82 -4.58
CA ALA D 239 6.71 26.46 -5.90
C ALA D 239 6.10 25.15 -6.39
N SER D 240 5.98 24.17 -5.49
CA SER D 240 5.35 22.91 -5.88
C SER D 240 3.88 23.12 -6.25
N ALA D 241 3.16 23.95 -5.50
CA ALA D 241 1.78 24.24 -5.84
C ALA D 241 1.69 24.94 -7.20
N ASP D 242 2.59 25.86 -7.48
CA ASP D 242 2.61 26.53 -8.78
C ASP D 242 2.91 25.55 -9.91
N ILE D 243 3.84 24.62 -9.67
CA ILE D 243 4.16 23.60 -10.68
C ILE D 243 2.94 22.74 -10.97
N PHE D 244 2.24 22.30 -9.91
CA PHE D 244 1.03 21.52 -10.10
C PHE D 244 -0.16 22.38 -10.50
N GLY D 245 -0.02 23.70 -10.52
CA GLY D 245 -1.11 24.58 -10.91
C GLY D 245 -2.28 24.57 -9.94
N SER D 246 -2.00 24.57 -8.65
CA SER D 246 -3.03 24.52 -7.62
C SER D 246 -3.01 25.79 -6.79
N ASN D 247 -4.18 26.17 -6.29
CA ASN D 247 -4.33 27.30 -5.38
C ASN D 247 -4.18 26.90 -3.93
N LEU D 248 -3.43 25.84 -3.67
CA LEU D 248 -3.27 25.28 -2.33
C LEU D 248 -2.77 26.33 -1.35
N LEU D 249 -3.42 26.41 -0.19
CA LEU D 249 -3.03 27.35 0.85
C LEU D 249 -1.85 26.81 1.65
N ALA D 250 -0.91 27.70 1.99
CA ALA D 250 0.21 27.36 2.84
C ALA D 250 -0.06 27.87 4.25
N VAL D 251 0.01 26.98 5.22
CA VAL D 251 -0.21 27.31 6.63
C VAL D 251 1.10 27.08 7.37
N ALA D 252 1.59 28.11 8.05
CA ALA D 252 2.84 28.05 8.78
C ALA D 252 2.57 28.22 10.26
N ARG D 253 3.04 27.26 11.06
CA ARG D 253 2.92 27.32 12.50
C ARG D 253 4.29 27.53 13.13
N THR D 254 4.38 28.49 14.04
CA THR D 254 5.61 28.77 14.78
C THR D 254 5.48 28.20 16.18
N ASP D 255 6.48 27.41 16.60
CA ASP D 255 6.50 26.79 17.91
C ASP D 255 7.52 27.45 18.84
N SER D 256 7.86 28.72 18.58
CA SER D 256 8.93 29.37 19.30
C SER D 256 8.56 29.73 20.74
N GLU D 257 7.27 29.86 21.05
CA GLU D 257 6.87 30.28 22.39
C GLU D 257 7.28 29.24 23.43
N ALA D 258 7.09 27.96 23.15
CA ALA D 258 7.45 26.90 24.07
C ALA D 258 8.80 26.25 23.75
N ALA D 259 9.48 26.71 22.70
CA ALA D 259 10.73 26.10 22.29
C ALA D 259 11.88 26.53 23.19
N THR D 260 12.82 25.61 23.39
CA THR D 260 14.00 25.88 24.21
C THR D 260 15.32 25.65 23.49
N LEU D 261 15.30 25.11 22.27
CA LEU D 261 16.52 24.81 21.53
C LEU D 261 16.35 25.27 20.09
N ILE D 262 17.48 25.54 19.45
CA ILE D 262 17.51 25.90 18.04
C ILE D 262 18.67 25.15 17.38
N THR D 263 18.44 24.67 16.15
CA THR D 263 19.44 23.84 15.49
C THR D 263 20.69 24.63 15.12
N SER D 264 20.52 25.88 14.67
CA SER D 264 21.65 26.65 14.17
C SER D 264 21.47 28.12 14.53
N THR D 265 22.59 28.84 14.54
CA THR D 265 22.62 30.28 14.78
C THR D 265 22.87 31.06 13.49
N ILE D 266 22.65 30.43 12.34
CA ILE D 266 23.03 31.03 11.07
C ILE D 266 22.17 32.23 10.70
N ASP D 267 20.96 32.33 11.25
CA ASP D 267 20.03 33.39 10.91
C ASP D 267 20.15 34.52 11.93
N HIS D 268 20.37 35.74 11.44
CA HIS D 268 20.51 36.90 12.33
C HIS D 268 19.25 37.15 13.13
N ARG D 269 18.08 36.88 12.53
CA ARG D 269 16.81 37.15 13.20
C ARG D 269 16.65 36.32 14.47
N ASP D 270 17.33 35.19 14.56
CA ASP D 270 17.31 34.37 15.76
C ASP D 270 18.35 34.77 16.80
N HIS D 271 19.35 35.58 16.40
CA HIS D 271 20.47 35.86 17.30
C HIS D 271 20.03 36.54 18.58
N TYR D 272 18.91 37.27 18.54
CA TYR D 272 18.44 37.94 19.74
C TYR D 272 17.99 36.94 20.82
N PHE D 273 17.47 35.78 20.41
CA PHE D 273 16.82 34.85 21.31
C PHE D 273 17.71 33.66 21.68
N ILE D 274 18.99 33.70 21.36
CA ILE D 274 19.90 32.60 21.64
C ILE D 274 20.53 32.80 23.01
N ILE D 275 20.46 31.77 23.84
CA ILE D 275 20.95 31.82 25.21
C ILE D 275 22.44 31.46 25.22
N GLY D 276 23.23 32.30 25.89
CA GLY D 276 24.65 32.04 26.05
C GLY D 276 25.08 32.17 27.49
N ALA D 277 26.31 31.76 27.75
CA ALA D 277 26.89 31.79 29.09
C ALA D 277 27.73 33.05 29.25
N THR D 278 27.52 33.75 30.36
CA THR D 278 28.27 34.97 30.68
C THR D 278 29.46 34.70 31.58
N ASN D 279 29.75 33.44 31.90
CA ASN D 279 30.88 33.11 32.76
C ASN D 279 32.01 32.58 31.89
N PRO D 280 33.13 33.31 31.75
CA PRO D 280 34.23 32.84 30.91
C PRO D 280 34.88 31.55 31.40
N GLU D 281 34.71 31.21 32.68
CA GLU D 281 35.37 30.05 33.27
C GLU D 281 34.56 28.77 33.16
N ALA D 282 33.42 28.79 32.46
CA ALA D 282 32.56 27.63 32.34
C ALA D 282 32.88 26.89 31.05
N GLY D 283 33.10 25.58 31.16
CA GLY D 283 33.37 24.75 30.01
C GLY D 283 32.10 24.30 29.32
N ASP D 284 32.29 23.55 28.25
CA ASP D 284 31.15 23.06 27.46
C ASP D 284 30.37 22.02 28.24
N LEU D 285 29.04 22.12 28.19
CA LEU D 285 28.19 21.15 28.87
C LEU D 285 28.34 19.76 28.27
N ALA D 286 28.34 19.67 26.94
CA ALA D 286 28.43 18.38 26.27
C ALA D 286 29.75 17.68 26.59
N ALA D 287 30.85 18.44 26.54
CA ALA D 287 32.14 17.86 26.89
C ALA D 287 32.19 17.43 28.34
N LEU D 288 31.61 18.24 29.24
CA LEU D 288 31.58 17.89 30.66
C LEU D 288 30.83 16.60 30.90
N MET D 289 29.69 16.43 30.21
CA MET D 289 28.91 15.20 30.38
C MET D 289 29.57 14.02 29.69
N ALA D 290 30.34 14.26 28.62
CA ALA D 290 31.04 13.17 27.95
C ALA D 290 32.18 12.65 28.81
N GLU D 291 32.95 13.55 29.41
CA GLU D 291 34.08 13.17 30.25
C GLU D 291 33.65 12.72 31.64
N ALA D 292 32.42 12.97 32.04
CA ALA D 292 31.88 12.53 33.32
C ALA D 292 30.71 11.58 33.16
N GLU D 293 30.75 10.70 32.16
CA GLU D 293 29.63 9.79 31.90
C GLU D 293 29.87 8.47 32.63
N ILE D 297 29.08 8.45 35.70
CA ILE D 297 28.17 8.68 36.82
C ILE D 297 26.74 8.49 36.33
N TYR D 298 25.84 8.13 37.24
CA TYR D 298 24.46 7.86 36.89
C TYR D 298 23.77 9.14 36.42
N GLY D 299 22.76 8.95 35.57
CA GLY D 299 22.00 10.09 35.06
C GLY D 299 21.29 10.86 36.15
N ASN D 300 20.78 10.15 37.16
CA ASN D 300 20.17 10.82 38.31
C ASN D 300 21.19 11.70 39.04
N GLU D 301 22.47 11.35 38.97
CA GLU D 301 23.52 12.19 39.52
C GLU D 301 24.09 13.16 38.48
N LEU D 302 23.96 12.83 37.20
CA LEU D 302 24.35 13.76 36.15
C LEU D 302 23.42 14.97 36.13
N ALA D 303 22.17 14.79 36.59
CA ALA D 303 21.23 15.89 36.70
C ALA D 303 21.75 16.93 37.68
N ALA D 304 22.54 16.48 38.66
CA ALA D 304 23.20 17.39 39.60
C ALA D 304 24.37 18.13 38.98
N ILE D 305 25.18 17.47 38.16
CA ILE D 305 26.28 18.14 37.48
C ILE D 305 25.74 19.19 36.52
N GLU D 306 24.66 18.85 35.81
CA GLU D 306 24.02 19.82 34.93
C GLU D 306 23.53 21.04 35.70
N SER D 307 22.91 20.80 36.86
CA SER D 307 22.42 21.92 37.68
C SER D 307 23.57 22.78 38.17
N GLU D 308 24.66 22.15 38.61
CA GLU D 308 25.83 22.88 39.08
C GLU D 308 26.43 23.74 37.97
N TRP D 309 26.56 23.17 36.77
CA TRP D 309 27.07 23.94 35.65
C TRP D 309 26.13 25.09 35.29
N THR D 310 24.82 24.84 35.29
CA THR D 310 23.85 25.87 34.95
C THR D 310 23.91 27.02 35.95
N LYS D 311 24.07 26.72 37.24
CA LYS D 311 24.22 27.77 38.23
C LYS D 311 25.55 28.50 38.09
N LYS D 312 26.61 27.77 37.72
CA LYS D 312 27.93 28.40 37.60
C LYS D 312 27.96 29.44 36.49
N ALA D 313 27.36 29.14 35.34
CA ALA D 313 27.35 30.05 34.19
C ALA D 313 25.97 30.67 34.06
N GLY D 314 25.89 31.99 34.17
CA GLY D 314 24.61 32.66 34.05
C GLY D 314 24.07 32.60 32.64
N LEU D 315 23.03 31.80 32.44
CA LEU D 315 22.44 31.62 31.12
C LEU D 315 21.47 32.77 30.87
N LYS D 316 21.91 33.73 30.07
CA LYS D 316 21.14 34.93 29.80
C LYS D 316 21.21 35.26 28.32
N LEU D 317 20.22 36.00 27.85
CA LEU D 317 20.31 36.57 26.51
C LEU D 317 21.30 37.72 26.51
N PHE D 318 21.85 38.02 25.33
CA PHE D 318 22.90 39.03 25.24
C PHE D 318 22.39 40.40 25.67
N HIS D 319 21.17 40.77 25.26
CA HIS D 319 20.59 42.02 25.72
C HIS D 319 20.38 42.00 27.23
N GLU D 320 19.94 40.85 27.77
CA GLU D 320 19.83 40.71 29.21
C GLU D 320 21.20 40.83 29.89
N ALA D 321 22.23 40.26 29.27
CA ALA D 321 23.57 40.33 29.83
C ALA D 321 24.07 41.77 29.89
N VAL D 322 23.89 42.52 28.80
CA VAL D 322 24.36 43.90 28.78
C VAL D 322 23.51 44.78 29.68
N ILE D 323 22.22 44.43 29.86
CA ILE D 323 21.38 45.20 30.79
C ILE D 323 21.84 44.97 32.23
N ASP D 324 22.07 43.71 32.60
CA ASP D 324 22.50 43.43 33.97
C ASP D 324 23.93 43.85 34.24
N GLU D 325 24.74 44.02 33.20
CA GLU D 325 26.09 44.55 33.37
C GLU D 325 26.13 46.07 33.40
N ILE D 326 25.27 46.72 32.62
CA ILE D 326 25.26 48.19 32.59
C ILE D 326 24.67 48.78 33.87
N LYS D 327 23.91 48.00 34.64
CA LYS D 327 23.44 48.45 35.94
C LYS D 327 24.57 48.57 36.94
N ASN D 328 25.73 47.99 36.67
CA ASN D 328 26.88 48.05 37.56
C ASN D 328 27.84 49.10 37.01
N GLY D 329 27.61 50.36 37.40
CA GLY D 329 28.46 51.45 36.95
C GLY D 329 27.72 52.45 36.09
N ASN D 330 27.47 53.64 36.65
CA ASN D 330 26.79 54.69 35.90
C ASN D 330 27.68 55.22 34.78
N TYR D 331 27.04 55.61 33.68
CA TYR D 331 27.76 56.15 32.54
C TYR D 331 27.27 57.55 32.19
N LYS D 334 22.26 56.84 32.45
CA LYS D 334 21.71 55.50 32.62
C LYS D 334 20.55 55.25 31.67
N ASP D 335 19.52 56.08 31.77
CA ASP D 335 18.30 55.86 31.01
C ASP D 335 18.54 55.99 29.50
N ALA D 336 19.34 56.99 29.09
CA ALA D 336 19.45 57.31 27.67
C ALA D 336 20.10 56.17 26.88
N LEU D 337 21.25 55.68 27.35
CA LEU D 337 21.97 54.67 26.58
C LEU D 337 21.26 53.33 26.63
N ILE D 338 20.67 52.97 27.77
CA ILE D 338 19.89 51.74 27.85
C ILE D 338 18.70 51.82 26.91
N LYS D 339 18.01 52.96 26.89
CA LYS D 339 16.85 53.11 26.02
C LYS D 339 17.25 53.03 24.55
N LYS D 340 18.35 53.67 24.17
CA LYS D 340 18.76 53.63 22.77
C LYS D 340 19.22 52.24 22.36
N PHE D 341 19.89 51.52 23.28
CA PHE D 341 20.27 50.14 22.99
C PHE D 341 19.04 49.26 22.81
N THR D 342 18.05 49.41 23.68
CA THR D 342 16.83 48.62 23.56
C THR D 342 16.09 48.95 22.27
N ASP D 343 16.06 50.22 21.89
CA ASP D 343 15.43 50.61 20.64
C ASP D 343 16.16 50.02 19.43
N LYS D 344 17.50 50.01 19.46
CA LYS D 344 18.26 49.46 18.35
C LYS D 344 18.47 47.96 18.43
N VAL D 345 18.35 47.36 19.62
CA VAL D 345 18.49 45.92 19.81
C VAL D 345 17.22 45.46 20.52
N ASN D 346 16.25 45.01 19.74
CA ASN D 346 14.96 44.54 20.22
C ASN D 346 14.60 43.26 19.50
N PRO D 347 13.65 42.48 20.04
CA PRO D 347 13.30 41.20 19.37
C PRO D 347 12.85 41.36 17.94
N LEU D 348 12.26 42.49 17.58
CA LEU D 348 11.76 42.72 16.22
C LEU D 348 12.70 43.59 15.39
N SER D 349 14.00 43.55 15.68
CA SER D 349 14.98 44.35 14.96
C SER D 349 15.85 43.55 14.01
N HIS D 350 15.85 42.22 14.09
CA HIS D 350 16.64 41.36 13.21
C HIS D 350 18.12 41.73 13.26
N THR D 351 18.62 42.03 14.45
CA THR D 351 20.00 42.48 14.62
C THR D 351 20.90 41.27 14.89
N SER D 352 21.97 41.17 14.11
CA SER D 352 22.95 40.11 14.32
C SER D 352 23.68 40.32 15.65
N HIS D 353 24.20 39.21 16.20
CA HIS D 353 24.88 39.30 17.47
C HIS D 353 26.15 40.13 17.40
N LYS D 354 26.85 40.10 16.26
CA LYS D 354 28.03 40.94 16.09
C LYS D 354 27.65 42.42 16.13
N GLU D 355 26.56 42.79 15.48
CA GLU D 355 26.12 44.19 15.53
C GLU D 355 25.71 44.59 16.93
N ALA D 356 25.05 43.68 17.67
CA ALA D 356 24.68 43.97 19.05
C ALA D 356 25.92 44.16 19.92
N LYS D 357 26.93 43.31 19.74
CA LYS D 357 28.18 43.47 20.49
C LYS D 357 28.86 44.78 20.14
N LYS D 358 28.84 45.17 18.86
CA LYS D 358 29.43 46.43 18.44
C LYS D 358 28.71 47.61 19.10
N LEU D 359 27.38 47.57 19.12
CA LEU D 359 26.62 48.65 19.75
C LEU D 359 26.90 48.70 21.25
N ALA D 360 26.97 47.54 21.91
CA ALA D 360 27.28 47.51 23.33
C ALA D 360 28.67 48.07 23.61
N LYS D 361 29.65 47.73 22.77
CA LYS D 361 31.00 48.27 22.93
C LYS D 361 31.00 49.78 22.73
N GLU D 362 30.22 50.28 21.76
CA GLU D 362 30.13 51.72 21.55
C GLU D 362 29.48 52.41 22.74
N LEU D 363 28.51 51.75 23.37
CA LEU D 363 27.76 52.35 24.48
C LEU D 363 28.41 52.07 25.83
N THR D 364 28.51 50.79 26.19
CA THR D 364 29.08 50.43 27.49
C THR D 364 30.58 50.72 27.55
N GLY D 365 31.30 50.43 26.46
CA GLY D 365 32.72 50.65 26.41
C GLY D 365 33.58 49.41 26.63
N LYS D 366 32.96 48.24 26.82
CA LYS D 366 33.70 47.01 27.06
C LYS D 366 33.09 45.90 26.23
N ASP D 367 33.91 44.88 25.95
CA ASP D 367 33.46 43.70 25.22
C ASP D 367 32.78 42.76 26.22
N ILE D 368 31.46 42.70 26.16
CA ILE D 368 30.71 41.82 27.05
C ILE D 368 30.90 40.38 26.63
N TYR D 369 31.37 39.54 27.55
CA TYR D 369 31.57 38.14 27.23
C TYR D 369 30.23 37.44 27.03
N PHE D 370 30.13 36.67 25.94
CA PHE D 370 28.90 35.95 25.64
C PHE D 370 29.26 34.77 24.74
N ASN D 371 29.20 33.56 25.29
CA ASN D 371 29.54 32.34 24.57
C ASN D 371 28.34 31.41 24.61
N TRP D 372 27.68 31.24 23.46
CA TRP D 372 26.54 30.35 23.35
C TRP D 372 26.93 28.94 22.90
N ASP D 373 28.21 28.71 22.59
CA ASP D 373 28.66 27.38 22.20
C ASP D 373 28.78 26.44 23.39
N VAL D 374 29.19 26.96 24.56
CA VAL D 374 29.34 26.11 25.74
C VAL D 374 27.98 25.67 26.30
N ALA D 375 26.90 26.35 25.91
CA ALA D 375 25.56 26.02 26.37
C ALA D 375 24.84 25.04 25.46
N ARG D 376 25.49 24.55 24.41
CA ARG D 376 24.85 23.64 23.48
C ARG D 376 24.52 22.31 24.15
N ALA D 377 23.50 21.63 23.61
CA ALA D 377 23.10 20.33 24.10
C ALA D 377 24.10 19.27 23.66
N ARG D 378 23.81 18.01 24.01
CA ARG D 378 24.70 16.92 23.65
C ARG D 378 24.78 16.75 22.14
N GLU D 379 23.67 16.93 21.44
CA GLU D 379 23.61 16.79 19.99
C GLU D 379 23.97 18.06 19.25
N GLY D 380 24.29 19.14 19.96
CA GLY D 380 24.71 20.37 19.33
C GLY D 380 23.65 21.45 19.19
N TYR D 381 22.48 21.26 19.77
CA TYR D 381 21.43 22.27 19.67
C TYR D 381 21.72 23.42 20.62
N TYR D 382 21.66 24.65 20.08
CA TYR D 382 21.90 25.83 20.89
C TYR D 382 20.70 26.13 21.78
N ARG D 383 20.97 26.63 22.98
CA ARG D 383 19.90 27.05 23.86
C ARG D 383 19.17 28.25 23.29
N TYR D 384 17.85 28.20 23.30
CA TYR D 384 17.01 29.22 22.68
C TYR D 384 15.99 29.72 23.68
N GLN D 385 15.78 31.04 23.69
CA GLN D 385 14.82 31.62 24.62
C GLN D 385 13.39 31.48 24.11
N GLY D 386 13.11 32.07 22.96
CA GLY D 386 11.76 31.99 22.41
C GLY D 386 10.89 33.10 22.94
N GLY D 387 9.70 32.73 23.44
CA GLY D 387 8.76 33.68 23.96
C GLY D 387 7.77 34.15 22.91
N THR D 388 6.94 35.11 23.32
CA THR D 388 5.90 35.61 22.43
C THR D 388 6.49 36.55 21.38
N GLN D 389 7.51 37.34 21.74
CA GLN D 389 8.10 38.26 20.77
C GLN D 389 8.84 37.51 19.68
N CYS D 390 9.49 36.39 20.02
CA CYS D 390 10.09 35.54 19.00
C CYS D 390 9.03 34.98 18.07
N ALA D 391 7.87 34.60 18.62
CA ALA D 391 6.77 34.15 17.79
C ALA D 391 6.28 35.25 16.86
N VAL D 392 6.22 36.49 17.37
CA VAL D 392 5.80 37.61 16.53
C VAL D 392 6.79 37.83 15.39
N MET D 393 8.09 37.79 15.70
CA MET D 393 9.10 37.95 14.67
C MET D 393 9.00 36.85 13.62
N ARG D 394 8.85 35.60 14.07
CA ARG D 394 8.75 34.49 13.12
C ARG D 394 7.49 34.60 12.28
N GLY D 395 6.37 34.99 12.88
CA GLY D 395 5.15 35.16 12.11
C GLY D 395 5.26 36.28 11.09
N ARG D 396 5.91 37.38 11.46
CA ARG D 396 6.13 38.46 10.51
C ARG D 396 7.00 38.00 9.35
N ALA D 397 8.04 37.20 9.65
CA ALA D 397 8.91 36.71 8.59
C ALA D 397 8.18 35.71 7.69
N PHE D 398 7.30 34.89 8.27
CA PHE D 398 6.58 33.87 7.50
C PHE D 398 5.36 34.41 6.78
N ALA D 399 4.89 35.61 7.13
CA ALA D 399 3.68 36.15 6.50
C ALA D 399 3.76 36.26 4.98
N PRO D 400 4.85 36.73 4.36
CA PRO D 400 4.85 36.83 2.89
C PRO D 400 4.72 35.49 2.18
N TYR D 401 5.01 34.38 2.86
CA TYR D 401 5.07 33.08 2.23
C TYR D 401 3.96 32.13 2.67
N ALA D 402 3.11 32.54 3.61
CA ALA D 402 2.06 31.69 4.12
C ALA D 402 0.75 32.45 4.16
N ASP D 403 -0.33 31.78 3.74
CA ASP D 403 -1.66 32.39 3.80
C ASP D 403 -2.14 32.50 5.24
N LEU D 404 -1.87 31.48 6.05
CA LEU D 404 -2.27 31.45 7.45
C LEU D 404 -1.03 31.40 8.33
N ILE D 405 -1.00 32.24 9.36
CA ILE D 405 0.06 32.23 10.36
C ILE D 405 -0.52 31.64 11.63
N TRP D 406 0.09 30.56 12.11
CA TRP D 406 -0.45 29.77 13.21
C TRP D 406 0.47 29.90 14.42
N MET D 407 -0.10 30.24 15.56
CA MET D 407 0.62 30.37 16.82
C MET D 407 0.13 29.32 17.79
N GLU D 408 1.06 28.58 18.39
CA GLU D 408 0.75 27.58 19.39
C GLU D 408 0.83 28.19 20.78
N SER D 409 0.04 27.66 21.70
CA SER D 409 0.01 28.14 23.08
C SER D 409 -0.02 26.95 24.03
N ALA D 410 0.87 26.96 25.03
CA ALA D 410 0.84 25.94 26.05
C ALA D 410 -0.43 26.04 26.90
N LEU D 411 -0.82 27.26 27.25
CA LEU D 411 -2.03 27.51 28.03
C LEU D 411 -2.80 28.66 27.42
N PRO D 412 -4.13 28.69 27.62
CA PRO D 412 -4.92 29.80 27.07
C PRO D 412 -4.69 31.11 27.80
N ASP D 413 -4.08 32.08 27.12
CA ASP D 413 -3.83 33.40 27.66
C ASP D 413 -4.27 34.43 26.64
N TYR D 414 -5.24 35.27 27.01
CA TYR D 414 -5.76 36.26 26.07
C TYR D 414 -4.73 37.32 25.75
N ALA D 415 -3.91 37.71 26.74
CA ALA D 415 -2.90 38.74 26.50
C ALA D 415 -1.87 38.31 25.47
N GLN D 416 -1.41 37.06 25.56
CA GLN D 416 -0.41 36.56 24.63
C GLN D 416 -0.95 36.54 23.20
N ALA D 417 -2.17 36.04 23.02
CA ALA D 417 -2.80 36.04 21.70
C ALA D 417 -3.00 37.47 21.20
N LYS D 418 -3.41 38.37 22.09
CA LYS D 418 -3.62 39.76 21.70
C LYS D 418 -2.33 40.40 21.20
N GLU D 419 -1.23 40.19 21.93
CA GLU D 419 0.02 40.83 21.53
C GLU D 419 0.59 40.19 20.27
N PHE D 420 0.46 38.87 20.11
CA PHE D 420 0.89 38.23 18.87
C PHE D 420 0.10 38.76 17.68
N ALA D 421 -1.22 38.85 17.81
CA ALA D 421 -2.06 39.35 16.73
C ALA D 421 -1.72 40.80 16.42
N ASP D 422 -1.52 41.63 17.46
CA ASP D 422 -1.19 43.02 17.23
C ASP D 422 0.14 43.17 16.49
N GLY D 423 1.16 42.41 16.89
CA GLY D 423 2.44 42.50 16.20
C GLY D 423 2.34 42.06 14.75
N VAL D 424 1.70 40.91 14.51
CA VAL D 424 1.63 40.38 13.15
C VAL D 424 0.82 41.29 12.25
N LYS D 425 -0.31 41.80 12.75
CA LYS D 425 -1.15 42.69 11.94
C LYS D 425 -0.64 44.13 11.93
N ALA D 426 0.34 44.47 12.75
CA ALA D 426 1.02 45.75 12.60
C ALA D 426 2.10 45.67 11.54
N ALA D 427 2.78 44.53 11.42
CA ALA D 427 3.71 44.34 10.32
C ALA D 427 2.97 44.13 9.00
N VAL D 428 2.18 43.07 8.92
CA VAL D 428 1.37 42.76 7.74
C VAL D 428 -0.09 42.87 8.14
N PRO D 429 -0.79 43.94 7.73
CA PRO D 429 -2.16 44.16 8.21
C PRO D 429 -3.14 43.06 7.83
N ASP D 430 -3.17 42.70 6.55
CA ASP D 430 -4.14 41.73 6.04
C ASP D 430 -3.58 40.31 6.08
N GLN D 431 -3.10 39.88 7.25
CA GLN D 431 -2.56 38.54 7.43
C GLN D 431 -3.53 37.72 8.28
N TRP D 432 -4.00 36.61 7.72
CA TRP D 432 -4.87 35.71 8.45
C TRP D 432 -4.08 34.97 9.53
N LEU D 433 -4.74 34.72 10.65
CA LEU D 433 -4.10 34.11 11.81
C LEU D 433 -4.87 32.87 12.24
N ALA D 434 -4.15 31.92 12.80
CA ALA D 434 -4.72 30.69 13.32
C ALA D 434 -4.25 30.47 14.75
N TYR D 435 -5.12 29.87 15.56
CA TYR D 435 -4.85 29.69 16.98
C TYR D 435 -5.25 28.29 17.40
N ASN D 436 -4.47 27.69 18.31
CA ASN D 436 -4.79 26.40 18.88
C ASN D 436 -4.08 26.27 20.22
N LEU D 437 -4.54 25.31 21.03
CA LEU D 437 -3.99 25.06 22.34
C LEU D 437 -3.40 23.66 22.40
N SER D 438 -2.34 23.52 23.18
CA SER D 438 -1.67 22.23 23.30
C SER D 438 -2.59 21.21 23.99
N PRO D 439 -2.54 19.93 23.60
CA PRO D 439 -3.35 18.88 24.21
C PRO D 439 -2.62 18.14 25.32
N ALA D 449 -14.47 24.56 30.43
CA ALA D 449 -15.34 25.60 30.96
C ALA D 449 -16.44 25.96 29.97
N ASP D 450 -17.20 27.00 30.30
CA ASP D 450 -18.30 27.45 29.46
C ASP D 450 -18.04 28.80 28.79
N GLU D 451 -17.07 29.57 29.27
CA GLU D 451 -16.73 30.85 28.69
C GLU D 451 -15.81 30.73 27.48
N GLN D 452 -15.72 29.54 26.89
CA GLN D 452 -14.88 29.37 25.70
C GLN D 452 -15.48 30.06 24.48
N GLU D 453 -16.81 30.21 24.45
CA GLU D 453 -17.46 30.83 23.30
C GLU D 453 -17.05 32.30 23.16
N THR D 454 -17.12 33.06 24.26
CA THR D 454 -16.75 34.46 24.19
C THR D 454 -15.25 34.64 23.97
N TYR D 455 -14.44 33.73 24.51
CA TYR D 455 -13.00 33.78 24.25
C TYR D 455 -12.71 33.55 22.76
N ILE D 456 -13.40 32.59 22.15
CA ILE D 456 -13.24 32.34 20.73
C ILE D 456 -13.71 33.55 19.91
N LYS D 457 -14.81 34.16 20.32
CA LYS D 457 -15.30 35.35 19.62
C LYS D 457 -14.29 36.50 19.72
N ARG D 458 -13.71 36.70 20.90
CA ARG D 458 -12.70 37.74 21.07
C ARG D 458 -11.47 37.46 20.21
N LEU D 459 -11.02 36.20 20.18
CA LEU D 459 -9.88 35.85 19.36
C LEU D 459 -10.18 36.07 17.88
N GLY D 460 -11.40 35.77 17.45
CA GLY D 460 -11.79 36.06 16.07
C GLY D 460 -11.78 37.54 15.78
N LYS D 461 -12.24 38.35 16.73
CA LYS D 461 -12.18 39.80 16.56
C LYS D 461 -10.75 40.30 16.53
N LEU D 462 -9.83 39.59 17.19
CA LEU D 462 -8.42 39.95 17.12
C LEU D 462 -7.86 39.81 15.72
N GLY D 463 -8.27 38.75 15.00
CA GLY D 463 -7.77 38.48 13.67
C GLY D 463 -7.57 37.02 13.39
N TYR D 464 -7.84 36.18 14.40
CA TYR D 464 -7.73 34.73 14.24
C TYR D 464 -8.98 34.22 13.55
N VAL D 465 -8.82 33.72 12.33
CA VAL D 465 -9.96 33.28 11.52
C VAL D 465 -10.00 31.76 11.37
N TRP D 466 -9.20 31.04 12.15
CA TRP D 466 -9.13 29.59 12.00
C TRP D 466 -8.64 29.01 13.33
N GLN D 467 -9.54 28.37 14.07
CA GLN D 467 -9.22 27.86 15.39
C GLN D 467 -9.77 26.44 15.54
N PHE D 468 -9.12 25.66 16.39
CA PHE D 468 -9.59 24.32 16.75
C PHE D 468 -8.90 23.81 18.00
#